data_1R15
#
_entry.id   1R15
#
_cell.length_a   60.400
_cell.length_b   75.320
_cell.length_c   138.130
_cell.angle_alpha   88.16
_cell.angle_beta   89.22
_cell.angle_gamma   89.09
#
_symmetry.space_group_name_H-M   'P 1'
#
loop_
_entity.id
_entity.type
_entity.pdbx_description
1 polymer 'ADP-ribosyl cyclase'
2 non-polymer "ANY 5'-MONOPHOSPHATE NUCLEOTIDE"
3 non-polymer NICOTINAMIDE
#
_entity_poly.entity_id   1
_entity_poly.type   'polypeptide(L)'
_entity_poly.pdbx_seq_one_letter_code
;IVPTRELENVFLGRCKDYEITRYLDILPRVRSDCSALWKDFFKAFSFKNPCDLDLGSYKDFFTSAQQQLPKNKVMFWSGV
YDEAHDYANTGRKYITLEDTLPGYMLNSLVWCGQRANPGFNEKVCPDFKTCPVQARESFWGMASSSYAHSAEGEVTYMVD
GSNPKVPAYRPDSFFGKYELPNLTNKVTRVKVIVLHRLGEKIIEKCGAGSLLDLEKLVKAKHFAFDCVENPRAVLFLLCS
DNPNARECRLAKRFYRIA
;
_entity_poly.pdbx_strand_id   A,B,C,D,E,F,G,H
#
# COMPACT_ATOMS: atom_id res chain seq x y z
N ILE A 1 -27.43 -37.52 -1.10
CA ILE A 1 -26.55 -37.92 -2.27
C ILE A 1 -25.07 -37.79 -1.91
N VAL A 2 -24.26 -38.78 -2.27
CA VAL A 2 -22.84 -38.74 -1.95
C VAL A 2 -21.93 -38.20 -3.05
N PRO A 3 -21.08 -37.23 -2.71
CA PRO A 3 -20.15 -36.61 -3.67
C PRO A 3 -19.06 -37.55 -4.19
N THR A 4 -18.60 -37.27 -5.40
CA THR A 4 -17.57 -38.02 -6.06
C THR A 4 -16.26 -37.87 -5.29
N ARG A 5 -15.54 -38.97 -5.06
CA ARG A 5 -14.27 -38.89 -4.33
C ARG A 5 -13.18 -38.27 -5.18
N GLU A 6 -12.22 -37.65 -4.53
CA GLU A 6 -11.11 -37.00 -5.20
C GLU A 6 -11.51 -36.23 -6.43
N LEU A 7 -12.56 -35.42 -6.30
CA LEU A 7 -13.06 -34.60 -7.38
C LEU A 7 -11.91 -34.01 -8.21
N GLU A 8 -11.01 -33.28 -7.56
CA GLU A 8 -9.85 -32.66 -8.19
C GLU A 8 -9.16 -33.62 -9.16
N ASN A 9 -8.69 -34.74 -8.61
CA ASN A 9 -8.00 -35.74 -9.44
C ASN A 9 -8.84 -36.29 -10.58
N VAL A 10 -10.07 -36.69 -10.27
CA VAL A 10 -10.96 -37.22 -11.32
C VAL A 10 -11.08 -36.13 -12.43
N PHE A 11 -11.36 -34.91 -12.02
CA PHE A 11 -11.49 -33.83 -12.99
C PHE A 11 -10.22 -33.70 -13.85
N LEU A 12 -9.08 -33.50 -13.19
CA LEU A 12 -7.81 -33.35 -13.90
C LEU A 12 -7.47 -34.58 -14.73
N GLY A 13 -7.75 -35.75 -14.18
CA GLY A 13 -7.44 -36.96 -14.92
C GLY A 13 -8.27 -37.03 -16.18
N ARG A 14 -9.57 -36.86 -16.03
CA ARG A 14 -10.46 -36.90 -17.17
C ARG A 14 -10.09 -35.80 -18.15
N CYS A 15 -9.69 -34.66 -17.61
CA CYS A 15 -9.33 -33.57 -18.48
C CYS A 15 -8.13 -33.93 -19.34
N LYS A 16 -7.07 -34.37 -18.70
CA LYS A 16 -5.85 -34.73 -19.41
C LYS A 16 -6.09 -35.84 -20.43
N ASP A 17 -6.83 -36.86 -20.01
CA ASP A 17 -7.14 -37.98 -20.89
C ASP A 17 -7.81 -37.46 -22.15
N TYR A 18 -8.71 -36.50 -21.97
CA TYR A 18 -9.45 -35.92 -23.07
C TYR A 18 -8.52 -35.16 -23.96
N GLU A 19 -7.86 -34.18 -23.37
CA GLU A 19 -6.90 -33.37 -24.08
C GLU A 19 -6.07 -34.15 -25.03
N ILE A 20 -5.30 -35.08 -24.48
CA ILE A 20 -4.37 -35.88 -25.28
C ILE A 20 -4.92 -36.96 -26.16
N THR A 21 -6.05 -37.56 -25.79
CA THR A 21 -6.53 -38.71 -26.57
C THR A 21 -7.99 -38.90 -26.94
N ARG A 22 -8.89 -38.03 -26.52
CA ARG A 22 -10.28 -38.38 -26.77
C ARG A 22 -11.09 -38.21 -28.02
N TYR A 23 -11.25 -37.00 -28.50
CA TYR A 23 -12.01 -36.90 -29.74
C TYR A 23 -11.13 -36.17 -30.69
N LEU A 24 -9.88 -36.56 -30.68
CA LEU A 24 -8.89 -35.93 -31.51
C LEU A 24 -9.41 -35.55 -32.88
N ASP A 25 -10.15 -36.44 -33.52
CA ASP A 25 -10.62 -36.09 -34.84
C ASP A 25 -11.98 -35.42 -34.93
N ILE A 26 -12.80 -35.55 -33.89
CA ILE A 26 -14.12 -34.98 -33.95
C ILE A 26 -14.22 -33.57 -33.37
N LEU A 27 -13.54 -33.33 -32.27
CA LEU A 27 -13.58 -32.03 -31.62
C LEU A 27 -12.24 -31.38 -31.43
N PRO A 28 -12.20 -30.06 -31.47
CA PRO A 28 -10.98 -29.26 -31.31
C PRO A 28 -10.48 -29.36 -29.90
N ARG A 29 -9.20 -29.15 -29.68
CA ARG A 29 -8.68 -29.17 -28.32
C ARG A 29 -9.00 -27.79 -27.76
N VAL A 30 -9.12 -27.70 -26.44
CA VAL A 30 -9.41 -26.40 -25.85
C VAL A 30 -8.08 -25.72 -25.58
N ARG A 31 -8.11 -24.41 -25.56
CA ARG A 31 -6.92 -23.61 -25.37
C ARG A 31 -6.33 -23.61 -23.97
N SER A 32 -7.18 -23.50 -22.96
CA SER A 32 -6.74 -23.48 -21.56
C SER A 32 -6.23 -24.85 -21.11
N ASP A 33 -5.30 -24.87 -20.18
CA ASP A 33 -4.78 -26.13 -19.70
C ASP A 33 -5.67 -26.57 -18.54
N CYS A 34 -5.52 -27.83 -18.14
CA CYS A 34 -6.34 -28.41 -17.10
C CYS A 34 -6.35 -27.69 -15.77
N SER A 35 -5.19 -27.26 -15.30
CA SER A 35 -5.13 -26.54 -14.03
C SER A 35 -5.99 -25.28 -14.10
N ALA A 36 -5.91 -24.60 -15.24
CA ALA A 36 -6.69 -23.38 -15.46
C ALA A 36 -8.17 -23.74 -15.47
N LEU A 37 -8.54 -24.81 -16.17
CA LEU A 37 -9.94 -25.23 -16.20
C LEU A 37 -10.40 -25.61 -14.79
N TRP A 38 -9.52 -26.22 -14.00
CA TRP A 38 -9.92 -26.58 -12.67
C TRP A 38 -10.23 -25.33 -11.87
N LYS A 39 -9.34 -24.34 -11.89
CA LYS A 39 -9.59 -23.10 -11.16
C LYS A 39 -10.92 -22.49 -11.53
N ASP A 40 -11.20 -22.36 -12.83
CA ASP A 40 -12.47 -21.77 -13.25
C ASP A 40 -13.65 -22.58 -12.73
N PHE A 41 -13.51 -23.88 -12.72
CA PHE A 41 -14.56 -24.78 -12.25
C PHE A 41 -14.72 -24.72 -10.75
N PHE A 42 -13.61 -24.64 -10.03
CA PHE A 42 -13.66 -24.62 -8.59
C PHE A 42 -14.25 -23.32 -8.05
N LYS A 43 -13.72 -22.18 -8.49
CA LYS A 43 -14.21 -20.90 -7.97
C LYS A 43 -15.72 -20.77 -8.10
N ALA A 44 -16.27 -21.44 -9.10
CA ALA A 44 -17.70 -21.39 -9.35
C ALA A 44 -18.56 -21.82 -8.16
N PHE A 45 -18.12 -22.82 -7.40
CA PHE A 45 -18.95 -23.28 -6.30
C PHE A 45 -18.24 -23.37 -4.97
N SER A 46 -16.91 -23.24 -4.96
CA SER A 46 -16.16 -23.37 -3.71
C SER A 46 -16.39 -22.23 -2.73
N PHE A 47 -16.42 -22.59 -1.44
CA PHE A 47 -16.60 -21.66 -0.33
C PHE A 47 -17.93 -20.94 -0.32
N LYS A 48 -18.87 -21.40 -1.12
CA LYS A 48 -20.21 -20.84 -1.16
C LYS A 48 -21.04 -21.96 -0.57
N ASN A 49 -22.31 -21.72 -0.27
CA ASN A 49 -23.16 -22.78 0.28
C ASN A 49 -23.60 -23.64 -0.88
N PRO A 50 -23.81 -24.93 -0.63
CA PRO A 50 -24.23 -25.79 -1.73
C PRO A 50 -25.31 -25.21 -2.63
N CYS A 51 -26.28 -24.51 -2.06
CA CYS A 51 -27.36 -23.96 -2.88
C CYS A 51 -27.12 -22.55 -3.37
N ASP A 52 -25.89 -22.10 -3.26
CA ASP A 52 -25.52 -20.74 -3.63
C ASP A 52 -24.96 -20.58 -5.04
N LEU A 53 -25.76 -20.89 -6.05
CA LEU A 53 -25.26 -20.78 -7.43
C LEU A 53 -26.37 -20.34 -8.36
N ASP A 54 -25.99 -19.84 -9.53
CA ASP A 54 -26.93 -19.39 -10.54
C ASP A 54 -26.30 -19.65 -11.90
N LEU A 55 -27.08 -19.45 -12.95
CA LEU A 55 -26.62 -19.66 -14.30
C LEU A 55 -25.26 -19.05 -14.61
N GLY A 56 -24.87 -18.04 -13.86
CA GLY A 56 -23.59 -17.42 -14.12
C GLY A 56 -22.39 -18.01 -13.40
N SER A 57 -22.61 -18.74 -12.31
CA SER A 57 -21.53 -19.33 -11.53
C SER A 57 -20.44 -20.01 -12.33
N TYR A 58 -20.81 -20.81 -13.33
CA TYR A 58 -19.80 -21.49 -14.13
C TYR A 58 -19.52 -20.81 -15.46
N LYS A 59 -19.92 -19.57 -15.59
CA LYS A 59 -19.72 -18.87 -16.83
C LYS A 59 -18.27 -18.89 -17.25
N ASP A 60 -17.37 -18.54 -16.35
CA ASP A 60 -15.97 -18.53 -16.72
C ASP A 60 -15.50 -19.91 -17.12
N PHE A 61 -15.87 -20.90 -16.33
CA PHE A 61 -15.48 -22.24 -16.67
C PHE A 61 -15.94 -22.59 -18.10
N PHE A 62 -17.22 -22.46 -18.38
CA PHE A 62 -17.71 -22.81 -19.70
C PHE A 62 -17.13 -22.02 -20.85
N THR A 63 -16.74 -20.79 -20.57
CA THR A 63 -16.12 -19.98 -21.60
C THR A 63 -14.77 -20.61 -21.97
N SER A 64 -14.00 -21.02 -20.96
CA SER A 64 -12.69 -21.65 -21.18
C SER A 64 -12.79 -23.04 -21.75
N ALA A 65 -13.86 -23.74 -21.42
CA ALA A 65 -14.04 -25.11 -21.85
C ALA A 65 -14.85 -25.31 -23.13
N GLN A 66 -15.41 -24.23 -23.67
CA GLN A 66 -16.24 -24.39 -24.87
C GLN A 66 -15.41 -24.62 -26.13
N GLN A 67 -15.70 -25.72 -26.83
CA GLN A 67 -14.97 -26.10 -28.03
C GLN A 67 -15.88 -25.79 -29.19
N GLN A 68 -15.32 -25.44 -30.35
CA GLN A 68 -16.17 -25.18 -31.51
C GLN A 68 -16.74 -26.51 -31.92
N LEU A 69 -18.04 -26.55 -32.23
CA LEU A 69 -18.70 -27.78 -32.65
C LEU A 69 -18.73 -27.96 -34.17
N PRO A 70 -18.53 -29.19 -34.64
CA PRO A 70 -18.55 -29.47 -36.09
C PRO A 70 -19.97 -29.31 -36.70
N LYS A 71 -20.07 -28.48 -37.75
CA LYS A 71 -21.34 -28.21 -38.41
C LYS A 71 -22.11 -29.48 -38.66
N ASN A 72 -23.36 -29.50 -38.22
CA ASN A 72 -24.24 -30.63 -38.47
C ASN A 72 -24.19 -31.84 -37.57
N LYS A 73 -23.20 -31.92 -36.69
CA LYS A 73 -23.16 -33.10 -35.84
C LYS A 73 -23.77 -32.87 -34.48
N VAL A 74 -24.15 -31.64 -34.14
CA VAL A 74 -24.65 -31.47 -32.79
C VAL A 74 -25.99 -32.14 -32.55
N MET A 75 -26.07 -32.89 -31.47
CA MET A 75 -27.30 -33.56 -31.09
C MET A 75 -27.72 -33.23 -29.68
N PHE A 76 -29.03 -33.08 -29.51
CA PHE A 76 -29.67 -32.77 -28.24
C PHE A 76 -30.64 -33.92 -28.02
N TRP A 77 -30.94 -34.22 -26.76
CA TRP A 77 -31.87 -35.30 -26.50
C TRP A 77 -32.67 -35.03 -25.24
N SER A 78 -33.80 -35.73 -25.10
CA SER A 78 -34.65 -35.60 -23.95
C SER A 78 -35.17 -36.95 -23.55
N GLY A 79 -34.93 -37.32 -22.29
CA GLY A 79 -35.44 -38.57 -21.76
C GLY A 79 -35.12 -39.82 -22.55
N VAL A 80 -34.01 -39.82 -23.27
CA VAL A 80 -33.62 -41.02 -24.03
C VAL A 80 -32.10 -41.10 -24.03
N TYR A 81 -31.49 -40.79 -22.90
CA TYR A 81 -30.04 -40.78 -22.79
C TYR A 81 -29.37 -41.96 -23.49
N ASP A 82 -29.68 -43.19 -23.06
CA ASP A 82 -29.04 -44.35 -23.67
C ASP A 82 -29.24 -44.44 -25.18
N GLU A 83 -30.48 -44.31 -25.64
CA GLU A 83 -30.70 -44.43 -27.07
C GLU A 83 -29.99 -43.32 -27.83
N ALA A 84 -30.06 -42.09 -27.33
CA ALA A 84 -29.42 -40.96 -28.02
C ALA A 84 -27.91 -41.18 -28.11
N HIS A 85 -27.28 -41.54 -27.00
CA HIS A 85 -25.84 -41.71 -27.09
C HIS A 85 -25.40 -42.88 -27.93
N ASP A 86 -26.16 -43.98 -27.91
CA ASP A 86 -25.79 -45.10 -28.73
C ASP A 86 -25.85 -44.67 -30.19
N TYR A 87 -26.90 -43.96 -30.56
CA TYR A 87 -27.05 -43.56 -31.93
C TYR A 87 -25.92 -42.58 -32.29
N ALA A 88 -25.65 -41.62 -31.39
CA ALA A 88 -24.58 -40.64 -31.63
C ALA A 88 -23.26 -41.37 -31.80
N ASN A 89 -23.17 -42.55 -31.20
CA ASN A 89 -21.99 -43.40 -31.30
C ASN A 89 -20.63 -42.74 -30.97
N THR A 90 -20.57 -42.07 -29.83
CA THR A 90 -19.34 -41.44 -29.40
C THR A 90 -18.73 -40.48 -30.41
N GLY A 91 -19.51 -39.46 -30.78
CA GLY A 91 -19.03 -38.49 -31.74
C GLY A 91 -18.90 -38.95 -33.16
N ARG A 92 -19.08 -40.23 -33.41
CA ARG A 92 -18.96 -40.71 -34.77
C ARG A 92 -20.06 -40.23 -35.70
N LYS A 93 -21.30 -40.28 -35.22
CA LYS A 93 -22.43 -39.84 -36.04
C LYS A 93 -22.83 -38.44 -35.62
N TYR A 94 -23.00 -38.24 -34.32
CA TYR A 94 -23.35 -36.92 -33.80
C TYR A 94 -22.58 -36.76 -32.53
N ILE A 95 -22.34 -35.54 -32.10
CA ILE A 95 -21.66 -35.40 -30.84
C ILE A 95 -22.75 -34.96 -29.87
N THR A 96 -22.57 -35.22 -28.60
CA THR A 96 -23.57 -34.82 -27.63
C THR A 96 -22.83 -34.03 -26.61
N LEU A 97 -23.57 -33.39 -25.70
CA LEU A 97 -22.91 -32.62 -24.67
C LEU A 97 -21.88 -33.50 -23.97
N GLU A 98 -22.31 -34.72 -23.69
CA GLU A 98 -21.49 -35.69 -23.00
C GLU A 98 -20.18 -35.98 -23.74
N ASP A 99 -20.13 -35.71 -25.03
CA ASP A 99 -18.89 -35.94 -25.82
C ASP A 99 -17.90 -34.75 -25.80
N THR A 100 -18.36 -33.58 -25.39
CA THR A 100 -17.52 -32.37 -25.32
C THR A 100 -16.73 -32.38 -24.03
N LEU A 101 -15.66 -31.60 -24.00
CA LEU A 101 -14.79 -31.53 -22.85
C LEU A 101 -15.52 -31.35 -21.50
N PRO A 102 -16.34 -30.30 -21.39
CA PRO A 102 -17.05 -30.07 -20.14
C PRO A 102 -17.94 -31.24 -19.77
N GLY A 103 -18.65 -31.77 -20.75
CA GLY A 103 -19.54 -32.87 -20.47
C GLY A 103 -18.84 -34.13 -20.07
N TYR A 104 -17.78 -34.42 -20.80
CA TYR A 104 -16.99 -35.61 -20.55
C TYR A 104 -16.38 -35.50 -19.19
N MET A 105 -15.90 -34.31 -18.83
CA MET A 105 -15.29 -34.18 -17.51
C MET A 105 -16.23 -34.38 -16.35
N LEU A 106 -17.34 -33.65 -16.34
CA LEU A 106 -18.25 -33.76 -15.22
C LEU A 106 -19.33 -34.80 -15.35
N ASN A 107 -19.38 -35.53 -16.47
CA ASN A 107 -20.45 -36.51 -16.60
C ASN A 107 -20.55 -37.46 -15.39
N SER A 108 -21.73 -37.48 -14.76
CA SER A 108 -21.98 -38.35 -13.62
C SER A 108 -21.32 -37.92 -12.31
N LEU A 109 -20.54 -36.86 -12.33
CA LEU A 109 -19.89 -36.52 -11.09
C LEU A 109 -20.86 -35.76 -10.17
N VAL A 110 -20.59 -35.85 -8.87
CA VAL A 110 -21.40 -35.22 -7.83
C VAL A 110 -20.47 -34.37 -6.96
N TRP A 111 -20.81 -33.09 -6.84
CA TRP A 111 -20.01 -32.19 -6.05
C TRP A 111 -20.85 -31.03 -5.61
N CYS A 112 -20.40 -30.34 -4.58
CA CYS A 112 -21.12 -29.17 -4.08
C CYS A 112 -20.20 -28.44 -3.15
N GLY A 113 -20.45 -27.15 -3.00
CA GLY A 113 -19.60 -26.39 -2.10
C GLY A 113 -20.08 -26.40 -0.66
N GLN A 114 -19.24 -25.83 0.18
CA GLN A 114 -19.52 -25.65 1.60
C GLN A 114 -18.66 -24.42 1.88
N ARG A 115 -19.04 -23.64 2.89
CA ARG A 115 -18.31 -22.43 3.18
C ARG A 115 -17.02 -22.70 3.96
N ALA A 116 -17.05 -23.72 4.80
CA ALA A 116 -15.88 -24.08 5.60
C ALA A 116 -14.77 -24.71 4.74
N ASN A 117 -13.51 -24.50 5.10
CA ASN A 117 -12.41 -25.11 4.36
C ASN A 117 -12.70 -26.60 4.35
N PRO A 118 -12.33 -27.31 3.28
CA PRO A 118 -11.65 -26.91 2.04
C PRO A 118 -12.45 -26.12 0.99
N GLY A 119 -13.73 -25.92 1.24
CA GLY A 119 -14.54 -25.17 0.30
C GLY A 119 -15.58 -26.00 -0.43
N PHE A 120 -15.54 -27.31 -0.23
CA PHE A 120 -16.52 -28.18 -0.87
C PHE A 120 -16.76 -29.34 0.05
N ASN A 121 -17.97 -29.90 -0.04
CA ASN A 121 -18.35 -31.00 0.81
C ASN A 121 -17.91 -32.30 0.21
N GLU A 122 -17.31 -33.14 1.04
CA GLU A 122 -16.85 -34.44 0.60
C GLU A 122 -17.58 -35.54 1.31
N LYS A 123 -18.52 -35.18 2.18
CA LYS A 123 -19.29 -36.18 2.88
C LYS A 123 -20.65 -36.33 2.23
N VAL A 124 -21.29 -35.20 1.98
CA VAL A 124 -22.62 -35.22 1.42
C VAL A 124 -22.96 -33.98 0.64
N CYS A 125 -23.90 -34.13 -0.28
CA CYS A 125 -24.43 -33.03 -1.09
C CYS A 125 -25.95 -33.02 -0.96
N PRO A 126 -26.54 -31.82 -1.01
CA PRO A 126 -27.99 -31.65 -0.89
C PRO A 126 -28.69 -32.32 -2.04
N ASP A 127 -29.95 -32.65 -1.80
CA ASP A 127 -30.74 -33.28 -2.83
C ASP A 127 -31.19 -32.23 -3.86
N PHE A 128 -31.32 -32.68 -5.10
CA PHE A 128 -31.76 -31.86 -6.25
C PHE A 128 -32.79 -30.82 -5.73
N LYS A 129 -33.99 -31.34 -5.44
CA LYS A 129 -35.14 -30.58 -4.95
C LYS A 129 -34.91 -29.57 -3.82
N THR A 130 -33.82 -29.70 -3.06
CA THR A 130 -33.58 -28.79 -1.96
C THR A 130 -33.22 -27.37 -2.38
N CYS A 131 -32.49 -27.27 -3.48
CA CYS A 131 -32.04 -25.96 -3.94
C CYS A 131 -32.92 -25.27 -4.98
N PRO A 132 -32.80 -23.94 -5.08
CA PRO A 132 -33.60 -23.23 -6.07
C PRO A 132 -33.11 -23.70 -7.47
N VAL A 133 -33.97 -23.67 -8.48
CA VAL A 133 -33.54 -24.13 -9.80
C VAL A 133 -32.27 -23.52 -10.33
N GLN A 134 -32.16 -22.20 -10.30
CA GLN A 134 -30.97 -21.55 -10.82
C GLN A 134 -29.66 -22.10 -10.24
N ALA A 135 -29.72 -22.69 -9.04
CA ALA A 135 -28.51 -23.26 -8.42
C ALA A 135 -28.46 -24.72 -8.83
N ARG A 136 -29.60 -25.39 -8.68
CA ARG A 136 -29.77 -26.80 -9.01
C ARG A 136 -29.34 -27.13 -10.44
N GLU A 137 -29.66 -26.25 -11.37
CA GLU A 137 -29.33 -26.47 -12.76
C GLU A 137 -28.24 -25.52 -13.22
N SER A 138 -27.58 -24.88 -12.27
CA SER A 138 -26.51 -23.93 -12.57
C SER A 138 -25.45 -24.49 -13.49
N PHE A 139 -24.99 -25.71 -13.22
CA PHE A 139 -23.96 -26.30 -14.04
C PHE A 139 -24.43 -26.94 -15.34
N TRP A 140 -25.29 -27.96 -15.25
CA TRP A 140 -25.74 -28.58 -16.49
C TRP A 140 -26.59 -27.68 -17.35
N GLY A 141 -27.25 -26.72 -16.72
CA GLY A 141 -28.07 -25.78 -17.46
C GLY A 141 -27.12 -24.92 -18.28
N MET A 142 -26.14 -24.32 -17.63
CA MET A 142 -25.16 -23.48 -18.31
C MET A 142 -24.44 -24.32 -19.38
N ALA A 143 -24.02 -25.52 -19.02
CA ALA A 143 -23.33 -26.38 -19.97
C ALA A 143 -24.19 -26.51 -21.23
N SER A 144 -25.47 -26.83 -21.03
CA SER A 144 -26.38 -27.01 -22.14
C SER A 144 -26.49 -25.73 -22.95
N SER A 145 -26.56 -24.59 -22.27
CA SER A 145 -26.68 -23.31 -22.95
C SER A 145 -25.45 -23.07 -23.79
N SER A 146 -24.28 -23.14 -23.15
CA SER A 146 -23.06 -22.88 -23.86
C SER A 146 -22.94 -23.81 -25.08
N TYR A 147 -23.25 -25.08 -24.86
CA TYR A 147 -23.18 -26.08 -25.92
C TYR A 147 -24.08 -25.65 -27.08
N ALA A 148 -25.37 -25.46 -26.79
CA ALA A 148 -26.32 -25.10 -27.81
C ALA A 148 -25.92 -23.84 -28.57
N HIS A 149 -25.42 -22.86 -27.83
CA HIS A 149 -24.98 -21.62 -28.40
C HIS A 149 -23.94 -21.83 -29.49
N SER A 150 -23.15 -22.89 -29.32
CA SER A 150 -22.09 -23.21 -30.28
C SER A 150 -22.47 -24.09 -31.46
N ALA A 151 -23.70 -24.60 -31.50
CA ALA A 151 -24.13 -25.47 -32.57
C ALA A 151 -24.07 -24.74 -33.92
N GLU A 152 -23.63 -25.45 -34.95
CA GLU A 152 -23.57 -24.85 -36.26
C GLU A 152 -24.39 -25.75 -37.20
N GLY A 153 -24.95 -25.12 -38.24
CA GLY A 153 -25.68 -25.88 -39.24
C GLY A 153 -26.87 -26.64 -38.74
N GLU A 154 -27.06 -27.85 -39.23
CA GLU A 154 -28.18 -28.67 -38.80
C GLU A 154 -27.89 -29.17 -37.40
N VAL A 155 -28.96 -29.25 -36.64
CA VAL A 155 -28.90 -29.66 -35.27
C VAL A 155 -29.92 -30.80 -35.19
N THR A 156 -29.69 -31.79 -34.34
CA THR A 156 -30.60 -32.92 -34.22
C THR A 156 -31.12 -33.10 -32.79
N TYR A 157 -32.40 -33.44 -32.65
CA TYR A 157 -33.01 -33.60 -31.33
C TYR A 157 -33.76 -34.90 -31.23
N MET A 158 -33.34 -35.75 -30.31
CA MET A 158 -34.02 -37.03 -30.15
C MET A 158 -34.87 -36.97 -28.92
N VAL A 159 -36.15 -37.35 -29.05
CA VAL A 159 -37.08 -37.30 -27.94
C VAL A 159 -37.82 -38.60 -27.76
N ASP A 160 -38.39 -38.77 -26.57
CA ASP A 160 -39.17 -39.94 -26.25
C ASP A 160 -40.64 -39.65 -26.63
N GLY A 161 -41.16 -40.38 -27.60
CA GLY A 161 -42.54 -40.17 -27.99
C GLY A 161 -43.45 -41.22 -27.40
N SER A 162 -42.96 -41.99 -26.43
CA SER A 162 -43.75 -43.05 -25.80
C SER A 162 -43.89 -42.84 -24.31
N ASN A 163 -43.81 -41.59 -23.87
CA ASN A 163 -43.96 -41.34 -22.46
C ASN A 163 -45.23 -40.55 -22.16
N PRO A 164 -46.28 -41.27 -21.71
CA PRO A 164 -47.58 -40.68 -21.38
C PRO A 164 -47.51 -39.52 -20.39
N LYS A 165 -46.54 -39.54 -19.48
CA LYS A 165 -46.40 -38.48 -18.47
C LYS A 165 -45.54 -37.30 -18.90
N VAL A 166 -44.74 -37.48 -19.95
CA VAL A 166 -43.84 -36.40 -20.39
C VAL A 166 -43.86 -36.17 -21.89
N PRO A 167 -44.42 -35.05 -22.32
CA PRO A 167 -44.47 -34.80 -23.76
C PRO A 167 -43.10 -34.69 -24.35
N ALA A 168 -42.99 -35.12 -25.60
CA ALA A 168 -41.74 -35.12 -26.36
C ALA A 168 -41.03 -33.79 -26.17
N TYR A 169 -41.73 -32.71 -26.45
CA TYR A 169 -41.14 -31.40 -26.26
C TYR A 169 -41.81 -30.70 -25.07
N ARG A 170 -41.00 -30.03 -24.25
CA ARG A 170 -41.52 -29.32 -23.09
C ARG A 170 -40.75 -28.04 -22.93
N PRO A 171 -41.44 -26.91 -22.78
CA PRO A 171 -40.76 -25.62 -22.62
C PRO A 171 -39.78 -25.64 -21.47
N ASP A 172 -40.00 -26.54 -20.52
CA ASP A 172 -39.08 -26.59 -19.39
C ASP A 172 -38.24 -27.88 -19.17
N SER A 173 -37.81 -28.47 -20.26
CA SER A 173 -36.92 -29.60 -20.22
C SER A 173 -35.62 -28.82 -20.37
N PHE A 174 -34.46 -29.42 -20.09
CA PHE A 174 -33.22 -28.67 -20.26
C PHE A 174 -33.13 -28.16 -21.69
N PHE A 175 -33.68 -28.93 -22.60
CA PHE A 175 -33.68 -28.55 -23.99
C PHE A 175 -34.51 -27.29 -24.19
N GLY A 176 -35.74 -27.34 -23.71
CA GLY A 176 -36.63 -26.21 -23.84
C GLY A 176 -36.18 -24.99 -23.08
N LYS A 177 -35.48 -25.18 -21.97
CA LYS A 177 -35.01 -24.06 -21.16
C LYS A 177 -33.66 -23.47 -21.58
N TYR A 178 -32.70 -24.33 -21.93
CA TYR A 178 -31.38 -23.85 -22.27
C TYR A 178 -30.85 -24.18 -23.64
N GLU A 179 -31.31 -25.26 -24.24
CA GLU A 179 -30.76 -25.60 -25.54
C GLU A 179 -31.50 -24.85 -26.67
N LEU A 180 -32.75 -25.18 -26.95
CA LEU A 180 -33.46 -24.50 -28.03
C LEU A 180 -33.38 -22.95 -28.05
N PRO A 181 -33.63 -22.29 -26.91
CA PRO A 181 -33.58 -20.83 -26.84
C PRO A 181 -32.21 -20.23 -27.12
N ASN A 182 -31.16 -21.05 -27.01
CA ASN A 182 -29.82 -20.52 -27.24
C ASN A 182 -29.22 -20.87 -28.59
N LEU A 183 -29.99 -21.52 -29.47
CA LEU A 183 -29.48 -21.81 -30.79
C LEU A 183 -29.30 -20.49 -31.51
N THR A 184 -28.12 -20.27 -32.06
CA THR A 184 -27.79 -19.04 -32.77
C THR A 184 -28.23 -19.10 -34.21
N ASN A 185 -28.04 -18.00 -34.93
CA ASN A 185 -28.42 -17.91 -36.34
C ASN A 185 -27.48 -18.76 -37.18
N LYS A 186 -26.47 -19.35 -36.51
CA LYS A 186 -25.50 -20.24 -37.20
C LYS A 186 -26.21 -21.56 -37.42
N VAL A 187 -27.31 -21.77 -36.71
CA VAL A 187 -28.05 -23.00 -36.85
C VAL A 187 -28.98 -22.82 -38.04
N THR A 188 -29.04 -23.88 -38.86
CA THR A 188 -29.81 -23.95 -40.10
C THR A 188 -31.16 -24.64 -39.95
N ARG A 189 -31.12 -25.82 -39.37
CA ARG A 189 -32.30 -26.62 -39.27
C ARG A 189 -32.31 -27.38 -37.98
N VAL A 190 -33.47 -27.88 -37.64
CA VAL A 190 -33.65 -28.66 -36.44
C VAL A 190 -34.34 -29.92 -36.90
N LYS A 191 -33.62 -31.04 -36.92
CA LYS A 191 -34.18 -32.31 -37.33
C LYS A 191 -34.55 -33.04 -36.05
N VAL A 192 -35.79 -33.50 -35.96
CA VAL A 192 -36.23 -34.19 -34.78
C VAL A 192 -36.37 -35.65 -35.06
N ILE A 193 -36.00 -36.45 -34.08
CA ILE A 193 -36.10 -37.88 -34.17
C ILE A 193 -36.98 -38.26 -33.01
N VAL A 194 -38.15 -38.79 -33.31
CA VAL A 194 -39.05 -39.21 -32.27
C VAL A 194 -38.81 -40.68 -32.06
N LEU A 195 -38.63 -41.05 -30.81
CA LEU A 195 -38.38 -42.44 -30.49
C LEU A 195 -39.63 -43.09 -29.95
N HIS A 196 -40.04 -44.21 -30.57
CA HIS A 196 -41.23 -44.91 -30.11
C HIS A 196 -40.74 -46.20 -29.49
N ARG A 197 -40.48 -46.18 -28.20
CA ARG A 197 -40.00 -47.38 -27.51
C ARG A 197 -40.77 -48.60 -27.98
N LEU A 198 -40.06 -49.71 -28.14
CA LEU A 198 -40.68 -50.94 -28.63
C LEU A 198 -41.73 -51.55 -27.72
N GLY A 199 -42.83 -52.01 -28.34
CA GLY A 199 -43.92 -52.61 -27.59
C GLY A 199 -44.55 -51.64 -26.60
N GLU A 200 -44.63 -50.37 -27.01
CA GLU A 200 -45.19 -49.31 -26.17
C GLU A 200 -46.18 -48.46 -26.93
N LYS A 201 -47.26 -48.12 -26.27
CA LYS A 201 -48.24 -47.29 -26.92
C LYS A 201 -47.55 -46.01 -27.38
N ILE A 202 -47.75 -45.67 -28.65
CA ILE A 202 -47.18 -44.46 -29.20
C ILE A 202 -47.92 -43.29 -28.56
N ILE A 203 -47.20 -42.31 -28.06
CA ILE A 203 -47.83 -41.16 -27.43
C ILE A 203 -47.74 -39.89 -28.27
N GLU A 204 -46.56 -39.58 -28.78
CA GLU A 204 -46.39 -38.38 -29.58
C GLU A 204 -46.10 -38.75 -31.01
N LYS A 205 -46.53 -37.90 -31.92
CA LYS A 205 -46.31 -38.13 -33.34
C LYS A 205 -45.96 -36.81 -33.98
N CYS A 206 -45.23 -36.85 -35.08
CA CYS A 206 -44.84 -35.62 -35.76
C CYS A 206 -46.07 -34.80 -36.20
N GLY A 207 -45.94 -33.48 -36.22
CA GLY A 207 -47.06 -32.64 -36.61
C GLY A 207 -48.22 -32.66 -35.63
N ALA A 208 -48.03 -33.27 -34.47
CA ALA A 208 -49.08 -33.36 -33.45
C ALA A 208 -48.55 -33.06 -32.05
N GLY A 209 -49.45 -32.70 -31.16
CA GLY A 209 -49.07 -32.43 -29.78
C GLY A 209 -47.91 -31.48 -29.61
N SER A 210 -46.99 -31.82 -28.72
CA SER A 210 -45.84 -30.95 -28.46
C SER A 210 -44.92 -30.84 -29.68
N LEU A 211 -44.90 -31.87 -30.53
CA LEU A 211 -44.04 -31.84 -31.72
C LEU A 211 -44.56 -30.74 -32.65
N LEU A 212 -45.87 -30.62 -32.70
CA LEU A 212 -46.50 -29.63 -33.53
C LEU A 212 -46.15 -28.24 -32.97
N ASP A 213 -46.12 -28.11 -31.65
CA ASP A 213 -45.78 -26.83 -31.02
C ASP A 213 -44.32 -26.47 -31.30
N LEU A 214 -43.45 -27.47 -31.17
CA LEU A 214 -42.02 -27.30 -31.40
C LEU A 214 -41.78 -26.81 -32.81
N GLU A 215 -42.47 -27.44 -33.75
CA GLU A 215 -42.36 -27.06 -35.15
C GLU A 215 -42.62 -25.58 -35.34
N LYS A 216 -43.73 -25.10 -34.80
CA LYS A 216 -44.05 -23.68 -34.91
C LYS A 216 -42.93 -22.89 -34.27
N LEU A 217 -42.61 -23.27 -33.05
CA LEU A 217 -41.58 -22.62 -32.28
C LEU A 217 -40.27 -22.53 -33.04
N VAL A 218 -39.93 -23.62 -33.75
CA VAL A 218 -38.67 -23.68 -34.49
C VAL A 218 -38.71 -22.78 -35.74
N LYS A 219 -39.76 -22.91 -36.52
CA LYS A 219 -39.88 -22.09 -37.72
C LYS A 219 -39.92 -20.63 -37.26
N ALA A 220 -40.39 -20.42 -36.04
CA ALA A 220 -40.44 -19.06 -35.47
C ALA A 220 -39.00 -18.55 -35.36
N LYS A 221 -38.10 -19.34 -34.76
CA LYS A 221 -36.73 -18.88 -34.62
C LYS A 221 -36.04 -18.86 -36.00
N HIS A 222 -36.83 -19.10 -37.06
CA HIS A 222 -36.35 -19.11 -38.45
C HIS A 222 -35.41 -20.23 -38.83
N PHE A 223 -35.76 -21.45 -38.46
CA PHE A 223 -34.92 -22.59 -38.79
C PHE A 223 -35.81 -23.54 -39.60
N ALA A 224 -35.21 -24.39 -40.43
CA ALA A 224 -36.00 -25.35 -41.20
C ALA A 224 -36.31 -26.42 -40.16
N PHE A 225 -37.28 -27.29 -40.44
CA PHE A 225 -37.63 -28.29 -39.45
C PHE A 225 -37.95 -29.64 -40.10
N ASP A 226 -37.46 -30.74 -39.51
CA ASP A 226 -37.71 -32.12 -40.00
C ASP A 226 -38.18 -32.91 -38.82
N CYS A 227 -38.76 -34.06 -39.08
CA CYS A 227 -39.19 -34.88 -37.98
C CYS A 227 -39.43 -36.26 -38.54
N VAL A 228 -38.92 -37.27 -37.83
CA VAL A 228 -39.07 -38.64 -38.25
C VAL A 228 -39.33 -39.50 -37.01
N GLU A 229 -40.12 -40.54 -37.19
CA GLU A 229 -40.44 -41.42 -36.09
C GLU A 229 -39.73 -42.74 -36.36
N ASN A 230 -38.94 -43.18 -35.38
CA ASN A 230 -38.16 -44.41 -35.49
C ASN A 230 -37.50 -44.66 -36.87
N PRO A 231 -36.57 -43.78 -37.26
CA PRO A 231 -35.90 -43.96 -38.56
C PRO A 231 -35.19 -45.28 -38.47
N ARG A 232 -35.15 -46.02 -39.57
CA ARG A 232 -34.55 -47.34 -39.54
C ARG A 232 -33.23 -47.48 -38.82
N ALA A 233 -32.29 -46.57 -39.06
CA ALA A 233 -31.00 -46.67 -38.39
C ALA A 233 -31.22 -46.82 -36.88
N VAL A 234 -32.08 -45.97 -36.34
CA VAL A 234 -32.42 -45.99 -34.92
C VAL A 234 -33.28 -47.19 -34.51
N LEU A 235 -34.28 -47.51 -35.31
CA LEU A 235 -35.13 -48.63 -34.98
C LEU A 235 -34.27 -49.85 -34.76
N PHE A 236 -33.35 -50.11 -35.69
CA PHE A 236 -32.49 -51.28 -35.58
C PHE A 236 -31.72 -51.29 -34.27
N LEU A 237 -31.34 -50.10 -33.79
CA LEU A 237 -30.61 -50.04 -32.55
C LEU A 237 -31.50 -50.55 -31.42
N LEU A 238 -32.75 -50.10 -31.44
CA LEU A 238 -33.72 -50.52 -30.42
C LEU A 238 -33.94 -52.02 -30.50
N CYS A 239 -34.02 -52.53 -31.73
CA CYS A 239 -34.24 -53.94 -31.94
C CYS A 239 -33.14 -54.80 -31.35
N SER A 240 -31.93 -54.29 -31.38
CA SER A 240 -30.80 -55.05 -30.87
C SER A 240 -31.01 -55.49 -29.43
N ASP A 241 -31.50 -54.59 -28.60
CA ASP A 241 -31.72 -54.93 -27.20
C ASP A 241 -33.01 -55.69 -26.94
N ASN A 242 -33.82 -55.84 -27.97
CA ASN A 242 -35.08 -56.56 -27.84
C ASN A 242 -35.51 -57.04 -29.23
N PRO A 243 -34.86 -58.10 -29.72
CA PRO A 243 -35.02 -58.79 -30.99
C PRO A 243 -36.42 -59.35 -31.26
N ASN A 244 -37.06 -59.83 -30.21
CA ASN A 244 -38.38 -60.42 -30.33
C ASN A 244 -39.48 -59.42 -30.58
N ALA A 245 -39.23 -58.18 -30.20
CA ALA A 245 -40.21 -57.13 -30.41
C ALA A 245 -40.90 -57.29 -31.75
N ARG A 246 -42.20 -57.09 -31.74
CA ARG A 246 -43.01 -57.22 -32.94
C ARG A 246 -42.51 -56.29 -34.05
N GLU A 247 -42.11 -55.08 -33.69
CA GLU A 247 -41.65 -54.12 -34.69
C GLU A 247 -40.32 -54.45 -35.35
N CYS A 248 -39.71 -55.59 -35.01
CA CYS A 248 -38.41 -55.97 -35.57
C CYS A 248 -38.46 -57.20 -36.44
N ARG A 249 -39.67 -57.72 -36.65
CA ARG A 249 -39.81 -58.92 -37.45
C ARG A 249 -39.10 -58.73 -38.79
N LEU A 250 -38.25 -59.69 -39.12
CA LEU A 250 -37.47 -59.68 -40.35
C LEU A 250 -38.25 -60.21 -41.54
N ALA A 251 -38.14 -59.53 -42.68
CA ALA A 251 -38.81 -59.94 -43.90
C ALA A 251 -38.63 -61.44 -44.20
N ILE B 1 6.29 -43.53 -36.30
CA ILE B 1 5.07 -43.37 -35.43
C ILE B 1 5.39 -42.44 -34.25
N VAL B 2 4.47 -41.52 -33.95
CA VAL B 2 4.68 -40.57 -32.86
C VAL B 2 4.07 -40.96 -31.50
N PRO B 3 4.90 -40.96 -30.45
CA PRO B 3 4.47 -41.32 -29.09
C PRO B 3 3.46 -40.35 -28.49
N THR B 4 2.62 -40.90 -27.61
CA THR B 4 1.59 -40.15 -26.90
C THR B 4 2.27 -39.13 -25.99
N ARG B 5 1.74 -37.91 -25.96
CA ARG B 5 2.33 -36.86 -25.12
C ARG B 5 1.97 -37.09 -23.68
N GLU B 6 2.80 -36.59 -22.81
CA GLU B 6 2.59 -36.72 -21.38
C GLU B 6 2.09 -38.08 -20.96
N LEU B 7 2.75 -39.11 -21.46
CA LEU B 7 2.39 -40.49 -21.15
C LEU B 7 2.02 -40.67 -19.65
N GLU B 8 2.93 -40.29 -18.77
CA GLU B 8 2.70 -40.35 -17.33
C GLU B 8 1.30 -39.83 -16.95
N ASN B 9 1.04 -38.57 -17.26
CA ASN B 9 -0.22 -37.98 -16.90
C ASN B 9 -1.40 -38.70 -17.50
N VAL B 10 -1.35 -38.96 -18.80
CA VAL B 10 -2.45 -39.67 -19.44
C VAL B 10 -2.70 -40.96 -18.71
N PHE B 11 -1.65 -41.72 -18.50
CA PHE B 11 -1.76 -42.98 -17.78
C PHE B 11 -2.40 -42.77 -16.39
N LEU B 12 -1.82 -41.89 -15.58
CA LEU B 12 -2.37 -41.67 -14.26
C LEU B 12 -3.76 -41.12 -14.29
N GLY B 13 -4.02 -40.26 -15.25
CA GLY B 13 -5.36 -39.67 -15.34
C GLY B 13 -6.37 -40.74 -15.66
N ARG B 14 -6.06 -41.54 -16.68
CA ARG B 14 -6.95 -42.58 -17.10
C ARG B 14 -7.14 -43.54 -15.97
N CYS B 15 -6.05 -43.79 -15.25
CA CYS B 15 -6.08 -44.73 -14.16
C CYS B 15 -7.04 -44.30 -13.06
N LYS B 16 -6.86 -43.08 -12.58
CA LYS B 16 -7.71 -42.52 -11.55
C LYS B 16 -9.15 -42.48 -11.98
N ASP B 17 -9.39 -42.01 -13.20
CA ASP B 17 -10.75 -41.93 -13.73
C ASP B 17 -11.44 -43.29 -13.65
N TYR B 18 -10.69 -44.32 -14.02
CA TYR B 18 -11.20 -45.67 -13.99
C TYR B 18 -11.51 -46.09 -12.58
N GLU B 19 -10.49 -46.02 -11.75
CA GLU B 19 -10.59 -46.37 -10.34
C GLU B 19 -11.88 -45.89 -9.74
N ILE B 20 -12.04 -44.58 -9.75
CA ILE B 20 -13.17 -43.94 -9.11
C ILE B 20 -14.50 -44.00 -9.81
N THR B 21 -14.49 -44.05 -11.14
CA THR B 21 -15.75 -43.99 -11.84
C THR B 21 -16.09 -44.89 -13.02
N ARG B 22 -15.18 -45.74 -13.48
CA ARG B 22 -15.54 -46.43 -14.70
C ARG B 22 -16.41 -47.64 -14.88
N TYR B 23 -16.08 -48.79 -14.30
CA TYR B 23 -16.99 -49.92 -14.50
C TYR B 23 -17.35 -50.40 -13.14
N LEU B 24 -17.65 -49.43 -12.29
CA LEU B 24 -17.97 -49.70 -10.89
C LEU B 24 -18.82 -50.95 -10.71
N ASP B 25 -19.80 -51.13 -11.56
CA ASP B 25 -20.63 -52.31 -11.40
C ASP B 25 -20.26 -53.55 -12.19
N ILE B 26 -19.47 -53.39 -13.24
CA ILE B 26 -19.08 -54.52 -14.04
C ILE B 26 -17.79 -55.19 -13.61
N LEU B 27 -16.78 -54.39 -13.25
CA LEU B 27 -15.48 -54.93 -12.87
C LEU B 27 -15.00 -54.46 -11.52
N PRO B 28 -14.25 -55.32 -10.82
CA PRO B 28 -13.70 -55.05 -9.49
C PRO B 28 -12.65 -53.98 -9.58
N ARG B 29 -12.41 -53.27 -8.48
CA ARG B 29 -11.36 -52.28 -8.49
C ARG B 29 -10.07 -53.07 -8.26
N VAL B 30 -8.95 -52.51 -8.70
CA VAL B 30 -7.71 -53.22 -8.52
C VAL B 30 -7.15 -52.75 -7.19
N ARG B 31 -6.32 -53.60 -6.60
CA ARG B 31 -5.75 -53.34 -5.30
C ARG B 31 -4.66 -52.26 -5.24
N SER B 32 -3.74 -52.29 -6.20
CA SER B 32 -2.63 -51.33 -6.25
C SER B 32 -3.12 -49.93 -6.61
N ASP B 33 -2.41 -48.92 -6.16
CA ASP B 33 -2.83 -47.57 -6.49
C ASP B 33 -2.15 -47.19 -7.80
N CYS B 34 -2.60 -46.10 -8.40
CA CYS B 34 -2.07 -45.68 -9.68
C CYS B 34 -0.57 -45.46 -9.77
N SER B 35 0.03 -44.82 -8.77
CA SER B 35 1.48 -44.59 -8.74
C SER B 35 2.19 -45.92 -8.80
N ALA B 36 1.66 -46.91 -8.10
CA ALA B 36 2.28 -48.24 -8.08
C ALA B 36 2.14 -48.89 -9.45
N LEU B 37 0.97 -48.75 -10.06
CA LEU B 37 0.76 -49.29 -11.39
C LEU B 37 1.66 -48.58 -12.38
N TRP B 38 1.88 -47.29 -12.18
CA TRP B 38 2.77 -46.60 -13.09
C TRP B 38 4.18 -47.16 -13.00
N LYS B 39 4.71 -47.32 -11.79
CA LYS B 39 6.06 -47.85 -11.63
C LYS B 39 6.22 -49.21 -12.29
N ASP B 40 5.25 -50.10 -12.11
CA ASP B 40 5.33 -51.43 -12.72
C ASP B 40 5.32 -51.32 -14.24
N PHE B 41 4.53 -50.39 -14.77
CA PHE B 41 4.42 -50.17 -16.20
C PHE B 41 5.69 -49.50 -16.76
N PHE B 42 6.25 -48.56 -16.02
CA PHE B 42 7.42 -47.86 -16.50
C PHE B 42 8.66 -48.74 -16.50
N LYS B 43 8.94 -49.44 -15.42
CA LYS B 43 10.15 -50.26 -15.39
C LYS B 43 10.19 -51.24 -16.51
N ALA B 44 9.03 -51.68 -16.96
CA ALA B 44 8.95 -52.64 -18.04
C ALA B 44 9.66 -52.22 -19.31
N PHE B 45 9.65 -50.94 -19.65
CA PHE B 45 10.28 -50.53 -20.91
C PHE B 45 11.26 -49.38 -20.79
N SER B 46 11.27 -48.70 -19.65
CA SER B 46 12.15 -47.55 -19.48
C SER B 46 13.64 -47.91 -19.41
N PHE B 47 14.45 -47.03 -19.99
CA PHE B 47 15.90 -47.16 -20.05
C PHE B 47 16.42 -48.37 -20.79
N LYS B 48 15.56 -49.03 -21.55
CA LYS B 48 15.93 -50.18 -22.35
C LYS B 48 15.79 -49.62 -23.77
N ASN B 49 16.22 -50.35 -24.78
CA ASN B 49 16.05 -49.86 -26.16
C ASN B 49 14.63 -50.15 -26.58
N PRO B 50 14.07 -49.31 -27.46
CA PRO B 50 12.71 -49.56 -27.87
C PRO B 50 12.38 -51.01 -28.18
N CYS B 51 13.31 -51.72 -28.81
CA CYS B 51 13.05 -53.10 -29.19
C CYS B 51 13.50 -54.13 -28.17
N ASP B 52 13.77 -53.65 -26.97
CA ASP B 52 14.24 -54.51 -25.90
C ASP B 52 13.17 -55.02 -24.93
N LEU B 53 12.23 -55.80 -25.40
CA LEU B 53 11.21 -56.30 -24.49
C LEU B 53 10.79 -57.67 -24.93
N ASP B 54 10.12 -58.38 -24.02
CA ASP B 54 9.62 -59.72 -24.28
C ASP B 54 8.35 -59.92 -23.46
N LEU B 55 7.68 -61.04 -23.71
CA LEU B 55 6.45 -61.36 -23.00
C LEU B 55 6.49 -61.14 -21.50
N GLY B 56 7.68 -61.15 -20.93
CA GLY B 56 7.76 -60.97 -19.50
C GLY B 56 7.91 -59.53 -19.01
N SER B 57 8.37 -58.63 -19.88
CA SER B 57 8.60 -57.24 -19.51
C SER B 57 7.50 -56.57 -18.70
N TYR B 58 6.24 -56.80 -19.05
CA TYR B 58 5.14 -56.19 -18.32
C TYR B 58 4.46 -57.15 -17.36
N LYS B 59 5.11 -58.27 -17.07
CA LYS B 59 4.53 -59.25 -16.19
C LYS B 59 4.11 -58.63 -14.87
N ASP B 60 5.01 -57.88 -14.24
CA ASP B 60 4.65 -57.27 -12.97
C ASP B 60 3.48 -56.34 -13.10
N PHE B 61 3.50 -55.52 -14.15
CA PHE B 61 2.41 -54.60 -14.36
C PHE B 61 1.09 -55.35 -14.47
N PHE B 62 1.03 -56.32 -15.37
CA PHE B 62 -0.22 -57.05 -15.53
C PHE B 62 -0.69 -57.81 -14.31
N THR B 63 0.23 -58.21 -13.46
CA THR B 63 -0.15 -58.93 -12.27
C THR B 63 -0.90 -57.94 -11.39
N SER B 64 -0.36 -56.74 -11.27
CA SER B 64 -0.96 -55.73 -10.43
C SER B 64 -2.23 -55.18 -11.02
N ALA B 65 -2.33 -55.18 -12.33
CA ALA B 65 -3.50 -54.61 -12.96
C ALA B 65 -4.59 -55.59 -13.32
N GLN B 66 -4.33 -56.88 -13.11
CA GLN B 66 -5.34 -57.85 -13.50
C GLN B 66 -6.54 -57.88 -12.55
N GLN B 67 -7.72 -57.62 -13.11
CA GLN B 67 -8.97 -57.62 -12.36
C GLN B 67 -9.60 -59.00 -12.56
N GLN B 68 -10.46 -59.42 -11.64
CA GLN B 68 -11.12 -60.69 -11.80
C GLN B 68 -12.24 -60.47 -12.79
N LEU B 69 -12.42 -61.41 -13.68
CA LEU B 69 -13.44 -61.24 -14.70
C LEU B 69 -14.77 -61.97 -14.57
N PRO B 70 -15.89 -61.23 -14.78
CA PRO B 70 -17.26 -61.73 -14.70
C PRO B 70 -17.44 -63.04 -15.45
N LYS B 71 -18.07 -63.97 -14.77
CA LYS B 71 -18.30 -65.29 -15.30
C LYS B 71 -19.12 -65.18 -16.58
N ASN B 72 -18.80 -66.01 -17.54
CA ASN B 72 -19.60 -66.05 -18.74
C ASN B 72 -19.72 -64.82 -19.63
N LYS B 73 -18.95 -63.76 -19.41
CA LYS B 73 -19.14 -62.63 -20.29
C LYS B 73 -17.92 -62.10 -20.95
N VAL B 74 -16.81 -62.73 -20.67
CA VAL B 74 -15.62 -62.31 -21.32
C VAL B 74 -15.79 -62.53 -22.82
N MET B 75 -15.38 -61.53 -23.59
CA MET B 75 -15.45 -61.62 -25.03
C MET B 75 -14.11 -61.38 -25.67
N PHE B 76 -13.85 -62.13 -26.74
CA PHE B 76 -12.63 -62.02 -27.51
C PHE B 76 -13.07 -61.72 -28.94
N TRP B 77 -12.22 -61.09 -29.71
CA TRP B 77 -12.60 -60.77 -31.07
C TRP B 77 -11.40 -60.77 -32.00
N SER B 78 -11.66 -60.85 -33.30
CA SER B 78 -10.62 -60.80 -34.29
C SER B 78 -11.07 -60.04 -35.50
N GLY B 79 -10.33 -59.00 -35.84
CA GLY B 79 -10.63 -58.20 -37.01
C GLY B 79 -12.03 -57.64 -37.12
N VAL B 80 -12.65 -57.35 -35.97
CA VAL B 80 -13.98 -56.77 -35.99
C VAL B 80 -14.10 -55.87 -34.79
N TYR B 81 -13.02 -55.12 -34.51
CA TYR B 81 -12.99 -54.23 -33.34
C TYR B 81 -14.29 -53.44 -33.13
N ASP B 82 -14.66 -52.62 -34.09
CA ASP B 82 -15.88 -51.85 -33.93
C ASP B 82 -17.14 -52.67 -33.68
N GLU B 83 -17.38 -53.69 -34.49
CA GLU B 83 -18.58 -54.51 -34.27
C GLU B 83 -18.59 -55.22 -32.91
N ALA B 84 -17.44 -55.79 -32.52
CA ALA B 84 -17.34 -56.48 -31.25
C ALA B 84 -17.61 -55.54 -30.08
N HIS B 85 -16.98 -54.37 -30.08
CA HIS B 85 -17.17 -53.46 -28.97
C HIS B 85 -18.56 -52.91 -28.91
N ASP B 86 -19.18 -52.64 -30.06
CA ASP B 86 -20.56 -52.13 -30.06
C ASP B 86 -21.47 -53.17 -29.46
N TYR B 87 -21.31 -54.42 -29.87
CA TYR B 87 -22.13 -55.47 -29.33
C TYR B 87 -21.87 -55.65 -27.84
N ALA B 88 -20.59 -55.65 -27.43
CA ALA B 88 -20.22 -55.81 -26.02
C ALA B 88 -20.85 -54.68 -25.23
N ASN B 89 -21.07 -53.55 -25.89
CA ASN B 89 -21.72 -52.39 -25.27
C ASN B 89 -21.09 -51.89 -23.97
N THR B 90 -19.78 -51.71 -23.98
CA THR B 90 -19.12 -51.18 -22.79
C THR B 90 -19.41 -51.97 -21.52
N GLY B 91 -19.10 -53.25 -21.56
CA GLY B 91 -19.26 -54.08 -20.39
C GLY B 91 -20.68 -54.44 -20.05
N ARG B 92 -21.65 -53.83 -20.71
CA ARG B 92 -23.04 -54.15 -20.40
C ARG B 92 -23.44 -55.57 -20.82
N LYS B 93 -23.02 -56.00 -22.00
CA LYS B 93 -23.38 -57.32 -22.46
C LYS B 93 -22.20 -58.26 -22.24
N TYR B 94 -21.02 -57.84 -22.70
CA TYR B 94 -19.79 -58.60 -22.53
C TYR B 94 -18.69 -57.60 -22.22
N ILE B 95 -17.64 -58.03 -21.55
CA ILE B 95 -16.58 -57.09 -21.35
C ILE B 95 -15.49 -57.51 -22.34
N THR B 96 -14.65 -56.59 -22.73
CA THR B 96 -13.59 -56.90 -23.67
C THR B 96 -12.31 -56.44 -22.99
N LEU B 97 -11.19 -56.80 -23.58
CA LEU B 97 -9.91 -56.38 -23.02
C LEU B 97 -9.91 -54.86 -22.82
N GLU B 98 -10.33 -54.09 -23.82
CA GLU B 98 -10.35 -52.63 -23.72
C GLU B 98 -11.20 -52.11 -22.51
N ASP B 99 -12.08 -52.94 -21.93
CA ASP B 99 -12.91 -52.48 -20.81
C ASP B 99 -12.19 -52.63 -19.47
N THR B 100 -11.16 -53.46 -19.47
CA THR B 100 -10.40 -53.69 -18.24
C THR B 100 -9.42 -52.57 -17.98
N LEU B 101 -8.99 -52.47 -16.73
CA LEU B 101 -8.07 -51.43 -16.32
C LEU B 101 -6.88 -51.23 -17.27
N PRO B 102 -6.10 -52.30 -17.48
CA PRO B 102 -4.92 -52.23 -18.34
C PRO B 102 -5.26 -51.81 -19.74
N GLY B 103 -6.34 -52.37 -20.28
CA GLY B 103 -6.72 -52.03 -21.63
C GLY B 103 -7.22 -50.60 -21.77
N TYR B 104 -8.01 -50.17 -20.80
CA TYR B 104 -8.58 -48.86 -20.82
C TYR B 104 -7.45 -47.90 -20.70
N MET B 105 -6.50 -48.19 -19.84
CA MET B 105 -5.39 -47.27 -19.67
C MET B 105 -4.51 -47.07 -20.87
N LEU B 106 -4.09 -48.17 -21.48
CA LEU B 106 -3.19 -48.04 -22.61
C LEU B 106 -3.85 -48.07 -23.95
N ASN B 107 -5.17 -48.19 -24.00
CA ASN B 107 -5.79 -48.26 -25.31
C ASN B 107 -5.40 -47.07 -26.20
N SER B 108 -4.86 -47.38 -27.38
CA SER B 108 -4.44 -46.39 -28.36
C SER B 108 -3.18 -45.61 -28.03
N LEU B 109 -2.62 -45.83 -26.85
CA LEU B 109 -1.43 -45.07 -26.55
C LEU B 109 -0.18 -45.62 -27.26
N VAL B 110 0.77 -44.72 -27.50
CA VAL B 110 2.03 -45.05 -28.17
C VAL B 110 3.18 -44.62 -27.27
N TRP B 111 4.08 -45.57 -26.99
CA TRP B 111 5.21 -45.29 -26.14
C TRP B 111 6.30 -46.30 -26.42
N CYS B 112 7.51 -45.98 -26.01
CA CYS B 112 8.64 -46.86 -26.20
C CYS B 112 9.78 -46.34 -25.38
N GLY B 113 10.68 -47.22 -25.02
CA GLY B 113 11.79 -46.76 -24.22
C GLY B 113 12.96 -46.28 -25.05
N GLN B 114 13.94 -45.71 -24.36
CA GLN B 114 15.19 -45.26 -24.96
C GLN B 114 16.10 -45.42 -23.77
N ARG B 115 17.39 -45.60 -24.01
CA ARG B 115 18.32 -45.82 -22.91
C ARG B 115 18.73 -44.52 -22.22
N ALA B 116 18.79 -43.44 -22.99
CA ALA B 116 19.16 -42.14 -22.45
C ALA B 116 18.03 -41.55 -21.58
N ASN B 117 18.38 -40.79 -20.54
CA ASN B 117 17.36 -40.18 -19.69
C ASN B 117 16.48 -39.37 -20.65
N PRO B 118 15.18 -39.25 -20.35
CA PRO B 118 14.40 -39.74 -19.22
C PRO B 118 14.08 -41.24 -19.18
N GLY B 119 14.46 -41.97 -20.22
CA GLY B 119 14.18 -43.40 -20.23
C GLY B 119 13.16 -43.85 -21.25
N PHE B 120 12.54 -42.88 -21.92
CA PHE B 120 11.57 -43.21 -22.94
C PHE B 120 11.63 -42.13 -23.99
N ASN B 121 11.28 -42.50 -25.20
CA ASN B 121 11.34 -41.56 -26.29
C ASN B 121 10.05 -40.78 -26.38
N GLU B 122 10.18 -39.48 -26.54
CA GLU B 122 9.03 -38.60 -26.66
C GLU B 122 8.97 -37.95 -28.02
N LYS B 123 9.92 -38.27 -28.88
CA LYS B 123 9.91 -37.71 -30.23
C LYS B 123 9.37 -38.73 -31.21
N VAL B 124 9.88 -39.95 -31.13
CA VAL B 124 9.48 -40.99 -32.07
C VAL B 124 9.64 -42.39 -31.52
N CYS B 125 8.83 -43.30 -32.07
CA CYS B 125 8.88 -44.71 -31.70
C CYS B 125 9.07 -45.51 -32.98
N PRO B 126 9.78 -46.64 -32.88
CA PRO B 126 10.05 -47.49 -34.02
C PRO B 126 8.76 -48.08 -34.57
N ASP B 127 8.80 -48.48 -35.82
CA ASP B 127 7.64 -49.06 -36.46
C ASP B 127 7.47 -50.50 -35.99
N PHE B 128 6.21 -50.93 -35.92
CA PHE B 128 5.80 -52.29 -35.55
C PHE B 128 6.89 -53.29 -36.06
N LYS B 129 6.88 -53.45 -37.37
CA LYS B 129 7.76 -54.34 -38.13
C LYS B 129 9.25 -54.29 -37.79
N THR B 130 9.73 -53.20 -37.21
CA THR B 130 11.17 -53.10 -36.91
C THR B 130 11.67 -54.00 -35.79
N CYS B 131 10.83 -54.22 -34.80
CA CYS B 131 11.21 -55.03 -33.64
C CYS B 131 10.85 -56.48 -33.70
N PRO B 132 11.55 -57.31 -32.92
CA PRO B 132 11.22 -58.75 -32.94
C PRO B 132 9.81 -58.90 -32.32
N VAL B 133 9.07 -59.94 -32.69
CA VAL B 133 7.70 -60.08 -32.19
C VAL B 133 7.58 -60.01 -30.71
N GLN B 134 8.43 -60.75 -30.00
CA GLN B 134 8.34 -60.78 -28.55
C GLN B 134 8.40 -59.40 -27.92
N ALA B 135 9.02 -58.43 -28.60
CA ALA B 135 9.08 -57.06 -28.09
C ALA B 135 7.85 -56.29 -28.63
N ARG B 136 7.64 -56.44 -29.92
CA ARG B 136 6.57 -55.83 -30.64
C ARG B 136 5.23 -56.09 -29.99
N GLU B 137 5.03 -57.34 -29.57
CA GLU B 137 3.75 -57.74 -28.97
C GLU B 137 3.88 -57.94 -27.46
N SER B 138 4.98 -57.47 -26.91
CA SER B 138 5.22 -57.62 -25.49
C SER B 138 4.09 -57.12 -24.60
N PHE B 139 3.58 -55.95 -24.91
CA PHE B 139 2.53 -55.42 -24.07
C PHE B 139 1.13 -55.94 -24.38
N TRP B 140 0.65 -55.74 -25.60
CA TRP B 140 -0.70 -56.21 -25.85
C TRP B 140 -0.79 -57.72 -25.83
N GLY B 141 0.33 -58.37 -26.12
CA GLY B 141 0.35 -59.83 -26.11
C GLY B 141 0.14 -60.29 -24.69
N MET B 142 0.97 -59.77 -23.81
CA MET B 142 0.88 -60.10 -22.41
C MET B 142 -0.52 -59.73 -21.88
N ALA B 143 -0.98 -58.53 -22.22
CA ALA B 143 -2.30 -58.08 -21.78
C ALA B 143 -3.34 -59.12 -22.18
N SER B 144 -3.28 -59.52 -23.44
CA SER B 144 -4.22 -60.52 -23.92
C SER B 144 -4.09 -61.82 -23.14
N SER B 145 -2.87 -62.22 -22.85
CA SER B 145 -2.67 -63.46 -22.11
C SER B 145 -3.27 -63.36 -20.71
N SER B 146 -2.85 -62.34 -20.00
CA SER B 146 -3.33 -62.18 -18.67
C SER B 146 -4.86 -62.15 -18.68
N TYR B 147 -5.43 -61.39 -19.59
CA TYR B 147 -6.86 -61.28 -19.70
C TYR B 147 -7.50 -62.65 -19.88
N ALA B 148 -7.10 -63.35 -20.92
CA ALA B 148 -7.67 -64.65 -21.21
C ALA B 148 -7.54 -65.61 -20.06
N HIS B 149 -6.38 -65.59 -19.42
CA HIS B 149 -6.11 -66.46 -18.28
C HIS B 149 -7.15 -66.28 -17.16
N SER B 150 -7.73 -65.08 -17.07
CA SER B 150 -8.71 -64.73 -16.05
C SER B 150 -10.14 -65.03 -16.41
N ALA B 151 -10.37 -65.52 -17.62
CA ALA B 151 -11.73 -65.80 -18.00
C ALA B 151 -12.31 -67.01 -17.26
N GLU B 152 -13.59 -66.90 -16.96
CA GLU B 152 -14.29 -67.96 -16.29
C GLU B 152 -15.59 -68.24 -17.04
N GLY B 153 -16.10 -69.46 -16.92
CA GLY B 153 -17.36 -69.81 -17.53
C GLY B 153 -17.40 -69.72 -19.04
N GLU B 154 -18.54 -69.33 -19.59
CA GLU B 154 -18.66 -69.20 -21.03
C GLU B 154 -17.83 -68.02 -21.47
N VAL B 155 -17.22 -68.18 -22.63
CA VAL B 155 -16.38 -67.18 -23.22
C VAL B 155 -16.96 -66.97 -24.62
N THR B 156 -16.89 -65.76 -25.15
CA THR B 156 -17.44 -65.50 -26.47
C THR B 156 -16.38 -64.95 -27.44
N TYR B 157 -16.42 -65.39 -28.69
CA TYR B 157 -15.44 -64.94 -29.68
C TYR B 157 -16.12 -64.48 -30.94
N MET B 158 -15.88 -63.22 -31.29
CA MET B 158 -16.49 -62.71 -32.51
C MET B 158 -15.43 -62.60 -33.61
N VAL B 159 -15.73 -63.16 -34.76
CA VAL B 159 -14.80 -63.16 -35.86
C VAL B 159 -15.37 -62.66 -37.16
N ASP B 160 -14.48 -62.27 -38.06
CA ASP B 160 -14.89 -61.77 -39.35
C ASP B 160 -14.99 -62.97 -40.30
N GLY B 161 -16.19 -63.27 -40.78
CA GLY B 161 -16.34 -64.38 -41.69
C GLY B 161 -16.45 -63.93 -43.12
N SER B 162 -16.10 -62.66 -43.38
CA SER B 162 -16.20 -62.11 -44.73
C SER B 162 -14.88 -61.58 -45.24
N ASN B 163 -13.78 -62.11 -44.71
CA ASN B 163 -12.51 -61.61 -45.17
C ASN B 163 -11.76 -62.67 -45.94
N PRO B 164 -11.78 -62.57 -47.27
CA PRO B 164 -11.10 -63.52 -48.17
C PRO B 164 -9.61 -63.73 -47.90
N LYS B 165 -8.95 -62.70 -47.38
CA LYS B 165 -7.52 -62.81 -47.08
C LYS B 165 -7.19 -63.31 -45.66
N VAL B 166 -8.14 -63.27 -44.75
CA VAL B 166 -7.89 -63.67 -43.37
C VAL B 166 -8.95 -64.58 -42.80
N PRO B 167 -8.62 -65.85 -42.63
CA PRO B 167 -9.61 -66.77 -42.08
C PRO B 167 -10.11 -66.35 -40.70
N ALA B 168 -11.38 -66.67 -40.43
CA ALA B 168 -12.03 -66.34 -39.15
C ALA B 168 -11.09 -66.68 -37.99
N TYR B 169 -10.62 -67.93 -37.95
CA TYR B 169 -9.72 -68.34 -36.90
C TYR B 169 -8.34 -68.56 -37.48
N ARG B 170 -7.32 -68.11 -36.77
CA ARG B 170 -5.94 -68.27 -37.21
C ARG B 170 -5.08 -68.59 -36.02
N PRO B 171 -4.26 -69.64 -36.10
CA PRO B 171 -3.38 -70.01 -34.99
C PRO B 171 -2.54 -68.80 -34.56
N ASP B 172 -2.29 -67.87 -35.48
CA ASP B 172 -1.46 -66.75 -35.09
C ASP B 172 -2.04 -65.33 -35.08
N SER B 173 -3.31 -65.25 -34.68
CA SER B 173 -3.96 -63.98 -34.50
C SER B 173 -3.65 -63.86 -33.01
N PHE B 174 -3.82 -62.68 -32.43
CA PHE B 174 -3.57 -62.55 -31.01
C PHE B 174 -4.44 -63.54 -30.23
N PHE B 175 -5.62 -63.85 -30.77
CA PHE B 175 -6.50 -64.79 -30.13
C PHE B 175 -5.85 -66.16 -30.15
N GLY B 176 -5.44 -66.58 -31.32
CA GLY B 176 -4.85 -67.89 -31.45
C GLY B 176 -3.51 -68.04 -30.76
N LYS B 177 -2.80 -66.92 -30.61
CA LYS B 177 -1.47 -66.92 -29.97
C LYS B 177 -1.52 -66.78 -28.46
N TYR B 178 -2.34 -65.87 -27.98
CA TYR B 178 -2.40 -65.60 -26.55
C TYR B 178 -3.71 -65.80 -25.84
N GLU B 179 -4.83 -65.68 -26.52
CA GLU B 179 -6.08 -65.84 -25.83
C GLU B 179 -6.54 -67.33 -25.73
N LEU B 180 -6.90 -67.98 -26.83
CA LEU B 180 -7.33 -69.35 -26.77
C LEU B 180 -6.40 -70.33 -25.98
N PRO B 181 -5.09 -70.31 -26.25
CA PRO B 181 -4.18 -71.20 -25.53
C PRO B 181 -4.08 -70.94 -24.03
N ASN B 182 -4.54 -69.78 -23.58
CA ASN B 182 -4.45 -69.47 -22.18
C ASN B 182 -5.77 -69.61 -21.41
N LEU B 183 -6.82 -70.06 -22.08
CA LEU B 183 -8.07 -70.28 -21.38
C LEU B 183 -7.85 -71.41 -20.36
N THR B 184 -8.21 -71.15 -19.11
CA THR B 184 -8.06 -72.13 -18.04
C THR B 184 -9.25 -73.07 -17.98
N ASN B 185 -9.14 -74.07 -17.10
CA ASN B 185 -10.19 -75.05 -16.93
C ASN B 185 -11.41 -74.41 -16.27
N LYS B 186 -11.30 -73.12 -15.92
CA LYS B 186 -12.41 -72.36 -15.33
C LYS B 186 -13.37 -72.00 -16.48
N VAL B 187 -12.86 -72.10 -17.71
CA VAL B 187 -13.68 -71.80 -18.87
C VAL B 187 -14.49 -73.05 -19.18
N THR B 188 -15.78 -72.82 -19.46
CA THR B 188 -16.77 -73.85 -19.73
C THR B 188 -17.00 -74.09 -21.20
N ARG B 189 -17.28 -72.99 -21.90
CA ARG B 189 -17.63 -73.08 -23.30
C ARG B 189 -17.05 -71.92 -24.08
N VAL B 190 -16.99 -72.09 -25.39
CA VAL B 190 -16.48 -71.07 -26.27
C VAL B 190 -17.59 -70.90 -27.29
N LYS B 191 -18.31 -69.79 -27.20
CA LYS B 191 -19.40 -69.51 -28.15
C LYS B 191 -18.82 -68.59 -29.22
N VAL B 192 -18.95 -68.98 -30.47
CA VAL B 192 -18.41 -68.16 -31.55
C VAL B 192 -19.48 -67.42 -32.27
N ILE B 193 -19.19 -66.20 -32.65
CA ILE B 193 -20.14 -65.39 -33.39
C ILE B 193 -19.41 -65.01 -34.63
N VAL B 194 -19.90 -65.51 -35.76
CA VAL B 194 -19.28 -65.23 -37.03
C VAL B 194 -20.01 -64.03 -37.60
N LEU B 195 -19.25 -63.05 -38.01
CA LEU B 195 -19.82 -61.86 -38.55
C LEU B 195 -19.76 -61.90 -40.08
N HIS B 196 -20.88 -61.73 -40.75
CA HIS B 196 -20.89 -61.70 -42.21
C HIS B 196 -21.18 -60.28 -42.63
N ARG B 197 -20.15 -59.46 -42.80
CA ARG B 197 -20.33 -58.08 -43.20
C ARG B 197 -21.40 -57.94 -44.28
N LEU B 198 -22.24 -56.92 -44.15
CA LEU B 198 -23.34 -56.72 -45.09
C LEU B 198 -22.94 -56.44 -46.52
N GLY B 199 -23.66 -57.07 -47.45
CA GLY B 199 -23.37 -56.92 -48.87
C GLY B 199 -21.98 -57.42 -49.21
N GLU B 200 -21.54 -58.50 -48.56
CA GLU B 200 -20.22 -59.06 -48.78
C GLU B 200 -20.26 -60.55 -48.94
N LYS B 201 -19.51 -61.06 -49.91
CA LYS B 201 -19.49 -62.48 -50.11
C LYS B 201 -19.10 -63.15 -48.79
N ILE B 202 -19.89 -64.14 -48.40
CA ILE B 202 -19.64 -64.90 -47.19
C ILE B 202 -18.40 -65.74 -47.45
N ILE B 203 -17.43 -65.71 -46.53
CA ILE B 203 -16.23 -66.48 -46.71
C ILE B 203 -16.14 -67.68 -45.78
N GLU B 204 -16.40 -67.47 -44.50
CA GLU B 204 -16.34 -68.55 -43.54
C GLU B 204 -17.71 -68.88 -43.03
N LYS B 205 -17.90 -70.13 -42.69
CA LYS B 205 -19.18 -70.59 -42.16
C LYS B 205 -18.92 -71.59 -41.05
N CYS B 206 -19.86 -71.71 -40.11
CA CYS B 206 -19.69 -72.63 -39.00
C CYS B 206 -19.51 -74.05 -39.50
N GLY B 207 -18.73 -74.84 -38.77
CA GLY B 207 -18.50 -76.21 -39.17
C GLY B 207 -17.67 -76.37 -40.42
N ALA B 208 -17.13 -75.26 -40.92
CA ALA B 208 -16.32 -75.28 -42.13
C ALA B 208 -15.03 -74.45 -42.00
N GLY B 209 -14.09 -74.71 -42.89
CA GLY B 209 -12.85 -73.95 -42.84
C GLY B 209 -12.19 -73.83 -41.48
N SER B 210 -11.75 -72.63 -41.16
CA SER B 210 -11.06 -72.41 -39.90
C SER B 210 -11.98 -72.60 -38.70
N LEU B 211 -13.27 -72.35 -38.89
CA LEU B 211 -14.24 -72.52 -37.81
C LEU B 211 -14.34 -73.97 -37.41
N LEU B 212 -14.22 -74.83 -38.41
CA LEU B 212 -14.26 -76.25 -38.22
C LEU B 212 -12.99 -76.64 -37.45
N ASP B 213 -11.86 -76.02 -37.78
CA ASP B 213 -10.59 -76.34 -37.09
C ASP B 213 -10.66 -75.90 -35.63
N LEU B 214 -11.20 -74.70 -35.43
CA LEU B 214 -11.32 -74.12 -34.11
C LEU B 214 -12.17 -75.02 -33.24
N GLU B 215 -13.27 -75.49 -33.81
CA GLU B 215 -14.18 -76.36 -33.10
C GLU B 215 -13.42 -77.58 -32.54
N LYS B 216 -12.62 -78.22 -33.38
CA LYS B 216 -11.87 -79.40 -32.95
C LYS B 216 -10.93 -78.95 -31.85
N LEU B 217 -10.22 -77.88 -32.14
CA LEU B 217 -9.26 -77.30 -31.24
C LEU B 217 -9.86 -77.00 -29.88
N VAL B 218 -11.08 -76.50 -29.88
CA VAL B 218 -11.77 -76.14 -28.65
C VAL B 218 -12.20 -77.38 -27.89
N LYS B 219 -12.87 -78.30 -28.57
CA LYS B 219 -13.32 -79.52 -27.92
C LYS B 219 -12.09 -80.22 -27.38
N ALA B 220 -10.96 -80.01 -28.06
CA ALA B 220 -9.72 -80.60 -27.63
C ALA B 220 -9.37 -80.07 -26.24
N LYS B 221 -9.41 -78.76 -26.06
CA LYS B 221 -9.10 -78.21 -24.76
C LYS B 221 -10.20 -78.53 -23.73
N HIS B 222 -11.15 -79.36 -24.17
CA HIS B 222 -12.27 -79.81 -23.34
C HIS B 222 -13.29 -78.75 -22.99
N PHE B 223 -13.72 -77.97 -23.98
CA PHE B 223 -14.71 -76.94 -23.75
C PHE B 223 -15.90 -77.25 -24.65
N ALA B 224 -17.08 -76.78 -24.30
CA ALA B 224 -18.23 -77.01 -25.17
C ALA B 224 -18.02 -75.97 -26.25
N PHE B 225 -18.73 -76.08 -27.35
CA PHE B 225 -18.52 -75.13 -28.45
C PHE B 225 -19.84 -74.77 -29.18
N ASP B 226 -20.04 -73.48 -29.44
CA ASP B 226 -21.25 -73.00 -30.14
C ASP B 226 -20.78 -72.14 -31.26
N CYS B 227 -21.65 -71.86 -32.20
CA CYS B 227 -21.26 -71.01 -33.29
C CYS B 227 -22.52 -70.52 -33.96
N VAL B 228 -22.59 -69.24 -34.25
CA VAL B 228 -23.75 -68.67 -34.89
C VAL B 228 -23.28 -67.64 -35.88
N GLU B 229 -24.01 -67.51 -36.97
CA GLU B 229 -23.65 -66.56 -38.01
C GLU B 229 -24.68 -65.45 -37.94
N ASN B 230 -24.19 -64.21 -37.82
CA ASN B 230 -25.05 -63.04 -37.74
C ASN B 230 -26.30 -63.21 -36.88
N PRO B 231 -26.12 -63.47 -35.57
CA PRO B 231 -27.29 -63.63 -34.70
C PRO B 231 -28.04 -62.32 -34.76
N ARG B 232 -29.36 -62.38 -34.71
CA ARG B 232 -30.16 -61.19 -34.86
C ARG B 232 -29.75 -59.97 -34.07
N ALA B 233 -29.44 -60.12 -32.79
CA ALA B 233 -29.01 -58.97 -32.01
C ALA B 233 -27.86 -58.23 -32.74
N VAL B 234 -26.89 -59.00 -33.23
CA VAL B 234 -25.75 -58.44 -33.92
C VAL B 234 -26.11 -57.93 -35.33
N LEU B 235 -26.90 -58.71 -36.06
CA LEU B 235 -27.29 -58.31 -37.40
C LEU B 235 -27.87 -56.92 -37.34
N PHE B 236 -28.78 -56.71 -36.41
CA PHE B 236 -29.43 -55.44 -36.28
C PHE B 236 -28.43 -54.33 -36.08
N LEU B 237 -27.36 -54.62 -35.36
CA LEU B 237 -26.35 -53.61 -35.13
C LEU B 237 -25.70 -53.22 -36.47
N LEU B 238 -25.42 -54.22 -37.29
CA LEU B 238 -24.82 -54.00 -38.59
C LEU B 238 -25.76 -53.18 -39.46
N CYS B 239 -27.04 -53.52 -39.39
CA CYS B 239 -28.05 -52.84 -40.17
C CYS B 239 -28.16 -51.36 -39.85
N SER B 240 -27.93 -51.01 -38.58
CA SER B 240 -28.02 -49.62 -38.18
C SER B 240 -27.10 -48.74 -39.02
N ASP B 241 -25.87 -49.17 -39.26
CA ASP B 241 -24.94 -48.36 -40.04
C ASP B 241 -25.14 -48.46 -41.54
N ASN B 242 -26.00 -49.37 -41.95
CA ASN B 242 -26.29 -49.56 -43.36
C ASN B 242 -27.67 -50.19 -43.50
N PRO B 243 -28.72 -49.37 -43.34
CA PRO B 243 -30.15 -49.68 -43.40
C PRO B 243 -30.64 -50.25 -44.73
N ASN B 244 -30.07 -49.74 -45.82
CA ASN B 244 -30.47 -50.18 -47.12
C ASN B 244 -30.04 -51.57 -47.46
N ALA B 245 -29.00 -52.03 -46.78
CA ALA B 245 -28.50 -53.38 -47.02
C ALA B 245 -29.64 -54.35 -47.25
N ARG B 246 -29.46 -55.21 -48.24
CA ARG B 246 -30.45 -56.18 -48.60
C ARG B 246 -30.79 -57.10 -47.41
N GLU B 247 -29.81 -57.43 -46.61
CA GLU B 247 -30.04 -58.34 -45.47
C GLU B 247 -30.82 -57.71 -44.34
N CYS B 248 -31.14 -56.43 -44.49
CA CYS B 248 -31.88 -55.72 -43.44
C CYS B 248 -33.31 -55.41 -43.82
N ARG B 249 -33.75 -55.86 -44.99
CA ARG B 249 -35.10 -55.57 -45.43
C ARG B 249 -36.08 -56.00 -44.34
N LEU B 250 -36.97 -55.06 -44.01
CA LEU B 250 -37.97 -55.25 -42.97
C LEU B 250 -39.19 -55.97 -43.51
N ALA B 251 -39.70 -56.92 -42.73
CA ALA B 251 -40.90 -57.70 -43.09
C ALA B 251 -42.04 -56.79 -43.55
N ILE C 1 36.12 -14.57 -46.70
CA ILE C 1 35.57 -14.14 -45.38
C ILE C 1 36.65 -14.25 -44.29
N VAL C 2 36.75 -13.25 -43.44
CA VAL C 2 37.76 -13.24 -42.38
C VAL C 2 37.29 -13.76 -40.99
N PRO C 3 38.02 -14.70 -40.43
CA PRO C 3 37.69 -15.28 -39.14
C PRO C 3 37.78 -14.32 -37.95
N THR C 4 36.98 -14.62 -36.93
CA THR C 4 36.96 -13.83 -35.72
C THR C 4 38.29 -13.96 -34.99
N ARG C 5 38.86 -12.86 -34.53
CA ARG C 5 40.14 -12.92 -33.83
C ARG C 5 39.96 -13.53 -32.45
N GLU C 6 41.04 -14.10 -31.95
CA GLU C 6 41.04 -14.70 -30.61
C GLU C 6 39.77 -15.48 -30.31
N LEU C 7 39.37 -16.32 -31.26
CA LEU C 7 38.19 -17.13 -31.11
C LEU C 7 38.08 -17.71 -29.70
N GLU C 8 39.11 -18.39 -29.23
CA GLU C 8 39.15 -18.97 -27.89
C GLU C 8 38.67 -17.97 -26.83
N ASN C 9 39.38 -16.85 -26.73
CA ASN C 9 39.02 -15.87 -25.74
C ASN C 9 37.60 -15.32 -25.91
N VAL C 10 37.22 -14.96 -27.12
CA VAL C 10 35.87 -14.44 -27.31
C VAL C 10 34.87 -15.50 -26.82
N PHE C 11 35.09 -16.74 -27.24
CA PHE C 11 34.21 -17.81 -26.84
C PHE C 11 34.14 -17.91 -25.31
N LEU C 12 35.29 -18.07 -24.67
CA LEU C 12 35.33 -18.19 -23.22
C LEU C 12 34.81 -16.95 -22.53
N GLY C 13 35.11 -15.79 -23.07
CA GLY C 13 34.63 -14.56 -22.47
C GLY C 13 33.12 -14.53 -22.51
N ARG C 14 32.56 -14.74 -23.70
CA ARG C 14 31.12 -14.73 -23.87
C ARG C 14 30.49 -15.78 -23.03
N CYS C 15 31.18 -16.89 -22.89
CA CYS C 15 30.63 -18.00 -22.14
C CYS C 15 30.49 -17.62 -20.67
N LYS C 16 31.60 -17.14 -20.11
CA LYS C 16 31.62 -16.75 -18.71
C LYS C 16 30.59 -15.65 -18.43
N ASP C 17 30.55 -14.65 -19.32
CA ASP C 17 29.62 -13.55 -19.16
C ASP C 17 28.19 -14.06 -19.06
N TYR C 18 27.87 -15.01 -19.92
CA TYR C 18 26.54 -15.60 -19.95
C TYR C 18 26.29 -16.34 -18.67
N GLU C 19 27.16 -17.30 -18.37
CA GLU C 19 27.06 -18.11 -17.16
C GLU C 19 26.69 -17.29 -15.92
N ILE C 20 27.52 -16.30 -15.64
CA ILE C 20 27.33 -15.53 -14.45
C ILE C 20 26.29 -14.44 -14.48
N THR C 21 26.04 -13.85 -15.65
CA THR C 21 25.12 -12.72 -15.71
C THR C 21 24.06 -12.55 -16.77
N ARG C 22 23.94 -13.43 -17.75
CA ARG C 22 23.00 -13.13 -18.83
C ARG C 22 21.50 -13.34 -18.85
N TYR C 23 21.01 -14.57 -18.73
CA TYR C 23 19.55 -14.66 -18.73
C TYR C 23 19.18 -15.39 -17.48
N LEU C 24 19.84 -14.99 -16.40
CA LEU C 24 19.65 -15.60 -15.09
C LEU C 24 18.22 -15.96 -14.82
N ASP C 25 17.29 -15.08 -15.15
CA ASP C 25 15.91 -15.43 -14.87
C ASP C 25 15.10 -16.14 -15.97
N ILE C 26 15.57 -16.05 -17.21
CA ILE C 26 14.85 -16.64 -18.31
C ILE C 26 15.32 -18.06 -18.64
N LEU C 27 16.63 -18.27 -18.64
CA LEU C 27 17.17 -19.57 -18.98
C LEU C 27 18.05 -20.18 -17.90
N PRO C 28 18.05 -21.52 -17.82
CA PRO C 28 18.83 -22.29 -16.84
C PRO C 28 20.29 -22.19 -17.16
N ARG C 29 21.15 -22.36 -16.15
CA ARG C 29 22.57 -22.35 -16.43
C ARG C 29 22.90 -23.75 -16.95
N VAL C 30 23.97 -23.86 -17.70
CA VAL C 30 24.31 -25.15 -18.23
C VAL C 30 25.26 -25.79 -17.22
N ARG C 31 25.26 -27.10 -17.24
CA ARG C 31 26.04 -27.87 -16.30
C ARG C 31 27.55 -27.84 -16.50
N SER C 32 27.99 -28.01 -17.75
CA SER C 32 29.43 -28.02 -18.09
C SER C 32 30.05 -26.64 -17.93
N ASP C 33 31.33 -26.60 -17.60
CA ASP C 33 31.99 -25.31 -17.45
C ASP C 33 32.51 -24.89 -18.81
N CYS C 34 32.93 -23.63 -18.90
CA CYS C 34 33.38 -23.09 -20.16
C CYS C 34 34.51 -23.82 -20.85
N SER C 35 35.51 -24.23 -20.09
CA SER C 35 36.64 -24.95 -20.68
C SER C 35 36.16 -26.22 -21.36
N ALA C 36 35.23 -26.91 -20.71
CA ALA C 36 34.65 -28.14 -21.23
C ALA C 36 33.88 -27.82 -22.51
N LEU C 37 33.10 -26.75 -22.49
CA LEU C 37 32.33 -26.36 -23.66
C LEU C 37 33.28 -25.98 -24.80
N TRP C 38 34.40 -25.38 -24.44
CA TRP C 38 35.36 -25.03 -25.47
C TRP C 38 35.89 -26.30 -26.14
N LYS C 39 36.33 -27.28 -25.34
CA LYS C 39 36.84 -28.51 -25.90
C LYS C 39 35.84 -29.16 -26.84
N ASP C 40 34.59 -29.28 -26.42
CA ASP C 40 33.57 -29.91 -27.27
C ASP C 40 33.38 -29.14 -28.56
N PHE C 41 33.47 -27.83 -28.46
CA PHE C 41 33.30 -26.97 -29.63
C PHE C 41 34.51 -27.04 -30.54
N PHE C 42 35.71 -27.06 -29.96
CA PHE C 42 36.91 -27.11 -30.76
C PHE C 42 37.08 -28.43 -31.50
N LYS C 43 36.97 -29.55 -30.79
CA LYS C 43 37.17 -30.83 -31.44
C LYS C 43 36.30 -30.98 -32.66
N ALA C 44 35.14 -30.36 -32.62
CA ALA C 44 34.21 -30.44 -33.74
C ALA C 44 34.78 -30.04 -35.11
N PHE C 45 35.65 -29.03 -35.14
CA PHE C 45 36.16 -28.59 -36.43
C PHE C 45 37.66 -28.47 -36.50
N SER C 46 38.36 -28.59 -35.37
CA SER C 46 39.81 -28.45 -35.38
C SER C 46 40.54 -29.60 -36.05
N PHE C 47 41.62 -29.24 -36.73
CA PHE C 47 42.49 -30.19 -37.44
C PHE C 47 41.81 -30.94 -38.58
N LYS C 48 40.64 -30.48 -38.99
CA LYS C 48 39.93 -31.08 -40.10
C LYS C 48 40.00 -29.99 -41.15
N ASN C 49 39.61 -30.27 -42.39
CA ASN C 49 39.62 -29.24 -43.41
C ASN C 49 38.40 -28.39 -43.22
N PRO C 50 38.48 -27.10 -43.56
CA PRO C 50 37.32 -26.25 -43.37
C PRO C 50 35.99 -26.83 -43.81
N CYS C 51 35.98 -27.58 -44.92
CA CYS C 51 34.73 -28.13 -45.40
C CYS C 51 34.44 -29.54 -44.92
N ASP C 52 35.19 -29.96 -43.92
CA ASP C 52 35.08 -31.32 -43.37
C ASP C 52 34.16 -31.46 -42.15
N LEU C 53 32.88 -31.17 -42.31
CA LEU C 53 31.96 -31.26 -41.17
C LEU C 53 30.59 -31.70 -41.64
N ASP C 54 29.80 -32.19 -40.69
CA ASP C 54 28.46 -32.65 -40.97
C ASP C 54 27.62 -32.37 -39.73
N LEU C 55 26.32 -32.59 -39.85
CA LEU C 55 25.40 -32.34 -38.76
C LEU C 55 25.83 -32.92 -37.42
N GLY C 56 26.69 -33.93 -37.46
CA GLY C 56 27.12 -34.52 -36.22
C GLY C 56 28.34 -33.90 -35.59
N SER C 57 29.14 -33.17 -36.36
CA SER C 57 30.36 -32.58 -35.84
C SER C 57 30.24 -31.88 -34.51
N TYR C 58 29.20 -31.08 -34.33
CA TYR C 58 29.04 -30.36 -33.07
C TYR C 58 28.03 -31.02 -32.14
N LYS C 59 27.73 -32.28 -32.39
CA LYS C 59 26.76 -32.97 -31.55
C LYS C 59 27.14 -32.91 -30.08
N ASP C 60 28.37 -33.25 -29.77
CA ASP C 60 28.79 -33.22 -28.39
C ASP C 60 28.67 -31.82 -27.83
N PHE C 61 29.14 -30.85 -28.58
CA PHE C 61 29.06 -29.49 -28.09
C PHE C 61 27.61 -29.16 -27.74
N PHE C 62 26.69 -29.32 -28.71
CA PHE C 62 25.31 -28.98 -28.45
C PHE C 62 24.63 -29.75 -27.35
N THR C 63 25.10 -30.95 -27.09
CA THR C 63 24.55 -31.74 -26.03
C THR C 63 24.92 -31.07 -24.70
N SER C 64 26.19 -30.67 -24.57
CA SER C 64 26.64 -30.03 -23.36
C SER C 64 26.09 -28.63 -23.17
N ALA C 65 25.82 -27.94 -24.29
CA ALA C 65 25.35 -26.56 -24.24
C ALA C 65 23.84 -26.39 -24.29
N GLN C 66 23.10 -27.49 -24.46
CA GLN C 66 21.67 -27.35 -24.55
C GLN C 66 20.99 -27.05 -23.24
N GLN C 67 20.17 -26.02 -23.26
CA GLN C 67 19.44 -25.60 -22.09
C GLN C 67 17.97 -25.97 -22.22
N GLN C 68 17.27 -26.25 -21.13
CA GLN C 68 15.84 -26.53 -21.28
C GLN C 68 15.20 -25.19 -21.57
N LEU C 69 14.28 -25.18 -22.52
CA LEU C 69 13.65 -23.92 -22.89
C LEU C 69 12.32 -23.66 -22.21
N PRO C 70 12.03 -22.38 -21.92
CA PRO C 70 10.76 -22.04 -21.26
C PRO C 70 9.46 -22.25 -22.07
N LYS C 71 8.54 -23.04 -21.51
CA LYS C 71 7.27 -23.34 -22.18
C LYS C 71 6.60 -22.14 -22.91
N ASN C 72 6.16 -22.39 -24.14
CA ASN C 72 5.48 -21.36 -24.95
C ASN C 72 6.35 -20.16 -25.35
N LYS C 73 7.57 -20.12 -24.86
CA LYS C 73 8.39 -18.97 -25.13
C LYS C 73 9.33 -19.17 -26.30
N VAL C 74 9.38 -20.37 -26.86
CA VAL C 74 10.33 -20.52 -27.94
C VAL C 74 9.87 -19.87 -29.23
N MET C 75 10.77 -19.12 -29.84
CA MET C 75 10.44 -18.47 -31.09
C MET C 75 11.43 -18.80 -32.18
N PHE C 76 10.90 -19.00 -33.37
CA PHE C 76 11.67 -19.29 -34.57
C PHE C 76 11.37 -18.17 -35.57
N TRP C 77 12.31 -17.89 -36.45
CA TRP C 77 12.07 -16.84 -37.41
C TRP C 77 12.74 -17.12 -38.74
N SER C 78 12.29 -16.42 -39.75
CA SER C 78 12.85 -16.56 -41.09
C SER C 78 12.92 -15.20 -41.78
N GLY C 79 14.14 -14.84 -42.20
CA GLY C 79 14.34 -13.59 -42.91
C GLY C 79 13.80 -12.35 -42.26
N VAL C 80 13.77 -12.31 -40.94
CA VAL C 80 13.28 -11.12 -40.23
C VAL C 80 14.03 -11.01 -38.91
N TYR C 81 15.33 -11.29 -38.98
CA TYR C 81 16.16 -11.28 -37.78
C TYR C 81 15.89 -10.08 -36.86
N ASP C 82 16.08 -8.87 -37.36
CA ASP C 82 15.86 -7.70 -36.52
C ASP C 82 14.46 -7.61 -35.91
N GLU C 83 13.44 -7.74 -36.74
CA GLU C 83 12.09 -7.65 -36.21
C GLU C 83 11.80 -8.77 -35.19
N ALA C 84 12.22 -10.00 -35.49
CA ALA C 84 11.97 -11.11 -34.59
C ALA C 84 12.64 -10.88 -33.26
N HIS C 85 13.92 -10.52 -33.28
CA HIS C 85 14.58 -10.29 -32.00
C HIS C 85 14.05 -9.11 -31.21
N ASP C 86 13.69 -8.02 -31.90
CA ASP C 86 13.15 -6.90 -31.16
C ASP C 86 11.86 -7.31 -30.46
N TYR C 87 10.99 -8.02 -31.17
CA TYR C 87 9.75 -8.46 -30.57
C TYR C 87 10.01 -9.42 -29.42
N ALA C 88 10.94 -10.38 -29.63
CA ALA C 88 11.28 -11.34 -28.58
C ALA C 88 11.78 -10.58 -27.36
N ASN C 89 12.39 -9.44 -27.62
CA ASN C 89 12.86 -8.56 -26.55
C ASN C 89 13.84 -9.21 -25.55
N THR C 90 14.85 -9.87 -26.08
CA THR C 90 15.86 -10.48 -25.21
C THR C 90 15.29 -11.42 -24.15
N GLY C 91 14.58 -12.44 -24.61
CA GLY C 91 14.03 -13.41 -23.70
C GLY C 91 12.85 -12.94 -22.88
N ARG C 92 12.55 -11.65 -22.91
CA ARG C 92 11.43 -11.18 -22.13
C ARG C 92 10.08 -11.66 -22.63
N LYS C 93 9.87 -11.63 -23.94
CA LYS C 93 8.60 -12.09 -24.49
C LYS C 93 8.75 -13.51 -25.02
N TYR C 94 9.79 -13.73 -25.81
CA TYR C 94 10.06 -15.05 -26.35
C TYR C 94 11.56 -15.18 -26.32
N ILE C 95 12.06 -16.40 -26.31
CA ILE C 95 13.50 -16.50 -26.38
C ILE C 95 13.76 -16.97 -27.81
N THR C 96 14.94 -16.72 -28.32
CA THR C 96 15.28 -17.15 -29.66
C THR C 96 16.56 -17.93 -29.52
N LEU C 97 16.97 -18.58 -30.60
CA LEU C 97 18.21 -19.35 -30.56
C LEU C 97 19.32 -18.46 -30.04
N GLU C 98 19.34 -17.20 -30.50
CA GLU C 98 20.35 -16.21 -30.14
C GLU C 98 20.45 -15.91 -28.66
N ASP C 99 19.41 -16.22 -27.91
CA ASP C 99 19.41 -15.94 -26.48
C ASP C 99 20.06 -17.05 -25.71
N THR C 100 20.00 -18.25 -26.29
CA THR C 100 20.55 -19.42 -25.61
C THR C 100 22.05 -19.38 -25.57
N LEU C 101 22.62 -20.13 -24.66
CA LEU C 101 24.05 -20.19 -24.50
C LEU C 101 24.84 -20.38 -25.82
N PRO C 102 24.52 -21.44 -26.55
CA PRO C 102 25.22 -21.69 -27.81
C PRO C 102 25.09 -20.54 -28.78
N GLY C 103 23.87 -20.02 -28.92
CA GLY C 103 23.65 -18.94 -29.85
C GLY C 103 24.33 -17.65 -29.48
N TYR C 104 24.26 -17.33 -28.20
CA TYR C 104 24.86 -16.12 -27.69
C TYR C 104 26.36 -16.25 -27.89
N MET C 105 26.91 -17.41 -27.61
CA MET C 105 28.35 -17.56 -27.76
C MET C 105 28.86 -17.41 -29.18
N LEU C 106 28.30 -18.15 -30.11
CA LEU C 106 28.78 -18.06 -31.47
C LEU C 106 28.09 -17.06 -32.36
N ASN C 107 27.12 -16.31 -31.86
CA ASN C 107 26.45 -15.37 -32.74
C ASN C 107 27.42 -14.45 -33.46
N SER C 108 27.32 -14.43 -34.79
CA SER C 108 28.18 -13.58 -35.63
C SER C 108 29.63 -13.98 -35.73
N LEU C 109 30.07 -15.01 -35.01
CA LEU C 109 31.46 -15.33 -35.09
C LEU C 109 31.76 -16.13 -36.37
N VAL C 110 33.01 -16.02 -36.84
CA VAL C 110 33.50 -16.69 -38.03
C VAL C 110 34.72 -17.53 -37.68
N TRP C 111 34.66 -18.81 -38.00
CA TRP C 111 35.77 -19.69 -37.70
C TRP C 111 35.71 -20.89 -38.62
N CYS C 112 36.83 -21.59 -38.73
CA CYS C 112 36.91 -22.78 -39.59
C CYS C 112 38.17 -23.49 -39.25
N GLY C 113 38.19 -24.78 -39.52
CA GLY C 113 39.38 -25.54 -39.23
C GLY C 113 40.38 -25.56 -40.37
N GLN C 114 41.54 -26.11 -40.08
CA GLN C 114 42.59 -26.29 -41.06
C GLN C 114 43.29 -27.49 -40.45
N ARG C 115 43.98 -28.27 -41.26
CA ARG C 115 44.63 -29.45 -40.74
C ARG C 115 45.94 -29.16 -40.07
N ALA C 116 46.65 -28.15 -40.54
CA ALA C 116 47.94 -27.78 -39.97
C ALA C 116 47.77 -27.11 -38.60
N ASN C 117 48.73 -27.31 -37.70
CA ASN C 117 48.65 -26.66 -36.39
C ASN C 117 48.49 -25.17 -36.66
N PRO C 118 47.76 -24.45 -35.81
CA PRO C 118 47.05 -24.82 -34.57
C PRO C 118 45.73 -25.62 -34.70
N GLY C 119 45.28 -25.86 -35.92
CA GLY C 119 44.06 -26.61 -36.10
C GLY C 119 42.89 -25.81 -36.63
N PHE C 120 43.08 -24.51 -36.74
CA PHE C 120 42.03 -23.65 -37.27
C PHE C 120 42.68 -22.51 -37.97
N ASN C 121 41.98 -22.00 -38.97
CA ASN C 121 42.52 -20.92 -39.75
C ASN C 121 42.23 -19.58 -39.10
N GLU C 122 43.24 -18.73 -39.03
CA GLU C 122 43.08 -17.41 -38.45
C GLU C 122 43.29 -16.33 -39.47
N LYS C 123 43.54 -16.72 -40.71
CA LYS C 123 43.74 -15.74 -41.76
C LYS C 123 42.47 -15.64 -42.59
N VAL C 124 41.93 -16.77 -42.98
CA VAL C 124 40.76 -16.76 -43.84
C VAL C 124 39.92 -18.02 -43.69
N CYS C 125 38.64 -17.89 -44.05
CA CYS C 125 37.71 -19.00 -44.05
C CYS C 125 37.05 -19.05 -45.40
N PRO C 126 36.72 -20.26 -45.86
CA PRO C 126 36.08 -20.46 -47.15
C PRO C 126 34.72 -19.80 -47.19
N ASP C 127 34.26 -19.52 -48.40
CA ASP C 127 32.95 -18.91 -48.55
C ASP C 127 31.86 -19.98 -48.38
N PHE C 128 30.73 -19.53 -47.84
CA PHE C 128 29.52 -20.35 -47.61
C PHE C 128 29.44 -21.42 -48.74
N LYS C 129 29.08 -20.92 -49.93
CA LYS C 129 28.91 -21.70 -51.16
C LYS C 129 30.01 -22.71 -51.51
N THR C 130 31.22 -22.55 -50.99
CA THR C 130 32.28 -23.47 -51.32
C THR C 130 32.13 -24.88 -50.77
N CYS C 131 31.53 -24.97 -49.59
CA CYS C 131 31.38 -26.25 -48.91
C CYS C 131 30.07 -26.96 -49.12
N PRO C 132 30.07 -28.28 -48.94
CA PRO C 132 28.79 -29.00 -49.09
C PRO C 132 27.86 -28.52 -47.96
N VAL C 133 26.54 -28.56 -48.17
CA VAL C 133 25.63 -28.08 -47.13
C VAL C 133 25.83 -28.67 -45.76
N GLN C 134 25.95 -29.99 -45.67
CA GLN C 134 26.11 -30.59 -44.36
C GLN C 134 27.29 -30.00 -43.56
N ALA C 135 28.30 -29.45 -44.24
CA ALA C 135 29.43 -28.84 -43.53
C ALA C 135 29.09 -27.36 -43.32
N ARG C 136 28.60 -26.75 -44.39
CA ARG C 136 28.22 -25.35 -44.39
C ARG C 136 27.23 -24.99 -43.28
N GLU C 137 26.27 -25.88 -43.05
CA GLU C 137 25.24 -25.64 -42.05
C GLU C 137 25.42 -26.56 -40.86
N SER C 138 26.58 -27.18 -40.78
CA SER C 138 26.88 -28.08 -39.68
C SER C 138 26.65 -27.50 -38.30
N PHE C 139 27.10 -26.27 -38.08
CA PHE C 139 26.94 -25.67 -36.78
C PHE C 139 25.56 -25.05 -36.54
N TRP C 140 25.20 -24.02 -37.30
CA TRP C 140 23.88 -23.41 -37.07
C TRP C 140 22.74 -24.35 -37.35
N GLY C 141 22.97 -25.32 -38.21
CA GLY C 141 21.94 -26.28 -38.51
C GLY C 141 21.71 -27.11 -37.28
N MET C 142 22.78 -27.64 -36.73
CA MET C 142 22.69 -28.46 -35.54
C MET C 142 22.12 -27.62 -34.39
N ALA C 143 22.65 -26.40 -34.23
CA ALA C 143 22.16 -25.53 -33.17
C ALA C 143 20.65 -25.42 -33.28
N SER C 144 20.16 -25.12 -34.49
CA SER C 144 18.74 -24.98 -34.70
C SER C 144 18.00 -26.25 -34.35
N SER C 145 18.53 -27.40 -34.73
CA SER C 145 17.89 -28.67 -34.43
C SER C 145 17.83 -28.89 -32.94
N SER C 146 18.96 -28.79 -32.29
CA SER C 146 19.00 -29.00 -30.85
C SER C 146 18.03 -28.03 -30.16
N TYR C 147 18.05 -26.78 -30.58
CA TYR C 147 17.17 -25.79 -29.99
C TYR C 147 15.71 -26.23 -30.14
N ALA C 148 15.30 -26.45 -31.38
CA ALA C 148 13.91 -26.83 -31.66
C ALA C 148 13.49 -28.06 -30.88
N HIS C 149 14.39 -29.03 -30.82
CA HIS C 149 14.11 -30.27 -30.14
C HIS C 149 13.72 -30.03 -28.69
N SER C 150 14.25 -28.94 -28.12
CA SER C 150 13.99 -28.60 -26.74
C SER C 150 12.77 -27.76 -26.48
N ALA C 151 12.06 -27.37 -27.55
CA ALA C 151 10.88 -26.50 -27.36
C ALA C 151 9.75 -27.31 -26.74
N GLU C 152 9.00 -26.68 -25.83
CA GLU C 152 7.86 -27.31 -25.14
C GLU C 152 6.66 -26.35 -25.19
N GLY C 153 5.48 -26.90 -25.39
CA GLY C 153 4.29 -26.08 -25.44
C GLY C 153 4.10 -25.34 -26.74
N GLU C 154 3.56 -24.14 -26.66
CA GLU C 154 3.37 -23.34 -27.85
C GLU C 154 4.72 -22.86 -28.36
N VAL C 155 4.83 -22.79 -29.67
CA VAL C 155 6.04 -22.38 -30.32
C VAL C 155 5.62 -21.26 -31.26
N THR C 156 6.47 -20.28 -31.49
CA THR C 156 6.07 -19.16 -32.33
C THR C 156 7.03 -18.99 -33.52
N TYR C 157 6.50 -18.67 -34.69
CA TYR C 157 7.33 -18.52 -35.90
C TYR C 157 7.00 -17.23 -36.63
N MET C 158 8.01 -16.37 -36.74
CA MET C 158 7.82 -15.10 -37.41
C MET C 158 8.46 -15.16 -38.79
N VAL C 159 7.68 -14.82 -39.82
CA VAL C 159 8.15 -14.88 -41.18
C VAL C 159 7.90 -13.60 -41.94
N ASP C 160 8.66 -13.44 -43.01
CA ASP C 160 8.52 -12.30 -43.87
C ASP C 160 7.45 -12.59 -44.92
N GLY C 161 6.35 -11.84 -44.88
CA GLY C 161 5.31 -12.04 -45.85
C GLY C 161 5.35 -11.02 -46.97
N SER C 162 6.46 -10.28 -47.07
CA SER C 162 6.59 -9.24 -48.09
C SER C 162 7.79 -9.46 -48.99
N ASN C 163 8.23 -10.71 -49.10
CA ASN C 163 9.38 -10.96 -49.94
C ASN C 163 8.99 -11.75 -51.19
N PRO C 164 8.85 -11.05 -52.32
CA PRO C 164 8.48 -11.66 -53.60
C PRO C 164 9.38 -12.83 -54.03
N LYS C 165 10.64 -12.79 -53.62
CA LYS C 165 11.58 -13.84 -54.02
C LYS C 165 11.66 -15.02 -53.04
N VAL C 166 11.16 -14.81 -51.81
CA VAL C 166 11.25 -15.87 -50.82
C VAL C 166 9.95 -16.10 -50.07
N PRO C 167 9.29 -17.23 -50.34
CA PRO C 167 8.03 -17.50 -49.64
C PRO C 167 8.21 -17.56 -48.14
N ALA C 168 7.18 -17.15 -47.42
CA ALA C 168 7.17 -17.14 -45.96
C ALA C 168 7.72 -18.43 -45.41
N TYR C 169 7.12 -19.53 -45.84
CA TYR C 169 7.60 -20.83 -45.42
C TYR C 169 8.28 -21.55 -46.59
N ARG C 170 9.40 -22.21 -46.30
CA ARG C 170 10.14 -22.92 -47.33
C ARG C 170 10.68 -24.20 -46.74
N PRO C 171 10.45 -25.33 -47.39
CA PRO C 171 10.95 -26.61 -46.89
C PRO C 171 12.44 -26.57 -46.62
N ASP C 172 13.14 -25.66 -47.30
CA ASP C 172 14.57 -25.61 -47.08
C ASP C 172 15.18 -24.32 -46.49
N SER C 173 14.45 -23.71 -45.56
CA SER C 173 14.94 -22.57 -44.85
C SER C 173 15.48 -23.34 -43.63
N PHE C 174 16.31 -22.72 -42.78
CA PHE C 174 16.79 -23.46 -41.62
C PHE C 174 15.61 -23.97 -40.82
N PHE C 175 14.54 -23.19 -40.82
CA PHE C 175 13.33 -23.57 -40.11
C PHE C 175 12.76 -24.84 -40.70
N GLY C 176 12.53 -24.82 -42.00
CA GLY C 176 11.97 -25.99 -42.65
C GLY C 176 12.90 -27.20 -42.64
N LYS C 177 14.21 -26.97 -42.62
CA LYS C 177 15.14 -28.09 -42.63
C LYS C 177 15.46 -28.65 -41.25
N TYR C 178 15.64 -27.78 -40.27
CA TYR C 178 16.04 -28.24 -38.94
C TYR C 178 15.12 -27.92 -37.78
N GLU C 179 14.35 -26.84 -37.89
CA GLU C 179 13.52 -26.48 -36.76
C GLU C 179 12.16 -27.24 -36.80
N LEU C 180 11.29 -26.95 -37.76
CA LEU C 180 9.99 -27.63 -37.82
C LEU C 180 10.03 -29.17 -37.73
N PRO C 181 10.89 -29.83 -38.52
CA PRO C 181 10.97 -31.29 -38.48
C PRO C 181 11.45 -31.88 -37.14
N ASN C 182 12.05 -31.06 -36.31
CA ASN C 182 12.54 -31.57 -35.05
C ASN C 182 11.68 -31.21 -33.84
N LEU C 183 10.52 -30.58 -34.08
CA LEU C 183 9.65 -30.25 -32.96
C LEU C 183 9.15 -31.57 -32.41
N THR C 184 9.27 -31.77 -31.11
CA THR C 184 8.84 -33.01 -30.46
C THR C 184 7.36 -32.94 -30.12
N ASN C 185 6.84 -34.04 -29.58
CA ASN C 185 5.43 -34.13 -29.19
C ASN C 185 5.19 -33.26 -27.97
N LYS C 186 6.26 -32.70 -27.40
CA LYS C 186 6.15 -31.78 -26.26
C LYS C 186 5.60 -30.44 -26.77
N VAL C 187 5.65 -30.23 -28.09
CA VAL C 187 5.14 -29.01 -28.69
C VAL C 187 3.64 -29.20 -28.88
N THR C 188 2.89 -28.16 -28.52
CA THR C 188 1.44 -28.12 -28.55
C THR C 188 0.88 -27.45 -29.78
N ARG C 189 1.39 -26.25 -30.04
CA ARG C 189 0.87 -25.47 -31.14
C ARG C 189 1.97 -24.69 -31.81
N VAL C 190 1.68 -24.24 -33.03
CA VAL C 190 2.63 -23.46 -33.79
C VAL C 190 1.88 -22.20 -34.17
N LYS C 191 2.20 -21.09 -33.53
CA LYS C 191 1.57 -19.82 -33.83
C LYS C 191 2.47 -19.11 -34.82
N VAL C 192 1.92 -18.67 -35.94
CA VAL C 192 2.73 -17.97 -36.93
C VAL C 192 2.40 -16.50 -36.92
N ILE C 193 3.45 -15.69 -37.12
CA ILE C 193 3.29 -14.26 -37.18
C ILE C 193 3.85 -13.88 -38.52
N VAL C 194 2.98 -13.38 -39.39
CA VAL C 194 3.43 -12.98 -40.70
C VAL C 194 3.72 -11.52 -40.63
N LEU C 195 4.88 -11.14 -41.11
CA LEU C 195 5.27 -9.76 -41.07
C LEU C 195 5.10 -9.11 -42.44
N HIS C 196 4.35 -8.03 -42.50
CA HIS C 196 4.14 -7.33 -43.77
C HIS C 196 4.90 -6.02 -43.67
N ARG C 197 6.16 -6.03 -44.08
CA ARG C 197 6.99 -4.84 -44.05
C ARG C 197 6.20 -3.62 -44.50
N LEU C 198 6.40 -2.50 -43.81
CA LEU C 198 5.65 -1.27 -44.12
C LEU C 198 5.90 -0.68 -45.50
N GLY C 199 4.81 -0.24 -46.13
CA GLY C 199 4.89 0.34 -47.47
C GLY C 199 5.43 -0.65 -48.51
N GLU C 200 5.04 -1.92 -48.36
CA GLU C 200 5.50 -2.98 -49.24
C GLU C 200 4.34 -3.84 -49.69
N LYS C 201 4.37 -4.21 -50.94
CA LYS C 201 3.32 -5.05 -51.44
C LYS C 201 3.29 -6.32 -50.60
N ILE C 202 2.10 -6.67 -50.12
CA ILE C 202 1.90 -7.87 -49.35
C ILE C 202 2.09 -9.06 -50.28
N ILE C 203 2.89 -10.03 -49.89
CA ILE C 203 3.10 -11.17 -50.75
C ILE C 203 2.43 -12.42 -50.23
N GLU C 204 2.61 -12.73 -48.95
CA GLU C 204 2.02 -13.91 -48.39
C GLU C 204 0.93 -13.56 -47.42
N LYS C 205 -0.05 -14.43 -47.32
CA LYS C 205 -1.17 -14.19 -46.41
C LYS C 205 -1.54 -15.51 -45.77
N CYS C 206 -2.12 -15.45 -44.58
CA CYS C 206 -2.51 -16.67 -43.88
C CYS C 206 -3.50 -17.49 -44.71
N GLY C 207 -3.44 -18.81 -44.59
CA GLY C 207 -4.36 -19.66 -45.33
C GLY C 207 -4.09 -19.68 -46.84
N ALA C 208 -2.99 -19.06 -47.25
CA ALA C 208 -2.64 -19.00 -48.66
C ALA C 208 -1.16 -19.28 -48.90
N GLY C 209 -0.84 -19.64 -50.14
CA GLY C 209 0.54 -19.91 -50.51
C GLY C 209 1.28 -20.85 -49.59
N SER C 210 2.50 -20.48 -49.24
CA SER C 210 3.31 -21.33 -48.39
C SER C 210 2.72 -21.43 -46.98
N LEU C 211 2.00 -20.40 -46.54
CA LEU C 211 1.41 -20.42 -45.21
C LEU C 211 0.36 -21.52 -45.14
N LEU C 212 -0.36 -21.67 -46.25
CA LEU C 212 -1.38 -22.67 -46.35
C LEU C 212 -0.72 -24.06 -46.31
N ASP C 213 0.45 -24.19 -46.95
CA ASP C 213 1.17 -25.48 -46.96
C ASP C 213 1.67 -25.81 -45.56
N LEU C 214 2.23 -24.80 -44.89
CA LEU C 214 2.75 -24.94 -43.55
C LEU C 214 1.65 -25.43 -42.64
N GLU C 215 0.48 -24.79 -42.75
CA GLU C 215 -0.66 -25.16 -41.95
C GLU C 215 -0.97 -26.65 -42.04
N LYS C 216 -1.03 -27.15 -43.26
CA LYS C 216 -1.28 -28.58 -43.46
C LYS C 216 -0.16 -29.35 -42.81
N LEU C 217 1.06 -28.95 -43.14
CA LEU C 217 2.24 -29.61 -42.65
C LEU C 217 2.24 -29.65 -41.14
N VAL C 218 1.80 -28.57 -40.51
CA VAL C 218 1.78 -28.50 -39.05
C VAL C 218 0.72 -29.41 -38.46
N LYS C 219 -0.50 -29.29 -38.96
CA LYS C 219 -1.58 -30.10 -38.45
C LYS C 219 -1.19 -31.56 -38.67
N ALA C 220 -0.37 -31.78 -39.70
CA ALA C 220 0.09 -33.13 -40.00
C ALA C 220 0.92 -33.63 -38.83
N LYS C 221 1.86 -32.82 -38.35
CA LYS C 221 2.68 -33.26 -37.24
C LYS C 221 1.85 -33.29 -35.95
N HIS C 222 0.55 -33.03 -36.09
CA HIS C 222 -0.40 -33.03 -34.99
C HIS C 222 -0.26 -31.88 -34.00
N PHE C 223 -0.13 -30.67 -34.51
CA PHE C 223 -0.01 -29.52 -33.64
C PHE C 223 -1.17 -28.59 -33.97
N ALA C 224 -1.57 -27.73 -33.05
CA ALA C 224 -2.64 -26.78 -33.37
C ALA C 224 -1.91 -25.73 -34.18
N PHE C 225 -2.64 -24.87 -34.88
CA PHE C 225 -1.99 -23.89 -35.69
C PHE C 225 -2.70 -22.54 -35.66
N ASP C 226 -1.95 -21.44 -35.53
CA ASP C 226 -2.51 -20.08 -35.53
C ASP C 226 -1.72 -19.29 -36.56
N CYS C 227 -2.23 -18.14 -36.95
CA CYS C 227 -1.53 -17.31 -37.89
C CYS C 227 -2.14 -15.95 -37.82
N VAL C 228 -1.29 -14.94 -37.77
CA VAL C 228 -1.74 -13.55 -37.70
C VAL C 228 -0.82 -12.70 -38.53
N GLU C 229 -1.38 -11.67 -39.14
CA GLU C 229 -0.59 -10.79 -39.99
C GLU C 229 -0.46 -9.46 -39.28
N ASN C 230 0.77 -9.03 -39.09
CA ASN C 230 1.03 -7.78 -38.38
C ASN C 230 0.19 -7.52 -37.12
N PRO C 231 0.33 -8.40 -36.11
CA PRO C 231 -0.44 -8.20 -34.87
C PRO C 231 -0.02 -6.85 -34.30
N ARG C 232 -0.96 -6.13 -33.73
CA ARG C 232 -0.64 -4.80 -33.25
C ARG C 232 0.65 -4.63 -32.47
N ALA C 233 0.93 -5.52 -31.52
CA ALA C 233 2.17 -5.40 -30.74
C ALA C 233 3.36 -5.23 -31.71
N VAL C 234 3.39 -6.11 -32.72
CA VAL C 234 4.44 -6.11 -33.73
C VAL C 234 4.36 -4.93 -34.70
N LEU C 235 3.16 -4.63 -35.18
CA LEU C 235 3.00 -3.51 -36.10
C LEU C 235 3.60 -2.25 -35.47
N PHE C 236 3.26 -1.98 -34.20
CA PHE C 236 3.79 -0.81 -33.54
C PHE C 236 5.32 -0.79 -33.55
N LEU C 237 5.93 -1.96 -33.41
CA LEU C 237 7.37 -2.03 -33.42
C LEU C 237 7.88 -1.54 -34.78
N LEU C 238 7.22 -1.98 -35.85
CA LEU C 238 7.60 -1.60 -37.20
C LEU C 238 7.43 -0.12 -37.36
N CYS C 239 6.32 0.40 -36.84
CA CYS C 239 6.04 1.82 -36.94
C CYS C 239 7.07 2.69 -36.29
N SER C 240 7.64 2.21 -35.20
CA SER C 240 8.66 2.99 -34.52
C SER C 240 9.78 3.41 -35.43
N ASP C 241 10.26 2.48 -36.28
CA ASP C 241 11.36 2.82 -37.18
C ASP C 241 10.95 3.57 -38.43
N ASN C 242 9.65 3.72 -38.61
CA ASN C 242 9.11 4.41 -39.77
C ASN C 242 7.70 4.88 -39.45
N PRO C 243 7.60 5.96 -38.67
CA PRO C 243 6.42 6.66 -38.16
C PRO C 243 5.47 7.19 -39.24
N ASN C 244 6.06 7.68 -40.32
CA ASN C 244 5.27 8.22 -41.40
C ASN C 244 4.51 7.20 -42.20
N ALA C 245 4.97 5.97 -42.16
CA ALA C 245 4.31 4.89 -42.88
C ALA C 245 2.80 5.04 -42.80
N ARG C 246 2.14 4.82 -43.93
CA ARG C 246 0.71 4.95 -44.01
C ARG C 246 0.01 4.02 -43.02
N GLU C 247 0.55 2.82 -42.82
CA GLU C 247 -0.08 1.86 -41.92
C GLU C 247 0.02 2.20 -40.44
N CYS C 248 0.62 3.34 -40.12
CA CYS C 248 0.78 3.76 -38.72
C CYS C 248 -0.01 5.01 -38.35
N ARG C 249 -0.83 5.49 -39.29
CA ARG C 249 -1.59 6.70 -39.03
C ARG C 249 -2.37 6.52 -37.73
N LEU C 250 -2.21 7.50 -36.84
CA LEU C 250 -2.87 7.51 -35.54
C LEU C 250 -4.30 8.02 -35.62
N ALA C 251 -5.21 7.36 -34.93
CA ALA C 251 -6.61 7.75 -34.90
C ALA C 251 -6.79 9.27 -34.63
N ILE D 1 23.41 -6.99 0.16
CA ILE D 1 23.55 -7.21 -1.31
C ILE D 1 24.71 -8.16 -1.62
N VAL D 2 24.49 -9.08 -2.56
CA VAL D 2 25.55 -10.05 -2.89
C VAL D 2 26.37 -9.70 -4.10
N PRO D 3 27.69 -9.73 -3.97
CA PRO D 3 28.62 -9.42 -5.06
C PRO D 3 28.64 -10.42 -6.22
N THR D 4 28.94 -9.91 -7.39
CA THR D 4 29.01 -10.71 -8.60
C THR D 4 30.12 -11.75 -8.46
N ARG D 5 29.86 -12.99 -8.86
CA ARG D 5 30.88 -14.04 -8.77
C ARG D 5 31.93 -13.85 -9.84
N GLU D 6 33.14 -14.32 -9.54
CA GLU D 6 34.25 -14.24 -10.49
C GLU D 6 34.31 -12.90 -11.20
N LEU D 7 34.23 -11.85 -10.41
CA LEU D 7 34.28 -10.49 -10.93
C LEU D 7 35.36 -10.37 -12.02
N GLU D 8 36.58 -10.74 -11.69
CA GLU D 8 37.71 -10.71 -12.63
C GLU D 8 37.31 -11.28 -14.00
N ASN D 9 36.92 -12.55 -14.00
CA ASN D 9 36.58 -13.19 -15.24
C ASN D 9 35.45 -12.51 -15.97
N VAL D 10 34.37 -12.17 -15.25
CA VAL D 10 33.25 -11.53 -15.91
C VAL D 10 33.74 -10.25 -16.58
N PHE D 11 34.50 -9.48 -15.82
CA PHE D 11 35.02 -8.25 -16.34
C PHE D 11 35.84 -8.50 -17.62
N LEU D 12 36.85 -9.36 -17.52
CA LEU D 12 37.71 -9.64 -18.64
C LEU D 12 36.95 -10.24 -19.79
N GLY D 13 35.97 -11.07 -19.48
CA GLY D 13 35.21 -11.71 -20.52
C GLY D 13 34.40 -10.66 -21.25
N ARG D 14 33.70 -9.86 -20.48
CA ARG D 14 32.89 -8.85 -21.10
C ARG D 14 33.75 -7.90 -21.88
N CYS D 15 34.93 -7.65 -21.34
CA CYS D 15 35.83 -6.71 -21.99
C CYS D 15 36.27 -7.22 -23.35
N LYS D 16 36.76 -8.46 -23.37
CA LYS D 16 37.21 -9.06 -24.61
C LYS D 16 36.09 -9.13 -25.62
N ASP D 17 34.92 -9.60 -25.16
CA ASP D 17 33.77 -9.72 -26.04
C ASP D 17 33.50 -8.38 -26.72
N TYR D 18 33.57 -7.32 -25.94
CA TYR D 18 33.32 -5.99 -26.44
C TYR D 18 34.36 -5.61 -27.47
N GLU D 19 35.60 -5.63 -27.03
CA GLU D 19 36.74 -5.31 -27.86
C GLU D 19 36.60 -5.89 -29.26
N ILE D 20 36.48 -7.20 -29.33
CA ILE D 20 36.43 -7.89 -30.61
C ILE D 20 35.14 -7.90 -31.39
N THR D 21 34.02 -7.81 -30.70
CA THR D 21 32.76 -7.92 -31.40
C THR D 21 31.57 -7.00 -31.11
N ARG D 22 31.65 -6.09 -30.13
CA ARG D 22 30.44 -5.37 -29.85
C ARG D 22 29.83 -4.19 -30.56
N TYR D 23 30.50 -3.05 -30.62
CA TYR D 23 29.84 -1.95 -31.32
C TYR D 23 30.79 -1.53 -32.35
N LEU D 24 31.38 -2.52 -32.99
CA LEU D 24 32.38 -2.27 -33.99
C LEU D 24 32.06 -1.08 -34.87
N ASP D 25 30.81 -0.93 -35.28
CA ASP D 25 30.51 0.20 -36.14
C ASP D 25 30.04 1.48 -35.47
N ILE D 26 29.59 1.38 -34.23
CA ILE D 26 29.11 2.55 -33.53
C ILE D 26 30.16 3.26 -32.68
N LEU D 27 30.98 2.49 -31.98
CA LEU D 27 31.97 3.08 -31.11
C LEU D 27 33.37 2.62 -31.39
N PRO D 28 34.37 3.48 -31.15
CA PRO D 28 35.78 3.20 -31.36
C PRO D 28 36.27 2.18 -30.37
N ARG D 29 37.33 1.46 -30.70
CA ARG D 29 37.87 0.50 -29.75
C ARG D 29 38.74 1.33 -28.82
N VAL D 30 38.94 0.83 -27.61
CA VAL D 30 39.75 1.57 -26.68
C VAL D 30 41.19 1.12 -26.87
N ARG D 31 42.13 1.98 -26.53
CA ARG D 31 43.52 1.72 -26.70
C ARG D 31 44.15 0.68 -25.76
N SER D 32 43.82 0.76 -24.48
CA SER D 32 44.36 -0.15 -23.48
C SER D 32 43.79 -1.54 -23.64
N ASP D 33 44.55 -2.56 -23.25
CA ASP D 33 44.06 -3.92 -23.35
C ASP D 33 43.31 -4.25 -22.07
N CYS D 34 42.56 -5.34 -22.09
CA CYS D 34 41.77 -5.73 -20.95
C CYS D 34 42.49 -5.87 -19.62
N SER D 35 43.66 -6.51 -19.63
CA SER D 35 44.41 -6.67 -18.38
C SER D 35 44.73 -5.31 -17.81
N ALA D 36 45.08 -4.35 -18.67
CA ALA D 36 45.39 -3.01 -18.21
C ALA D 36 44.11 -2.36 -17.63
N LEU D 37 42.98 -2.53 -18.31
CA LEU D 37 41.75 -1.96 -17.81
C LEU D 37 41.37 -2.62 -16.47
N TRP D 38 41.65 -3.90 -16.33
CA TRP D 38 41.35 -4.55 -15.08
C TRP D 38 42.17 -3.93 -13.95
N LYS D 39 43.48 -3.77 -14.15
CA LYS D 39 44.33 -3.17 -13.11
C LYS D 39 43.80 -1.81 -12.70
N ASP D 40 43.51 -0.94 -13.65
CA ASP D 40 43.00 0.38 -13.33
C ASP D 40 41.69 0.29 -12.54
N PHE D 41 40.84 -0.66 -12.90
CA PHE D 41 39.58 -0.84 -12.23
C PHE D 41 39.74 -1.45 -10.84
N PHE D 42 40.67 -2.39 -10.71
CA PHE D 42 40.88 -3.03 -9.42
C PHE D 42 41.50 -2.12 -8.40
N LYS D 43 42.59 -1.44 -8.76
CA LYS D 43 43.25 -0.56 -7.79
C LYS D 43 42.29 0.48 -7.21
N ALA D 44 41.29 0.83 -7.98
CA ALA D 44 40.34 1.82 -7.52
C ALA D 44 39.64 1.48 -6.23
N PHE D 45 39.33 0.22 -6.02
CA PHE D 45 38.62 -0.13 -4.80
C PHE D 45 39.23 -1.24 -3.98
N SER D 46 40.23 -1.93 -4.52
CA SER D 46 40.86 -3.07 -3.80
C SER D 46 41.68 -2.66 -2.59
N PHE D 47 41.59 -3.49 -1.55
CA PHE D 47 42.31 -3.30 -0.29
C PHE D 47 41.92 -2.04 0.48
N LYS D 48 40.82 -1.41 0.11
CA LYS D 48 40.35 -0.25 0.82
C LYS D 48 39.07 -0.78 1.44
N ASN D 49 38.43 -0.02 2.33
CA ASN D 49 37.18 -0.49 2.90
C ASN D 49 36.07 -0.25 1.91
N PRO D 50 35.04 -1.10 1.91
CA PRO D 50 33.97 -0.89 0.94
C PRO D 50 33.52 0.55 0.78
N CYS D 51 33.43 1.30 1.87
CA CYS D 51 32.97 2.68 1.76
C CYS D 51 34.06 3.71 1.57
N ASP D 52 35.24 3.24 1.19
CA ASP D 52 36.41 4.09 1.03
C ASP D 52 36.71 4.54 -0.40
N LEU D 53 35.79 5.29 -0.99
CA LEU D 53 36.01 5.73 -2.36
C LEU D 53 35.42 7.11 -2.58
N ASP D 54 35.87 7.77 -3.64
CA ASP D 54 35.38 9.09 -3.99
C ASP D 54 35.40 9.21 -5.50
N LEU D 55 34.83 10.30 -6.00
CA LEU D 55 34.77 10.53 -7.44
C LEU D 55 36.08 10.26 -8.18
N GLY D 56 37.20 10.36 -7.46
CA GLY D 56 38.48 10.14 -8.10
C GLY D 56 38.97 8.71 -8.16
N SER D 57 38.47 7.86 -7.27
CA SER D 57 38.92 6.47 -7.25
C SER D 57 39.04 5.75 -8.59
N TYR D 58 38.08 5.93 -9.48
CA TYR D 58 38.13 5.25 -10.78
C TYR D 58 38.58 6.18 -11.90
N LYS D 59 39.21 7.28 -11.52
CA LYS D 59 39.63 8.24 -12.53
C LYS D 59 40.52 7.59 -13.55
N ASP D 60 41.51 6.84 -13.08
CA ASP D 60 42.40 6.20 -14.02
C ASP D 60 41.65 5.22 -14.90
N PHE D 61 40.82 4.40 -14.29
CA PHE D 61 40.07 3.47 -15.09
C PHE D 61 39.27 4.21 -16.18
N PHE D 62 38.47 5.18 -15.80
CA PHE D 62 37.68 5.87 -16.82
C PHE D 62 38.48 6.59 -17.89
N THR D 63 39.69 6.97 -17.55
CA THR D 63 40.51 7.65 -18.52
C THR D 63 40.90 6.64 -19.59
N SER D 64 41.28 5.44 -19.13
CA SER D 64 41.66 4.38 -20.02
C SER D 64 40.50 3.79 -20.79
N ALA D 65 39.31 3.80 -20.20
CA ALA D 65 38.15 3.20 -20.84
C ALA D 65 37.28 4.16 -21.62
N GLN D 66 37.58 5.44 -21.57
CA GLN D 66 36.72 6.39 -22.28
C GLN D 66 36.93 6.33 -23.79
N GLN D 67 35.86 5.99 -24.49
CA GLN D 67 35.85 5.93 -25.95
C GLN D 67 35.46 7.30 -26.46
N GLN D 68 35.91 7.69 -27.65
CA GLN D 68 35.44 8.95 -28.25
C GLN D 68 33.98 8.65 -28.54
N LEU D 69 33.08 9.58 -28.26
CA LEU D 69 31.64 9.34 -28.45
C LEU D 69 30.98 9.95 -29.66
N PRO D 70 30.34 9.13 -30.50
CA PRO D 70 29.62 9.53 -31.73
C PRO D 70 28.78 10.81 -31.62
N LYS D 71 29.12 11.76 -32.48
CA LYS D 71 28.49 13.07 -32.51
C LYS D 71 26.97 12.99 -32.62
N ASN D 72 26.25 13.78 -31.82
CA ASN D 72 24.78 13.83 -31.89
C ASN D 72 24.04 12.57 -31.58
N LYS D 73 24.75 11.55 -31.15
CA LYS D 73 24.10 10.30 -30.83
C LYS D 73 24.01 10.08 -29.30
N VAL D 74 24.64 10.92 -28.49
CA VAL D 74 24.61 10.63 -27.07
C VAL D 74 23.27 10.84 -26.43
N MET D 75 22.85 9.85 -25.65
CA MET D 75 21.60 9.96 -24.94
C MET D 75 21.76 9.79 -23.43
N PHE D 76 20.97 10.58 -22.68
CA PHE D 76 20.96 10.54 -21.24
C PHE D 76 19.50 10.24 -20.88
N TRP D 77 19.26 9.66 -19.73
CA TRP D 77 17.91 9.34 -19.33
C TRP D 77 17.78 9.41 -17.82
N SER D 78 16.54 9.47 -17.37
CA SER D 78 16.24 9.48 -15.95
C SER D 78 14.97 8.70 -15.68
N GLY D 79 15.06 7.73 -14.77
CA GLY D 79 13.89 6.95 -14.42
C GLY D 79 13.09 6.34 -15.55
N VAL D 80 13.73 6.00 -16.66
CA VAL D 80 13.03 5.35 -17.77
C VAL D 80 13.99 4.40 -18.48
N TYR D 81 14.80 3.69 -17.69
CA TYR D 81 15.81 2.81 -18.23
C TYR D 81 15.33 1.99 -19.40
N ASP D 82 14.30 1.19 -19.19
CA ASP D 82 13.83 0.33 -20.28
C ASP D 82 13.39 1.11 -21.51
N GLU D 83 12.57 2.13 -21.33
CA GLU D 83 12.12 2.87 -22.48
C GLU D 83 13.29 3.55 -23.21
N ALA D 84 14.18 4.17 -22.47
CA ALA D 84 15.30 4.85 -23.09
C ALA D 84 16.16 3.87 -23.88
N HIS D 85 16.50 2.74 -23.29
CA HIS D 85 17.36 1.84 -24.02
C HIS D 85 16.68 1.24 -25.23
N ASP D 86 15.38 0.96 -25.13
CA ASP D 86 14.68 0.39 -26.28
C ASP D 86 14.69 1.37 -27.42
N TYR D 87 14.45 2.62 -27.12
CA TYR D 87 14.45 3.63 -28.15
C TYR D 87 15.86 3.79 -28.69
N ALA D 88 16.87 3.83 -27.82
CA ALA D 88 18.28 3.99 -28.26
C ALA D 88 18.65 2.83 -29.16
N ASN D 89 17.98 1.70 -28.95
CA ASN D 89 18.17 0.53 -29.79
C ASN D 89 19.61 0.01 -29.93
N THR D 90 20.30 -0.14 -28.80
CA THR D 90 21.67 -0.65 -28.80
C THR D 90 22.60 0.12 -29.74
N GLY D 91 22.70 1.42 -29.51
CA GLY D 91 23.58 2.25 -30.30
C GLY D 91 23.11 2.56 -31.72
N ARG D 92 22.06 1.91 -32.17
CA ARG D 92 21.60 2.17 -33.52
C ARG D 92 21.03 3.58 -33.70
N LYS D 93 20.24 4.03 -32.75
CA LYS D 93 19.65 5.36 -32.85
C LYS D 93 20.44 6.33 -32.00
N TYR D 94 20.71 5.94 -30.76
CA TYR D 94 21.49 6.76 -29.83
C TYR D 94 22.31 5.79 -29.03
N ILE D 95 23.42 6.24 -28.48
CA ILE D 95 24.15 5.34 -27.65
C ILE D 95 23.87 5.82 -26.23
N THR D 96 23.99 4.91 -25.27
CA THR D 96 23.75 5.29 -23.89
C THR D 96 25.00 4.88 -23.14
N LEU D 97 25.10 5.28 -21.89
CA LEU D 97 26.24 4.93 -21.10
C LEU D 97 26.44 3.43 -21.13
N GLU D 98 25.35 2.68 -21.04
CA GLU D 98 25.44 1.26 -20.99
C GLU D 98 25.95 0.64 -22.29
N ASP D 99 26.01 1.44 -23.36
CA ASP D 99 26.50 0.94 -24.64
C ASP D 99 28.02 1.10 -24.76
N THR D 100 28.61 1.90 -23.87
CA THR D 100 30.04 2.14 -23.92
C THR D 100 30.79 1.03 -23.19
N LEU D 101 32.08 0.94 -23.47
CA LEU D 101 32.91 -0.06 -22.85
C LEU D 101 32.75 -0.18 -21.31
N PRO D 102 32.96 0.93 -20.61
CA PRO D 102 32.85 0.91 -19.15
C PRO D 102 31.47 0.48 -18.68
N GLY D 103 30.45 1.00 -19.35
CA GLY D 103 29.09 0.69 -18.97
C GLY D 103 28.72 -0.75 -19.23
N TYR D 104 29.13 -1.22 -20.39
CA TYR D 104 28.82 -2.57 -20.80
C TYR D 104 29.53 -3.51 -19.84
N MET D 105 30.76 -3.18 -19.50
CA MET D 105 31.50 -4.06 -18.61
C MET D 105 30.93 -4.18 -17.23
N LEU D 106 30.65 -3.06 -16.59
CA LEU D 106 30.14 -3.15 -15.23
C LEU D 106 28.64 -3.12 -15.09
N ASN D 107 27.90 -3.07 -16.20
CA ASN D 107 26.45 -3.00 -16.07
C ASN D 107 25.90 -4.12 -15.19
N SER D 108 25.17 -3.72 -14.16
CA SER D 108 24.58 -4.72 -13.25
C SER D 108 25.54 -5.47 -12.32
N LEU D 109 26.84 -5.23 -12.44
CA LEU D 109 27.71 -5.96 -11.56
C LEU D 109 27.75 -5.35 -10.17
N VAL D 110 28.08 -6.18 -9.18
CA VAL D 110 28.13 -5.78 -7.79
C VAL D 110 29.50 -6.17 -7.27
N TRP D 111 30.20 -5.21 -6.67
CA TRP D 111 31.52 -5.46 -6.14
C TRP D 111 31.87 -4.40 -5.10
N CYS D 112 32.86 -4.70 -4.27
CA CYS D 112 33.26 -3.76 -3.25
C CYS D 112 34.55 -4.28 -2.69
N GLY D 113 35.33 -3.36 -2.14
CA GLY D 113 36.59 -3.76 -1.58
C GLY D 113 36.50 -4.18 -0.12
N GLN D 114 37.60 -4.74 0.36
CA GLN D 114 37.78 -5.13 1.75
C GLN D 114 39.27 -4.94 1.89
N ARG D 115 39.74 -4.68 3.10
CA ARG D 115 41.14 -4.48 3.31
C ARG D 115 41.95 -5.78 3.36
N ALA D 116 41.34 -6.85 3.87
CA ALA D 116 42.00 -8.15 3.97
C ALA D 116 42.15 -8.78 2.59
N ASN D 117 43.23 -9.54 2.37
CA ASN D 117 43.40 -10.22 1.08
C ASN D 117 42.12 -11.03 0.86
N PRO D 118 41.71 -11.21 -0.40
CA PRO D 118 42.28 -10.77 -1.69
C PRO D 118 42.13 -9.30 -2.06
N GLY D 119 41.46 -8.51 -1.21
CA GLY D 119 41.28 -7.10 -1.51
C GLY D 119 39.85 -6.69 -1.88
N PHE D 120 38.97 -7.66 -2.00
CA PHE D 120 37.59 -7.37 -2.32
C PHE D 120 36.73 -8.42 -1.69
N ASN D 121 35.51 -8.04 -1.36
CA ASN D 121 34.61 -8.94 -0.69
C ASN D 121 33.85 -9.76 -1.70
N GLU D 122 33.79 -11.07 -1.45
CA GLU D 122 33.09 -11.97 -2.35
C GLU D 122 31.91 -12.59 -1.67
N LYS D 123 31.69 -12.22 -0.41
CA LYS D 123 30.56 -12.76 0.33
C LYS D 123 29.42 -11.78 0.34
N VAL D 124 29.76 -10.54 0.67
CA VAL D 124 28.76 -9.48 0.77
C VAL D 124 29.29 -8.08 0.53
N CYS D 125 28.39 -7.20 0.11
CA CYS D 125 28.70 -5.79 -0.09
C CYS D 125 27.71 -4.96 0.70
N PRO D 126 28.17 -3.83 1.22
CA PRO D 126 27.34 -2.93 2.00
C PRO D 126 26.21 -2.39 1.17
N ASP D 127 25.15 -1.98 1.84
CA ASP D 127 24.01 -1.43 1.15
C ASP D 127 24.31 0.01 0.70
N PHE D 128 23.73 0.37 -0.45
CA PHE D 128 23.82 1.72 -1.03
C PHE D 128 23.94 2.75 0.13
N LYS D 129 22.80 2.97 0.81
CA LYS D 129 22.62 3.92 1.90
C LYS D 129 23.66 3.92 3.03
N THR D 130 24.44 2.84 3.17
CA THR D 130 25.44 2.76 4.24
C THR D 130 26.64 3.65 4.02
N CYS D 131 27.03 3.83 2.77
CA CYS D 131 28.20 4.63 2.46
C CYS D 131 27.95 6.08 2.11
N PRO D 132 28.97 6.94 2.29
CA PRO D 132 28.79 8.35 1.95
C PRO D 132 28.58 8.42 0.43
N VAL D 133 27.86 9.44 -0.06
CA VAL D 133 27.58 9.52 -1.47
C VAL D 133 28.79 9.42 -2.35
N GLN D 134 29.86 10.18 -2.04
CA GLN D 134 31.03 10.17 -2.89
C GLN D 134 31.60 8.75 -3.11
N ALA D 135 31.36 7.84 -2.17
CA ALA D 135 31.82 6.46 -2.32
C ALA D 135 30.72 5.65 -3.06
N ARG D 136 29.52 5.81 -2.56
CA ARG D 136 28.34 5.15 -3.10
C ARG D 136 28.19 5.36 -4.60
N GLU D 137 28.45 6.60 -5.06
CA GLU D 137 28.29 6.94 -6.46
C GLU D 137 29.61 7.12 -7.15
N SER D 138 30.68 6.72 -6.44
CA SER D 138 32.04 6.83 -7.00
C SER D 138 32.22 6.28 -8.40
N PHE D 139 31.72 5.06 -8.64
CA PHE D 139 31.89 4.49 -9.95
C PHE D 139 30.89 4.99 -11.01
N TRP D 140 29.60 4.73 -10.82
CA TRP D 140 28.62 5.20 -11.83
C TRP D 140 28.61 6.72 -11.97
N GLY D 141 28.94 7.42 -10.89
CA GLY D 141 28.93 8.85 -10.93
C GLY D 141 30.01 9.28 -11.86
N MET D 142 31.21 8.74 -11.62
CA MET D 142 32.35 9.07 -12.44
C MET D 142 32.07 8.63 -13.88
N ALA D 143 31.56 7.41 -14.02
CA ALA D 143 31.24 6.92 -15.34
C ALA D 143 30.38 7.92 -16.06
N SER D 144 29.33 8.36 -15.40
CA SER D 144 28.42 9.32 -16.01
C SER D 144 29.13 10.61 -16.36
N SER D 145 30.05 11.07 -15.51
CA SER D 145 30.77 12.32 -15.75
C SER D 145 31.63 12.18 -16.96
N SER D 146 32.46 11.15 -16.94
CA SER D 146 33.35 10.92 -18.04
C SER D 146 32.56 10.81 -19.36
N TYR D 147 31.47 10.04 -19.31
CA TYR D 147 30.62 9.86 -20.47
C TYR D 147 30.13 11.22 -20.99
N ALA D 148 29.46 11.97 -20.12
CA ALA D 148 28.92 13.27 -20.51
C ALA D 148 29.99 14.21 -21.05
N HIS D 149 31.13 14.22 -20.40
CA HIS D 149 32.22 15.07 -20.81
C HIS D 149 32.62 14.82 -22.28
N SER D 150 32.43 13.57 -22.73
CA SER D 150 32.77 13.20 -24.09
C SER D 150 31.69 13.41 -25.11
N ALA D 151 30.53 13.82 -24.64
CA ALA D 151 29.43 14.04 -25.56
C ALA D 151 29.77 15.26 -26.40
N GLU D 152 29.35 15.21 -27.65
CA GLU D 152 29.52 16.28 -28.59
C GLU D 152 28.24 16.42 -29.40
N GLY D 153 28.06 17.61 -30.01
CA GLY D 153 26.91 17.92 -30.84
C GLY D 153 25.61 17.90 -30.08
N GLU D 154 24.56 17.45 -30.75
CA GLU D 154 23.26 17.37 -30.08
C GLU D 154 23.31 16.22 -29.10
N VAL D 155 22.67 16.45 -27.96
CA VAL D 155 22.61 15.49 -26.90
C VAL D 155 21.13 15.26 -26.64
N THR D 156 20.71 14.06 -26.25
CA THR D 156 19.30 13.80 -26.03
C THR D 156 19.02 13.30 -24.60
N TYR D 157 17.91 13.75 -24.00
CA TYR D 157 17.59 13.37 -22.63
C TYR D 157 16.16 12.91 -22.53
N MET D 158 15.96 11.69 -22.08
CA MET D 158 14.63 11.16 -21.95
C MET D 158 14.29 11.09 -20.49
N VAL D 159 13.14 11.65 -20.14
CA VAL D 159 12.69 11.70 -18.75
C VAL D 159 11.29 11.20 -18.57
N ASP D 160 10.99 10.85 -17.34
CA ASP D 160 9.66 10.36 -16.98
C ASP D 160 8.81 11.56 -16.62
N GLY D 161 7.75 11.80 -17.40
CA GLY D 161 6.89 12.93 -17.12
C GLY D 161 5.60 12.49 -16.44
N SER D 162 5.56 11.25 -15.98
CA SER D 162 4.37 10.71 -15.32
C SER D 162 4.65 10.25 -13.89
N ASN D 163 5.67 10.82 -13.25
CA ASN D 163 5.95 10.39 -11.91
C ASN D 163 5.68 11.49 -10.92
N PRO D 164 4.54 11.41 -10.23
CA PRO D 164 4.11 12.40 -9.22
C PRO D 164 5.12 12.65 -8.08
N LYS D 165 5.93 11.65 -7.75
CA LYS D 165 6.93 11.79 -6.70
C LYS D 165 8.29 12.29 -7.20
N VAL D 166 8.58 12.16 -8.49
CA VAL D 166 9.88 12.57 -9.01
C VAL D 166 9.81 13.45 -10.25
N PRO D 167 10.13 14.73 -10.11
CA PRO D 167 10.07 15.62 -11.28
C PRO D 167 11.01 15.14 -12.37
N ALA D 168 10.60 15.43 -13.61
CA ALA D 168 11.32 15.06 -14.82
C ALA D 168 12.77 15.40 -14.69
N TYR D 169 13.05 16.65 -14.36
CA TYR D 169 14.42 17.09 -14.14
C TYR D 169 14.65 17.37 -12.66
N ARG D 170 15.80 16.95 -12.16
CA ARG D 170 16.14 17.18 -10.75
C ARG D 170 17.60 17.50 -10.65
N PRO D 171 17.95 18.57 -9.95
CA PRO D 171 19.36 18.96 -9.79
C PRO D 171 20.15 17.80 -9.24
N ASP D 172 19.51 16.89 -8.54
CA ASP D 172 20.28 15.80 -7.97
C ASP D 172 19.97 14.36 -8.44
N SER D 173 19.67 14.23 -9.72
CA SER D 173 19.49 12.94 -10.32
C SER D 173 20.93 12.79 -10.86
N PHE D 174 21.36 11.60 -11.24
CA PHE D 174 22.72 11.47 -11.77
C PHE D 174 22.93 12.43 -12.95
N PHE D 175 21.85 12.65 -13.69
CA PHE D 175 21.90 13.56 -14.81
C PHE D 175 22.20 14.94 -14.31
N GLY D 176 21.40 15.41 -13.35
CA GLY D 176 21.60 16.74 -12.81
C GLY D 176 22.89 16.93 -12.04
N LYS D 177 23.40 15.84 -11.48
CA LYS D 177 24.63 15.89 -10.69
C LYS D 177 25.90 15.74 -11.49
N TYR D 178 25.87 14.78 -12.43
CA TYR D 178 27.07 14.50 -13.19
C TYR D 178 27.00 14.65 -14.68
N GLU D 179 25.82 14.47 -15.27
CA GLU D 179 25.75 14.57 -16.72
C GLU D 179 25.60 16.03 -17.23
N LEU D 180 24.48 16.68 -16.96
CA LEU D 180 24.30 18.05 -17.43
C LEU D 180 25.44 19.05 -17.09
N PRO D 181 25.93 19.07 -15.84
CA PRO D 181 27.01 20.01 -15.47
C PRO D 181 28.33 19.73 -16.17
N ASN D 182 28.49 18.53 -16.72
CA ASN D 182 29.73 18.22 -17.38
C ASN D 182 29.68 18.28 -18.91
N LEU D 183 28.56 18.71 -19.46
CA LEU D 183 28.49 18.85 -20.91
C LEU D 183 29.48 19.97 -21.30
N THR D 184 30.34 19.68 -22.28
CA THR D 184 31.34 20.64 -22.74
C THR D 184 30.77 21.53 -23.81
N ASN D 185 31.57 22.53 -24.20
CA ASN D 185 31.15 23.48 -25.25
C ASN D 185 31.06 22.77 -26.60
N LYS D 186 31.42 21.48 -26.64
CA LYS D 186 31.34 20.68 -27.87
C LYS D 186 29.88 20.31 -28.06
N VAL D 187 29.10 20.45 -27.00
CA VAL D 187 27.68 20.13 -27.08
C VAL D 187 26.97 21.34 -27.67
N THR D 188 26.06 21.07 -28.59
CA THR D 188 25.31 22.06 -29.33
C THR D 188 23.94 22.34 -28.79
N ARG D 189 23.21 21.24 -28.60
CA ARG D 189 21.83 21.34 -28.17
C ARG D 189 21.47 20.22 -27.21
N VAL D 190 20.38 20.43 -26.50
CA VAL D 190 19.90 19.45 -25.57
C VAL D 190 18.45 19.23 -25.95
N LYS D 191 18.17 18.08 -26.58
CA LYS D 191 16.80 17.76 -26.99
C LYS D 191 16.20 16.88 -25.89
N VAL D 192 15.05 17.29 -25.36
CA VAL D 192 14.43 16.50 -24.32
C VAL D 192 13.26 15.73 -24.85
N ILE D 193 13.10 14.52 -24.35
CA ILE D 193 11.99 13.69 -24.73
C ILE D 193 11.30 13.36 -23.42
N VAL D 194 10.08 13.85 -23.28
CA VAL D 194 9.31 13.61 -22.07
C VAL D 194 8.46 12.39 -22.34
N LEU D 195 8.54 11.44 -21.45
CA LEU D 195 7.78 10.25 -21.60
C LEU D 195 6.51 10.30 -20.74
N HIS D 196 5.35 10.09 -21.36
CA HIS D 196 4.09 10.09 -20.61
C HIS D 196 3.60 8.65 -20.59
N ARG D 197 4.00 7.90 -19.58
CA ARG D 197 3.58 6.51 -19.46
C ARG D 197 2.09 6.36 -19.81
N LEU D 198 1.77 5.30 -20.54
CA LEU D 198 0.40 5.04 -20.99
C LEU D 198 -0.62 4.82 -19.88
N GLY D 199 -1.78 5.45 -20.02
CA GLY D 199 -2.84 5.34 -19.03
C GLY D 199 -2.41 5.88 -17.68
N GLU D 200 -1.65 6.97 -17.70
CA GLU D 200 -1.15 7.58 -16.48
C GLU D 200 -1.33 9.08 -16.49
N LYS D 201 -1.70 9.63 -15.35
CA LYS D 201 -1.89 11.04 -15.29
C LYS D 201 -0.58 11.71 -15.71
N ILE D 202 -0.67 12.66 -16.61
CA ILE D 202 0.48 13.41 -17.05
C ILE D 202 0.91 14.30 -15.90
N ILE D 203 2.20 14.29 -15.55
CA ILE D 203 2.66 15.12 -14.45
C ILE D 203 3.49 16.29 -14.93
N GLU D 204 4.43 16.04 -15.82
CA GLU D 204 5.27 17.11 -16.31
C GLU D 204 5.00 17.41 -17.76
N LYS D 205 5.21 18.65 -18.17
CA LYS D 205 4.97 19.03 -19.55
C LYS D 205 6.04 20.01 -19.94
N CYS D 206 6.33 20.09 -21.24
CA CYS D 206 7.36 21.01 -21.71
C CYS D 206 7.03 22.46 -21.35
N GLY D 207 8.05 23.26 -21.09
CA GLY D 207 7.82 24.66 -20.73
C GLY D 207 7.19 24.86 -19.37
N ALA D 208 7.04 23.78 -18.61
CA ALA D 208 6.44 23.85 -17.28
C ALA D 208 7.22 23.06 -16.24
N GLY D 209 6.98 23.38 -14.98
CA GLY D 209 7.68 22.68 -13.92
C GLY D 209 9.19 22.57 -14.04
N SER D 210 9.71 21.37 -13.79
CA SER D 210 11.15 21.15 -13.85
C SER D 210 11.68 21.26 -15.27
N LEU D 211 10.84 20.99 -16.27
CA LEU D 211 11.25 21.11 -17.67
C LEU D 211 11.51 22.56 -18.02
N LEU D 212 10.72 23.43 -17.41
CA LEU D 212 10.86 24.85 -17.62
C LEU D 212 12.16 25.28 -16.97
N ASP D 213 12.49 24.72 -15.80
CA ASP D 213 13.74 25.06 -15.09
C ASP D 213 14.96 24.58 -15.89
N LEU D 214 14.87 23.35 -16.39
CA LEU D 214 15.92 22.75 -17.18
C LEU D 214 16.20 23.63 -18.39
N GLU D 215 15.13 24.04 -19.06
CA GLU D 215 15.27 24.89 -20.23
C GLU D 215 16.12 26.11 -19.94
N LYS D 216 15.81 26.82 -18.85
CA LYS D 216 16.56 28.01 -18.48
C LYS D 216 18.01 27.57 -18.23
N LEU D 217 18.13 26.52 -17.43
CA LEU D 217 19.42 25.98 -17.07
C LEU D 217 20.26 25.62 -18.27
N VAL D 218 19.62 25.06 -19.29
CA VAL D 218 20.32 24.67 -20.51
C VAL D 218 20.73 25.89 -21.33
N LYS D 219 19.78 26.79 -21.58
CA LYS D 219 20.11 27.98 -22.35
C LYS D 219 21.21 28.75 -21.61
N ALA D 220 21.23 28.57 -20.29
CA ALA D 220 22.24 29.21 -19.48
C ALA D 220 23.60 28.66 -19.88
N LYS D 221 23.73 27.35 -19.97
CA LYS D 221 25.01 26.78 -20.35
C LYS D 221 25.30 27.05 -21.82
N HIS D 222 24.42 27.85 -22.44
CA HIS D 222 24.54 28.24 -23.85
C HIS D 222 24.32 27.14 -24.85
N PHE D 223 23.27 26.38 -24.67
CA PHE D 223 22.96 25.30 -25.60
C PHE D 223 21.57 25.57 -26.13
N ALA D 224 21.25 25.06 -27.32
CA ALA D 224 19.92 25.23 -27.86
C ALA D 224 19.09 24.22 -27.07
N PHE D 225 17.77 24.33 -27.10
CA PHE D 225 16.96 23.42 -26.33
C PHE D 225 15.67 23.02 -27.04
N ASP D 226 15.34 21.72 -27.04
CA ASP D 226 14.12 21.19 -27.67
C ASP D 226 13.40 20.38 -26.63
N CYS D 227 12.14 20.09 -26.87
CA CYS D 227 11.42 19.27 -25.94
C CYS D 227 10.20 18.76 -26.66
N VAL D 228 9.92 17.48 -26.51
CA VAL D 228 8.78 16.85 -27.14
C VAL D 228 8.18 15.85 -26.17
N GLU D 229 6.87 15.72 -26.20
CA GLU D 229 6.20 14.80 -25.31
C GLU D 229 5.71 13.64 -26.17
N ASN D 230 6.07 12.42 -25.77
CA ASN D 230 5.71 11.21 -26.49
C ASN D 230 5.77 11.33 -28.02
N PRO D 231 6.99 11.56 -28.58
CA PRO D 231 7.12 11.66 -30.04
C PRO D 231 6.69 10.32 -30.60
N ARG D 232 6.02 10.35 -31.74
CA ARG D 232 5.49 9.13 -32.31
C ARG D 232 6.41 7.91 -32.31
N ALA D 233 7.67 8.07 -32.71
CA ALA D 233 8.59 6.93 -32.71
C ALA D 233 8.57 6.26 -31.34
N VAL D 234 8.62 7.07 -30.30
CA VAL D 234 8.61 6.57 -28.94
C VAL D 234 7.26 6.06 -28.50
N LEU D 235 6.21 6.82 -28.79
CA LEU D 235 4.87 6.40 -28.41
C LEU D 235 4.62 4.99 -28.91
N PHE D 236 4.95 4.76 -30.18
CA PHE D 236 4.73 3.43 -30.72
C PHE D 236 5.43 2.34 -29.95
N LEU D 237 6.61 2.66 -29.42
CA LEU D 237 7.33 1.69 -28.64
C LEU D 237 6.54 1.36 -27.36
N LEU D 238 5.98 2.38 -26.72
CA LEU D 238 5.18 2.21 -25.52
C LEU D 238 3.96 1.37 -25.84
N CYS D 239 3.35 1.66 -26.98
CA CYS D 239 2.16 0.95 -27.41
C CYS D 239 2.39 -0.55 -27.60
N SER D 240 3.57 -0.90 -28.07
CA SER D 240 3.88 -2.29 -28.29
C SER D 240 3.65 -3.14 -27.05
N ASP D 241 4.10 -2.64 -25.90
CA ASP D 241 3.91 -3.41 -24.67
C ASP D 241 2.54 -3.29 -24.06
N ASN D 242 1.71 -2.42 -24.63
CA ASN D 242 0.37 -2.23 -24.12
C ASN D 242 -0.47 -1.63 -25.24
N PRO D 243 -0.87 -2.48 -26.19
CA PRO D 243 -1.67 -2.24 -27.39
C PRO D 243 -3.06 -1.67 -27.14
N ASN D 244 -3.69 -2.15 -26.06
CA ASN D 244 -5.02 -1.71 -25.72
C ASN D 244 -5.09 -0.28 -25.23
N ALA D 245 -3.97 0.21 -24.72
CA ALA D 245 -3.92 1.56 -24.22
C ALA D 245 -4.71 2.51 -25.12
N ARG D 246 -5.47 3.39 -24.47
CA ARG D 246 -6.31 4.34 -25.19
C ARG D 246 -5.48 5.21 -26.14
N GLU D 247 -4.27 5.58 -25.72
CA GLU D 247 -3.42 6.45 -26.54
C GLU D 247 -2.86 5.79 -27.77
N CYS D 248 -3.17 4.51 -27.95
CA CYS D 248 -2.67 3.78 -29.10
C CYS D 248 -3.74 3.42 -30.11
N ARG D 249 -4.96 3.87 -29.89
CA ARG D 249 -6.05 3.55 -30.79
C ARG D 249 -5.64 3.91 -32.21
N LEU D 250 -5.80 2.93 -33.10
CA LEU D 250 -5.44 3.06 -34.49
C LEU D 250 -6.55 3.75 -35.29
N ALA D 251 -6.15 4.66 -36.18
CA ALA D 251 -7.10 5.39 -37.04
C ALA D 251 -8.10 4.45 -37.73
N ILE E 1 1.97 11.16 34.57
CA ILE E 1 0.54 11.53 34.87
C ILE E 1 0.17 11.32 36.35
N VAL E 2 -0.50 12.30 36.96
CA VAL E 2 -0.86 12.20 38.37
C VAL E 2 -2.25 11.63 38.66
N PRO E 3 -2.32 10.60 39.52
CA PRO E 3 -3.58 9.96 39.89
C PRO E 3 -4.56 10.84 40.67
N THR E 4 -5.83 10.56 40.49
CA THR E 4 -6.90 11.28 41.16
C THR E 4 -6.79 11.06 42.65
N ARG E 5 -6.93 12.12 43.44
CA ARG E 5 -6.86 11.98 44.90
C ARG E 5 -8.09 11.30 45.44
N GLU E 6 -7.95 10.63 46.58
CA GLU E 6 -9.03 9.95 47.26
C GLU E 6 -9.96 9.21 46.30
N LEU E 7 -9.35 8.45 45.40
CA LEU E 7 -10.09 7.67 44.41
C LEU E 7 -11.32 7.03 45.04
N GLU E 8 -11.13 6.26 46.11
CA GLU E 8 -12.23 5.61 46.84
C GLU E 8 -13.43 6.56 47.03
N ASN E 9 -13.16 7.65 47.74
CA ASN E 9 -14.22 8.61 48.04
C ASN E 9 -14.87 9.19 46.80
N VAL E 10 -14.04 9.66 45.86
CA VAL E 10 -14.61 10.22 44.64
C VAL E 10 -15.52 9.17 44.01
N PHE E 11 -15.00 7.96 43.89
CA PHE E 11 -15.79 6.89 43.28
C PHE E 11 -17.11 6.71 44.00
N LEU E 12 -17.04 6.50 45.32
CA LEU E 12 -18.25 6.27 46.09
C LEU E 12 -19.17 7.47 46.07
N GLY E 13 -18.57 8.65 46.14
CA GLY E 13 -19.38 9.83 46.12
C GLY E 13 -20.14 9.92 44.81
N ARG E 14 -19.39 9.82 43.71
CA ARG E 14 -20.00 9.92 42.42
C ARG E 14 -21.05 8.85 42.27
N CYS E 15 -20.76 7.68 42.79
CA CYS E 15 -21.67 6.58 42.68
C CYS E 15 -23.00 6.89 43.37
N LYS E 16 -22.93 7.27 44.63
CA LYS E 16 -24.12 7.58 45.41
C LYS E 16 -24.91 8.70 44.76
N ASP E 17 -24.20 9.74 44.31
CA ASP E 17 -24.84 10.90 43.70
C ASP E 17 -25.66 10.45 42.52
N TYR E 18 -25.08 9.53 41.78
CA TYR E 18 -25.73 8.98 40.59
C TYR E 18 -26.98 8.20 41.01
N GLU E 19 -26.73 7.19 41.82
CA GLU E 19 -27.76 6.33 42.32
C GLU E 19 -29.01 7.06 42.69
N ILE E 20 -28.86 7.99 43.63
CA ILE E 20 -29.99 8.73 44.13
C ILE E 20 -30.56 9.87 43.30
N THR E 21 -29.71 10.52 42.49
CA THR E 21 -30.19 11.70 41.77
C THR E 21 -29.85 11.96 40.31
N ARG E 22 -29.04 11.13 39.65
CA ARG E 22 -28.67 11.53 38.32
C ARG E 22 -29.45 11.40 37.04
N TYR E 23 -29.79 10.20 36.61
CA TYR E 23 -30.54 10.15 35.34
C TYR E 23 -31.76 9.38 35.64
N LEU E 24 -32.33 9.70 36.78
CA LEU E 24 -33.52 9.03 37.27
C LEU E 24 -34.52 8.70 36.18
N ASP E 25 -34.73 9.61 35.24
CA ASP E 25 -35.71 9.30 34.20
C ASP E 25 -35.17 8.71 32.91
N ILE E 26 -33.88 8.86 32.66
CA ILE E 26 -33.31 8.35 31.44
C ILE E 26 -32.74 6.93 31.56
N LEU E 27 -32.04 6.65 32.67
CA LEU E 27 -31.45 5.35 32.86
C LEU E 27 -31.89 4.65 34.14
N PRO E 28 -31.92 3.32 34.11
CA PRO E 28 -32.32 2.47 35.24
C PRO E 28 -31.27 2.53 36.31
N ARG E 29 -31.64 2.24 37.54
CA ARG E 29 -30.66 2.24 38.61
C ARG E 29 -30.01 0.86 38.52
N VAL E 30 -28.79 0.76 39.01
CA VAL E 30 -28.13 -0.52 38.96
C VAL E 30 -28.48 -1.25 40.24
N ARG E 31 -28.42 -2.56 40.17
CA ARG E 31 -28.77 -3.41 41.30
C ARG E 31 -27.79 -3.45 42.46
N SER E 32 -26.50 -3.52 42.16
CA SER E 32 -25.46 -3.57 43.20
C SER E 32 -25.33 -2.25 43.90
N ASP E 33 -24.88 -2.28 45.15
CA ASP E 33 -24.71 -1.04 45.89
C ASP E 33 -23.30 -0.56 45.65
N CYS E 34 -23.04 0.69 46.00
CA CYS E 34 -21.75 1.28 45.77
C CYS E 34 -20.55 0.54 46.31
N SER E 35 -20.64 0.05 47.54
CA SER E 35 -19.52 -0.66 48.14
C SER E 35 -19.18 -1.89 47.31
N ALA E 36 -20.23 -2.53 46.79
CA ALA E 36 -20.05 -3.72 45.97
C ALA E 36 -19.35 -3.31 44.67
N LEU E 37 -19.83 -2.24 44.05
CA LEU E 37 -19.24 -1.76 42.80
C LEU E 37 -17.78 -1.38 43.07
N TRP E 38 -17.51 -0.80 44.22
CA TRP E 38 -16.15 -0.45 44.49
C TRP E 38 -15.28 -1.69 44.52
N LYS E 39 -15.71 -2.72 45.24
CA LYS E 39 -14.91 -3.94 45.34
C LYS E 39 -14.62 -4.52 43.96
N ASP E 40 -15.64 -4.62 43.11
CA ASP E 40 -15.43 -5.14 41.76
C ASP E 40 -14.42 -4.28 40.97
N PHE E 41 -14.50 -2.97 41.16
CA PHE E 41 -13.63 -2.04 40.46
C PHE E 41 -12.22 -2.09 41.03
N PHE E 42 -12.10 -2.23 42.33
CA PHE E 42 -10.78 -2.27 42.93
C PHE E 42 -10.00 -3.53 42.62
N LYS E 43 -10.62 -4.70 42.82
CA LYS E 43 -9.92 -5.96 42.57
C LYS E 43 -9.34 -6.01 41.17
N ALA E 44 -10.00 -5.34 40.23
CA ALA E 44 -9.55 -5.34 38.84
C ALA E 44 -8.11 -4.87 38.64
N PHE E 45 -7.67 -3.89 39.40
CA PHE E 45 -6.33 -3.38 39.20
C PHE E 45 -5.46 -3.30 40.43
N SER E 46 -6.05 -3.51 41.61
CA SER E 46 -5.28 -3.42 42.85
C SER E 46 -4.27 -4.58 43.05
N PHE E 47 -3.12 -4.23 43.62
CA PHE E 47 -2.04 -5.15 43.94
C PHE E 47 -1.42 -5.83 42.72
N LYS E 48 -1.72 -5.31 41.54
CA LYS E 48 -1.14 -5.83 40.30
C LYS E 48 -0.24 -4.67 39.88
N ASN E 49 0.61 -4.87 38.88
CA ASN E 49 1.46 -3.78 38.43
C ASN E 49 0.63 -2.89 37.55
N PRO E 50 0.92 -1.60 37.53
CA PRO E 50 0.12 -0.70 36.69
C PRO E 50 -0.21 -1.23 35.30
N CYS E 51 0.75 -1.89 34.66
CA CYS E 51 0.52 -2.40 33.29
C CYS E 51 -0.01 -3.81 33.21
N ASP E 52 -0.47 -4.32 34.35
CA ASP E 52 -0.95 -5.69 34.45
C ASP E 52 -2.46 -5.85 34.30
N LEU E 53 -3.00 -5.50 33.14
CA LEU E 53 -4.44 -5.63 32.99
C LEU E 53 -4.77 -6.02 31.58
N ASP E 54 -5.98 -6.53 31.37
CA ASP E 54 -6.45 -6.91 30.04
C ASP E 54 -7.95 -6.67 30.00
N LEU E 55 -8.52 -6.82 28.81
CA LEU E 55 -9.94 -6.61 28.62
C LEU E 55 -10.84 -7.27 29.65
N GLY E 56 -10.34 -8.31 30.30
CA GLY E 56 -11.15 -8.98 31.30
C GLY E 56 -11.05 -8.43 32.71
N SER E 57 -9.99 -7.69 33.01
CA SER E 57 -9.79 -7.19 34.35
C SER E 57 -11.02 -6.57 35.02
N TYR E 58 -11.76 -5.75 34.28
CA TYR E 58 -12.93 -5.08 34.83
C TYR E 58 -14.20 -5.75 34.42
N LYS E 59 -14.11 -7.00 33.99
CA LYS E 59 -15.33 -7.68 33.56
C LYS E 59 -16.38 -7.72 34.65
N ASP E 60 -15.97 -8.08 35.86
CA ASP E 60 -16.92 -8.16 36.94
C ASP E 60 -17.51 -6.80 37.22
N PHE E 61 -16.64 -5.80 37.30
CA PHE E 61 -17.14 -4.49 37.55
C PHE E 61 -18.21 -4.12 36.52
N PHE E 62 -17.86 -4.18 35.24
CA PHE E 62 -18.83 -3.80 34.21
C PHE E 62 -20.10 -4.62 34.19
N THR E 63 -20.03 -5.85 34.66
CA THR E 63 -21.20 -6.67 34.67
C THR E 63 -22.14 -6.10 35.72
N SER E 64 -21.60 -5.74 36.86
CA SER E 64 -22.42 -5.18 37.94
C SER E 64 -22.90 -3.79 37.66
N ALA E 65 -22.11 -3.02 36.90
CA ALA E 65 -22.47 -1.63 36.61
C ALA E 65 -23.23 -1.40 35.33
N GLN E 66 -23.43 -2.45 34.54
CA GLN E 66 -24.12 -2.25 33.28
C GLN E 66 -25.61 -2.03 33.47
N GLN E 67 -26.11 -0.92 32.95
CA GLN E 67 -27.52 -0.62 33.02
C GLN E 67 -28.15 -1.09 31.73
N GLN E 68 -29.45 -0.99 31.69
CA GLN E 68 -30.18 -1.36 30.53
C GLN E 68 -30.48 -0.07 29.74
N LEU E 69 -29.83 0.11 28.61
CA LEU E 69 -30.03 1.31 27.82
C LEU E 69 -31.36 1.39 27.11
N PRO E 70 -31.82 2.62 26.85
CA PRO E 70 -33.09 2.83 26.14
C PRO E 70 -33.02 2.48 24.63
N LYS E 71 -34.11 1.90 24.15
CA LYS E 71 -34.15 1.50 22.77
C LYS E 71 -34.05 2.77 21.95
N ASN E 72 -33.16 2.71 20.95
CA ASN E 72 -32.97 3.78 19.98
C ASN E 72 -32.27 5.05 20.40
N LYS E 73 -31.82 5.14 21.64
CA LYS E 73 -31.18 6.37 22.12
C LYS E 73 -29.64 6.33 22.30
N VAL E 74 -29.03 5.17 22.15
CA VAL E 74 -27.61 5.07 22.40
C VAL E 74 -26.77 5.79 21.37
N MET E 75 -25.81 6.57 21.86
CA MET E 75 -24.91 7.29 20.98
C MET E 75 -23.44 6.96 21.23
N PHE E 76 -22.69 6.88 20.14
CA PHE E 76 -21.27 6.62 20.19
C PHE E 76 -20.61 7.81 19.51
N TRP E 77 -19.37 8.09 19.86
CA TRP E 77 -18.71 9.19 19.19
C TRP E 77 -17.21 8.93 19.04
N SER E 78 -16.57 9.71 18.18
CA SER E 78 -15.13 9.59 17.99
C SER E 78 -14.55 10.97 17.76
N GLY E 79 -13.56 11.32 18.59
CA GLY E 79 -12.90 12.59 18.46
C GLY E 79 -13.77 13.84 18.42
N VAL E 80 -14.92 13.81 19.06
CA VAL E 80 -15.79 14.98 19.09
C VAL E 80 -16.53 14.99 20.42
N TYR E 81 -15.79 14.66 21.48
CA TYR E 81 -16.37 14.58 22.81
C TYR E 81 -17.33 15.72 23.13
N ASP E 82 -16.82 16.95 23.09
CA ASP E 82 -17.68 18.08 23.41
C ASP E 82 -18.92 18.18 22.52
N GLU E 83 -18.73 18.12 21.21
CA GLU E 83 -19.88 18.25 20.35
C GLU E 83 -20.88 17.13 20.56
N ALA E 84 -20.39 15.90 20.69
CA ALA E 84 -21.27 14.77 20.89
C ALA E 84 -22.08 14.92 22.19
N HIS E 85 -21.42 15.25 23.29
CA HIS E 85 -22.15 15.35 24.52
C HIS E 85 -23.12 16.51 24.55
N ASP E 86 -22.76 17.62 23.92
CA ASP E 86 -23.69 18.75 23.90
C ASP E 86 -24.94 18.36 23.16
N TYR E 87 -24.78 17.70 22.03
CA TYR E 87 -25.93 17.29 21.25
C TYR E 87 -26.74 16.27 22.02
N ALA E 88 -26.07 15.27 22.62
CA ALA E 88 -26.76 14.24 23.40
C ALA E 88 -27.56 14.91 24.52
N ASN E 89 -27.07 16.06 24.97
CA ASN E 89 -27.75 16.85 25.98
C ASN E 89 -28.07 16.11 27.28
N THR E 90 -27.08 15.47 27.86
CA THR E 90 -27.27 14.76 29.12
C THR E 90 -28.46 13.80 29.13
N GLY E 91 -28.43 12.84 28.23
CA GLY E 91 -29.47 11.84 28.17
C GLY E 91 -30.79 12.30 27.60
N ARG E 92 -30.95 13.60 27.40
CA ARG E 92 -32.21 14.07 26.88
C ARG E 92 -32.47 13.65 25.45
N LYS E 93 -31.47 13.76 24.60
CA LYS E 93 -31.65 13.39 23.20
C LYS E 93 -31.09 12.01 22.99
N TYR E 94 -29.87 11.79 23.45
CA TYR E 94 -29.22 10.48 23.33
C TYR E 94 -28.44 10.29 24.59
N ILE E 95 -28.17 9.04 24.94
CA ILE E 95 -27.36 8.86 26.12
C ILE E 95 -25.99 8.46 25.59
N THR E 96 -24.95 8.71 26.36
CA THR E 96 -23.61 8.35 25.93
C THR E 96 -23.05 7.52 27.04
N LEU E 97 -21.90 6.92 26.79
CA LEU E 97 -21.28 6.12 27.82
C LEU E 97 -21.15 6.95 29.10
N GLU E 98 -20.74 8.21 28.93
CA GLU E 98 -20.52 9.13 30.06
C GLU E 98 -21.77 9.39 30.88
N ASP E 99 -22.92 9.12 30.27
CA ASP E 99 -24.17 9.34 30.96
C ASP E 99 -24.49 8.12 31.76
N THR E 100 -23.76 7.02 31.52
CA THR E 100 -24.01 5.80 32.25
C THR E 100 -23.23 5.76 33.55
N LEU E 101 -23.68 4.90 34.45
CA LEU E 101 -23.06 4.79 35.75
C LEU E 101 -21.56 4.66 35.71
N PRO E 102 -21.06 3.63 35.01
CA PRO E 102 -19.61 3.43 34.94
C PRO E 102 -18.88 4.62 34.36
N GLY E 103 -19.46 5.21 33.31
CA GLY E 103 -18.82 6.34 32.66
C GLY E 103 -18.79 7.59 33.51
N TYR E 104 -19.93 7.84 34.13
CA TYR E 104 -20.08 8.99 35.00
C TYR E 104 -19.10 8.83 36.17
N MET E 105 -19.01 7.64 36.74
CA MET E 105 -18.11 7.45 37.86
C MET E 105 -16.64 7.66 37.56
N LEU E 106 -16.13 6.99 36.52
CA LEU E 106 -14.73 7.12 36.22
C LEU E 106 -14.37 8.21 35.24
N ASN E 107 -15.34 8.95 34.73
CA ASN E 107 -14.99 9.95 33.76
C ASN E 107 -13.89 10.86 34.26
N SER E 108 -12.79 10.94 33.50
CA SER E 108 -11.66 11.81 33.84
C SER E 108 -10.81 11.39 35.00
N LEU E 109 -11.18 10.31 35.67
CA LEU E 109 -10.33 9.91 36.76
C LEU E 109 -9.06 9.17 36.29
N VAL E 110 -8.02 9.29 37.10
CA VAL E 110 -6.74 8.66 36.85
C VAL E 110 -6.37 7.77 38.01
N TRP E 111 -6.06 6.53 37.71
CA TRP E 111 -5.70 5.55 38.73
C TRP E 111 -4.91 4.39 38.11
N CYS E 112 -4.20 3.67 38.95
CA CYS E 112 -3.43 2.54 38.49
C CYS E 112 -2.99 1.77 39.71
N GLY E 113 -2.74 0.49 39.52
CA GLY E 113 -2.31 -0.32 40.64
C GLY E 113 -0.81 -0.29 40.86
N GLN E 114 -0.43 -0.88 41.97
CA GLN E 114 0.95 -1.07 42.35
C GLN E 114 0.83 -2.35 43.18
N ARG E 115 1.91 -3.10 43.29
CA ARG E 115 1.83 -4.34 44.04
C ARG E 115 1.95 -4.13 45.55
N ALA E 116 2.72 -3.12 45.96
CA ALA E 116 2.91 -2.80 47.38
C ALA E 116 1.64 -2.22 48.00
N ASN E 117 1.40 -2.48 49.29
CA ASN E 117 0.21 -1.91 49.94
C ASN E 117 0.32 -0.41 49.73
N PRO E 118 -0.82 0.30 49.61
CA PRO E 118 -2.22 -0.12 49.63
C PRO E 118 -2.80 -0.86 48.41
N GLY E 119 -1.99 -1.04 47.37
CA GLY E 119 -2.48 -1.74 46.20
C GLY E 119 -2.67 -0.86 44.98
N PHE E 120 -2.48 0.44 45.15
CA PHE E 120 -2.62 1.35 44.03
C PHE E 120 -1.71 2.49 44.27
N ASN E 121 -1.26 3.10 43.18
CA ASN E 121 -0.36 4.19 43.28
C ASN E 121 -1.07 5.50 43.44
N GLU E 122 -0.62 6.31 44.40
CA GLU E 122 -1.23 7.61 44.67
C GLU E 122 -0.28 8.75 44.36
N LYS E 123 0.91 8.42 43.91
CA LYS E 123 1.86 9.45 43.59
C LYS E 123 1.91 9.65 42.09
N VAL E 124 1.97 8.56 41.35
CA VAL E 124 2.07 8.66 39.91
C VAL E 124 1.54 7.43 39.19
N CYS E 125 1.12 7.64 37.95
CA CYS E 125 0.66 6.57 37.07
C CYS E 125 1.44 6.61 35.78
N PRO E 126 1.70 5.42 35.21
CA PRO E 126 2.46 5.31 33.97
C PRO E 126 1.74 6.04 32.86
N ASP E 127 2.52 6.40 31.85
CA ASP E 127 1.97 7.07 30.69
C ASP E 127 1.26 6.04 29.79
N PHE E 128 0.19 6.49 29.14
CA PHE E 128 -0.59 5.71 28.18
C PHE E 128 0.36 4.71 27.45
N LYS E 129 1.14 5.27 26.53
CA LYS E 129 2.09 4.56 25.70
C LYS E 129 3.00 3.53 26.37
N THR E 130 3.20 3.61 27.69
CA THR E 130 4.09 2.68 28.36
C THR E 130 3.58 1.25 28.45
N CYS E 131 2.27 1.13 28.58
CA CYS E 131 1.65 -0.18 28.73
C CYS E 131 1.13 -0.82 27.45
N PRO E 132 1.03 -2.17 27.46
CA PRO E 132 0.52 -2.83 26.26
C PRO E 132 -0.95 -2.36 26.09
N VAL E 133 -1.47 -2.36 24.86
CA VAL E 133 -2.84 -1.90 24.67
C VAL E 133 -3.87 -2.55 25.53
N GLN E 134 -3.86 -3.89 25.60
CA GLN E 134 -4.88 -4.57 26.40
C GLN E 134 -4.97 -4.08 27.84
N ALA E 135 -3.88 -3.52 28.37
CA ALA E 135 -3.87 -2.99 29.73
C ALA E 135 -4.27 -1.52 29.65
N ARG E 136 -3.63 -0.83 28.73
CA ARG E 136 -3.87 0.58 28.50
C ARG E 136 -5.33 0.90 28.26
N GLU E 137 -6.01 0.05 27.51
CA GLU E 137 -7.42 0.28 27.16
C GLU E 137 -8.32 -0.70 27.89
N SER E 138 -7.77 -1.37 28.90
CA SER E 138 -8.51 -2.37 29.68
C SER E 138 -9.82 -1.86 30.24
N PHE E 139 -9.78 -0.66 30.80
CA PHE E 139 -10.99 -0.13 31.38
C PHE E 139 -11.94 0.54 30.38
N TRP E 140 -11.50 1.61 29.73
CA TRP E 140 -12.41 2.28 28.79
C TRP E 140 -12.77 1.39 27.61
N GLY E 141 -11.89 0.46 27.29
CA GLY E 141 -12.18 -0.43 26.19
C GLY E 141 -13.34 -1.32 26.61
N MET E 142 -13.19 -1.94 27.77
CA MET E 142 -14.22 -2.82 28.29
C MET E 142 -15.54 -2.03 28.46
N ALA E 143 -15.42 -0.85 29.07
CA ALA E 143 -16.57 0.00 29.25
C ALA E 143 -17.28 0.15 27.92
N SER E 144 -16.53 0.54 26.89
CA SER E 144 -17.13 0.75 25.60
C SER E 144 -17.79 -0.50 25.10
N SER E 145 -17.13 -1.64 25.30
CA SER E 145 -17.67 -2.93 24.83
C SER E 145 -18.99 -3.22 25.51
N SER E 146 -18.94 -3.23 26.83
CA SER E 146 -20.14 -3.49 27.58
C SER E 146 -21.28 -2.54 27.18
N TYR E 147 -20.97 -1.26 27.05
CA TYR E 147 -21.95 -0.26 26.68
C TYR E 147 -22.57 -0.64 25.36
N ALA E 148 -21.73 -0.75 24.33
CA ALA E 148 -22.21 -1.07 22.98
C ALA E 148 -23.06 -2.33 22.96
N HIS E 149 -22.60 -3.34 23.68
CA HIS E 149 -23.28 -4.61 23.74
C HIS E 149 -24.74 -4.42 24.18
N SER E 150 -24.96 -3.40 25.01
CA SER E 150 -26.29 -3.13 25.55
C SER E 150 -27.20 -2.27 24.69
N ALA E 151 -26.74 -1.81 23.54
CA ALA E 151 -27.67 -1.01 22.76
C ALA E 151 -28.77 -1.90 22.22
N GLU E 152 -29.85 -1.24 21.86
CA GLU E 152 -31.04 -1.85 21.29
C GLU E 152 -31.59 -0.81 20.32
N GLY E 153 -32.14 -1.27 19.21
CA GLY E 153 -32.72 -0.37 18.22
C GLY E 153 -31.73 0.43 17.41
N GLU E 154 -32.12 1.66 17.06
CA GLU E 154 -31.23 2.53 16.32
C GLU E 154 -30.13 3.00 17.25
N VAL E 155 -28.95 3.10 16.68
CA VAL E 155 -27.75 3.51 17.39
C VAL E 155 -27.20 4.70 16.60
N THR E 156 -26.59 5.69 17.25
CA THR E 156 -26.09 6.84 16.54
C THR E 156 -24.60 7.02 16.77
N TYR E 157 -23.87 7.42 15.72
CA TYR E 157 -22.42 7.59 15.82
C TYR E 157 -22.00 8.95 15.25
N MET E 158 -21.37 9.77 16.10
CA MET E 158 -20.94 11.07 15.64
C MET E 158 -19.45 11.04 15.47
N VAL E 159 -18.98 11.49 14.30
CA VAL E 159 -17.56 11.47 14.00
C VAL E 159 -17.07 12.79 13.47
N ASP E 160 -15.75 12.94 13.54
CA ASP E 160 -15.12 14.17 13.07
C ASP E 160 -14.75 13.96 11.60
N GLY E 161 -15.33 14.77 10.73
CA GLY E 161 -15.06 14.64 9.32
C GLY E 161 -14.12 15.71 8.84
N SER E 162 -13.51 16.43 9.77
CA SER E 162 -12.61 17.51 9.41
C SER E 162 -11.21 17.27 9.99
N ASN E 163 -10.85 16.03 10.24
CA ASN E 163 -9.52 15.78 10.77
C ASN E 163 -8.63 15.06 9.77
N PRO E 164 -7.74 15.81 9.08
CA PRO E 164 -6.82 15.29 8.06
C PRO E 164 -5.95 14.12 8.53
N LYS E 165 -5.64 14.09 9.82
CA LYS E 165 -4.83 13.03 10.38
C LYS E 165 -5.60 11.82 10.87
N VAL E 166 -6.89 11.95 11.10
CA VAL E 166 -7.67 10.83 11.61
C VAL E 166 -8.98 10.63 10.88
N PRO E 167 -9.09 9.53 10.13
CA PRO E 167 -10.33 9.30 9.40
C PRO E 167 -11.49 9.14 10.33
N ALA E 168 -12.65 9.59 9.84
CA ALA E 168 -13.92 9.51 10.57
C ALA E 168 -14.08 8.14 11.24
N TYR E 169 -13.98 7.09 10.45
CA TYR E 169 -14.07 5.75 11.00
C TYR E 169 -12.72 5.07 10.94
N ARG E 170 -12.37 4.34 11.99
CA ARG E 170 -11.09 3.66 12.04
C ARG E 170 -11.28 2.34 12.74
N PRO E 171 -10.80 1.26 12.15
CA PRO E 171 -10.93 -0.07 12.76
C PRO E 171 -10.39 -0.08 14.16
N ASP E 172 -9.46 0.82 14.46
CA ASP E 172 -8.92 0.80 15.80
C ASP E 172 -9.14 2.03 16.71
N SER E 173 -10.32 2.63 16.60
CA SER E 173 -10.70 3.73 17.46
C SER E 173 -11.44 2.88 18.48
N PHE E 174 -11.75 3.41 19.66
CA PHE E 174 -12.47 2.59 20.65
C PHE E 174 -13.76 2.09 20.04
N PHE E 175 -14.34 2.91 19.16
CA PHE E 175 -15.56 2.53 18.50
C PHE E 175 -15.32 1.31 17.63
N GLY E 176 -14.32 1.42 16.77
CA GLY E 176 -14.02 0.32 15.87
C GLY E 176 -13.53 -0.93 16.57
N LYS E 177 -12.86 -0.78 17.71
CA LYS E 177 -12.34 -1.91 18.45
C LYS E 177 -13.34 -2.56 19.40
N TYR E 178 -14.12 -1.74 20.11
CA TYR E 178 -15.04 -2.29 21.10
C TYR E 178 -16.51 -1.98 20.93
N GLU E 179 -16.85 -0.87 20.28
CA GLU E 179 -18.26 -0.53 20.18
C GLU E 179 -18.91 -1.22 18.99
N LEU E 180 -18.56 -0.85 17.76
CA LEU E 180 -19.17 -1.49 16.57
C LEU E 180 -19.18 -3.04 16.56
N PRO E 181 -18.05 -3.69 16.85
CA PRO E 181 -17.99 -5.17 16.86
C PRO E 181 -18.87 -5.83 17.92
N ASN E 182 -19.28 -5.07 18.94
CA ASN E 182 -20.10 -5.65 19.97
C ASN E 182 -21.59 -5.33 19.89
N LEU E 183 -22.00 -4.64 18.81
CA LEU E 183 -23.42 -4.35 18.63
C LEU E 183 -24.11 -5.68 18.40
N THR E 184 -25.17 -5.93 19.18
CA THR E 184 -25.93 -7.17 19.07
C THR E 184 -27.00 -7.08 17.99
N ASN E 185 -27.67 -8.20 17.75
CA ASN E 185 -28.74 -8.25 16.76
C ASN E 185 -29.95 -7.43 17.24
N LYS E 186 -29.87 -6.90 18.47
CA LYS E 186 -30.95 -6.08 19.02
C LYS E 186 -30.83 -4.71 18.36
N VAL E 187 -29.67 -4.43 17.77
CA VAL E 187 -29.46 -3.16 17.10
C VAL E 187 -30.06 -3.26 15.71
N THR E 188 -30.77 -2.20 15.32
CA THR E 188 -31.49 -2.11 14.05
C THR E 188 -30.75 -1.36 12.98
N ARG E 189 -30.31 -0.18 13.33
CA ARG E 189 -29.66 0.69 12.38
C ARG E 189 -28.53 1.45 13.03
N VAL E 190 -27.66 2.00 12.20
CA VAL E 190 -26.52 2.76 12.66
C VAL E 190 -26.61 4.06 11.88
N LYS E 191 -27.01 5.14 12.56
CA LYS E 191 -27.13 6.44 11.90
C LYS E 191 -25.84 7.18 12.20
N VAL E 192 -25.17 7.66 11.16
CA VAL E 192 -23.93 8.37 11.38
C VAL E 192 -24.13 9.87 11.20
N ILE E 193 -23.44 10.62 12.04
CA ILE E 193 -23.50 12.06 11.96
C ILE E 193 -22.07 12.47 11.78
N VAL E 194 -21.79 13.06 10.63
CA VAL E 194 -20.43 13.50 10.32
C VAL E 194 -20.40 14.97 10.69
N LEU E 195 -19.37 15.32 11.45
CA LEU E 195 -19.24 16.67 11.90
C LEU E 195 -18.19 17.39 11.08
N HIS E 196 -18.54 18.51 10.48
CA HIS E 196 -17.59 19.27 9.68
C HIS E 196 -17.31 20.54 10.46
N ARG E 197 -16.28 20.52 11.30
CA ARG E 197 -15.92 21.68 12.09
C ARG E 197 -15.98 22.95 11.26
N LEU E 198 -16.47 24.03 11.85
CA LEU E 198 -16.65 25.29 11.12
C LEU E 198 -15.37 25.94 10.65
N GLY E 199 -15.40 26.45 9.43
CA GLY E 199 -14.25 27.10 8.85
C GLY E 199 -13.07 26.15 8.71
N GLU E 200 -13.37 24.89 8.41
CA GLU E 200 -12.34 23.86 8.28
C GLU E 200 -12.54 23.07 6.99
N LYS E 201 -11.44 22.75 6.33
CA LYS E 201 -11.54 21.99 5.12
C LYS E 201 -12.22 20.66 5.46
N ILE E 202 -13.23 20.33 4.66
CA ILE E 202 -13.97 19.10 4.84
C ILE E 202 -13.04 17.97 4.44
N ILE E 203 -12.93 16.94 5.27
CA ILE E 203 -12.06 15.82 4.97
C ILE E 203 -12.79 14.53 4.60
N GLU E 204 -13.81 14.19 5.38
CA GLU E 204 -14.60 13.00 5.10
C GLU E 204 -16.01 13.37 4.70
N LYS E 205 -16.61 12.55 3.85
CA LYS E 205 -17.97 12.78 3.39
C LYS E 205 -18.67 11.44 3.33
N CYS E 206 -19.99 11.46 3.46
CA CYS E 206 -20.74 10.22 3.43
C CYS E 206 -20.53 9.49 2.11
N GLY E 207 -20.58 8.15 2.15
CA GLY E 207 -20.38 7.36 0.95
C GLY E 207 -18.97 7.42 0.36
N ALA E 208 -18.06 8.02 1.11
CA ALA E 208 -16.68 8.15 0.69
C ALA E 208 -15.71 7.82 1.81
N GLY E 209 -14.47 7.51 1.43
CA GLY E 209 -13.46 7.22 2.41
C GLY E 209 -13.82 6.19 3.45
N SER E 210 -13.50 6.49 4.71
CA SER E 210 -13.79 5.56 5.79
C SER E 210 -15.27 5.43 6.03
N LEU E 211 -16.04 6.45 5.67
CA LEU E 211 -17.50 6.39 5.84
C LEU E 211 -18.08 5.34 4.92
N LEU E 212 -17.50 5.28 3.73
CA LEU E 212 -17.91 4.31 2.74
C LEU E 212 -17.55 2.92 3.26
N ASP E 213 -16.38 2.77 3.91
CA ASP E 213 -15.98 1.47 4.44
C ASP E 213 -16.92 1.05 5.58
N LEU E 214 -17.22 2.00 6.46
CA LEU E 214 -18.10 1.75 7.60
C LEU E 214 -19.46 1.27 7.10
N GLU E 215 -19.99 1.95 6.10
CA GLU E 215 -21.26 1.58 5.53
C GLU E 215 -21.30 0.09 5.13
N LYS E 216 -20.28 -0.34 4.39
CA LYS E 216 -20.20 -1.74 3.97
C LYS E 216 -20.15 -2.60 5.23
N LEU E 217 -19.23 -2.23 6.11
CA LEU E 217 -19.02 -2.93 7.36
C LEU E 217 -20.30 -3.07 8.16
N VAL E 218 -21.11 -2.01 8.17
CA VAL E 218 -22.36 -2.00 8.90
C VAL E 218 -23.40 -2.89 8.24
N LYS E 219 -23.61 -2.69 6.95
CA LYS E 219 -24.60 -3.49 6.24
C LYS E 219 -24.16 -4.96 6.35
N ALA E 220 -22.86 -5.17 6.51
CA ALA E 220 -22.32 -6.51 6.68
C ALA E 220 -22.88 -7.09 7.97
N LYS E 221 -22.79 -6.35 9.07
CA LYS E 221 -23.32 -6.87 10.32
C LYS E 221 -24.85 -6.94 10.28
N HIS E 222 -25.40 -6.64 9.11
CA HIS E 222 -26.85 -6.65 8.88
C HIS E 222 -27.64 -5.56 9.58
N PHE E 223 -27.19 -4.32 9.49
CA PHE E 223 -27.90 -3.19 10.10
C PHE E 223 -28.21 -2.22 8.99
N ALA E 224 -29.23 -1.39 9.17
CA ALA E 224 -29.56 -0.40 8.15
C ALA E 224 -28.49 0.65 8.39
N PHE E 225 -28.32 1.60 7.48
CA PHE E 225 -27.29 2.60 7.67
C PHE E 225 -27.71 3.95 7.14
N ASP E 226 -27.47 5.03 7.91
CA ASP E 226 -27.79 6.41 7.53
C ASP E 226 -26.54 7.22 7.72
N CYS E 227 -26.52 8.41 7.14
CA CYS E 227 -25.36 9.24 7.31
C CYS E 227 -25.77 10.64 6.92
N VAL E 228 -25.38 11.61 7.73
CA VAL E 228 -25.71 12.99 7.45
C VAL E 228 -24.54 13.85 7.84
N GLU E 229 -24.32 14.92 7.10
CA GLU E 229 -23.23 15.83 7.38
C GLU E 229 -23.82 17.10 7.95
N ASN E 230 -23.35 17.48 9.12
CA ASN E 230 -23.81 18.68 9.82
C ASN E 230 -25.33 18.90 9.75
N PRO E 231 -26.10 17.98 10.35
CA PRO E 231 -27.57 18.13 10.35
C PRO E 231 -27.85 19.42 11.08
N ARG E 232 -28.83 20.17 10.62
CA ARG E 232 -29.12 21.47 11.21
C ARG E 232 -29.13 21.55 12.73
N ALA E 233 -29.78 20.61 13.40
CA ALA E 233 -29.79 20.65 14.86
C ALA E 233 -28.34 20.80 15.38
N VAL E 234 -27.44 19.98 14.84
CA VAL E 234 -26.03 20.00 15.23
C VAL E 234 -25.28 21.23 14.72
N LEU E 235 -25.49 21.60 13.47
CA LEU E 235 -24.82 22.76 12.93
C LEU E 235 -25.07 23.94 13.86
N PHE E 236 -26.33 24.16 14.22
CA PHE E 236 -26.65 25.30 15.09
C PHE E 236 -25.85 25.26 16.38
N LEU E 237 -25.61 24.05 16.88
CA LEU E 237 -24.86 23.94 18.11
C LEU E 237 -23.43 24.46 17.86
N LEU E 238 -22.86 24.10 16.72
CA LEU E 238 -21.51 24.55 16.36
C LEU E 238 -21.48 26.06 16.19
N CYS E 239 -22.51 26.57 15.54
CA CYS E 239 -22.61 28.00 15.32
C CYS E 239 -22.62 28.78 16.63
N SER E 240 -23.26 28.24 17.66
CA SER E 240 -23.35 28.93 18.93
C SER E 240 -21.99 29.36 19.44
N ASP E 241 -21.02 28.48 19.38
CA ASP E 241 -19.69 28.81 19.86
C ASP E 241 -18.86 29.62 18.89
N ASN E 242 -19.38 29.82 17.69
CA ASN E 242 -18.69 30.60 16.68
C ASN E 242 -19.72 31.11 15.69
N PRO E 243 -20.45 32.16 16.07
CA PRO E 243 -21.51 32.86 15.35
C PRO E 243 -21.09 33.48 14.04
N ASN E 244 -19.86 33.97 14.01
CA ASN E 244 -19.37 34.63 12.81
C ASN E 244 -19.07 33.68 11.68
N ALA E 245 -18.82 32.43 12.01
CA ALA E 245 -18.54 31.43 11.00
C ALA E 245 -19.41 31.64 9.76
N ARG E 246 -18.78 31.49 8.61
CA ARG E 246 -19.46 31.68 7.34
C ARG E 246 -20.66 30.74 7.19
N GLU E 247 -20.53 29.52 7.68
CA GLU E 247 -21.60 28.53 7.56
C GLU E 247 -22.83 28.82 8.42
N CYS E 248 -22.85 29.95 9.15
CA CYS E 248 -23.96 30.28 10.03
C CYS E 248 -24.71 31.54 9.64
N ARG E 249 -24.36 32.12 8.50
CA ARG E 249 -25.01 33.33 8.05
C ARG E 249 -26.52 33.11 8.05
N LEU E 250 -27.22 34.04 8.70
CA LEU E 250 -28.67 33.99 8.82
C LEU E 250 -29.35 34.57 7.59
N ALA E 251 -30.42 33.89 7.14
CA ALA E 251 -31.20 34.34 5.98
C ALA E 251 -31.58 35.82 6.06
N ILE F 1 -44.80 16.67 48.70
CA ILE F 1 -43.44 16.52 48.06
C ILE F 1 -42.55 15.54 48.86
N VAL F 2 -41.87 14.65 48.13
CA VAL F 2 -41.01 13.64 48.78
C VAL F 2 -39.54 13.99 48.88
N PRO F 3 -38.99 13.89 50.10
CA PRO F 3 -37.59 14.19 50.37
C PRO F 3 -36.59 13.26 49.73
N THR F 4 -35.43 13.82 49.41
CA THR F 4 -34.35 13.09 48.79
C THR F 4 -33.87 11.99 49.75
N ARG F 5 -33.65 10.78 49.23
CA ARG F 5 -33.20 9.70 50.10
C ARG F 5 -31.73 9.90 50.44
N GLU F 6 -31.34 9.34 51.58
CA GLU F 6 -29.96 9.40 52.08
C GLU F 6 -29.34 10.76 51.89
N LEU F 7 -30.06 11.78 52.31
CA LEU F 7 -29.62 13.14 52.17
C LEU F 7 -28.16 13.27 52.57
N GLU F 8 -27.81 12.81 53.76
CA GLU F 8 -26.42 12.84 54.24
C GLU F 8 -25.42 12.38 53.15
N ASN F 9 -25.60 11.13 52.72
CA ASN F 9 -24.70 10.56 51.73
C ASN F 9 -24.65 11.33 50.45
N VAL F 10 -25.82 11.69 49.92
CA VAL F 10 -25.85 12.43 48.67
C VAL F 10 -25.07 13.72 48.85
N PHE F 11 -25.33 14.40 49.94
CA PHE F 11 -24.64 15.64 50.23
C PHE F 11 -23.14 15.40 50.27
N LEU F 12 -22.70 14.48 51.12
CA LEU F 12 -21.28 14.21 51.25
C LEU F 12 -20.66 13.73 49.96
N GLY F 13 -21.41 12.91 49.24
CA GLY F 13 -20.91 12.38 47.99
C GLY F 13 -20.68 13.51 47.02
N ARG F 14 -21.72 14.30 46.82
CA ARG F 14 -21.66 15.42 45.91
C ARG F 14 -20.55 16.36 46.33
N CYS F 15 -20.42 16.55 47.62
CA CYS F 15 -19.42 17.43 48.15
C CYS F 15 -18.01 16.96 47.78
N LYS F 16 -17.70 15.72 48.11
CA LYS F 16 -16.39 15.17 47.83
C LYS F 16 -16.08 15.20 46.33
N ASP F 17 -17.07 14.82 45.52
CA ASP F 17 -16.90 14.78 44.08
C ASP F 17 -16.48 16.16 43.59
N TYR F 18 -17.13 17.17 44.14
CA TYR F 18 -16.86 18.53 43.76
C TYR F 18 -15.46 18.91 44.14
N GLU F 19 -15.19 18.75 45.43
CA GLU F 19 -13.91 19.06 46.02
C GLU F 19 -12.77 18.59 45.16
N ILE F 20 -12.76 17.30 44.93
CA ILE F 20 -11.67 16.68 44.20
C ILE F 20 -11.66 16.82 42.70
N THR F 21 -12.83 16.92 42.10
CA THR F 21 -12.85 16.92 40.65
C THR F 21 -13.73 17.87 39.85
N ARG F 22 -14.53 18.72 40.47
CA ARG F 22 -15.44 19.48 39.62
C ARG F 22 -15.15 20.74 38.84
N TYR F 23 -14.81 21.84 39.48
CA TYR F 23 -14.54 22.99 38.62
C TYR F 23 -13.16 23.43 38.95
N LEU F 24 -12.29 22.45 39.03
CA LEU F 24 -10.91 22.67 39.39
C LEU F 24 -10.33 23.93 38.80
N ASP F 25 -10.61 24.18 37.54
CA ASP F 25 -10.04 25.37 36.96
C ASP F 25 -10.87 26.63 36.99
N ILE F 26 -12.19 26.48 37.19
CA ILE F 26 -13.04 27.63 37.21
C ILE F 26 -13.27 28.24 38.59
N LEU F 27 -13.44 27.39 39.60
CA LEU F 27 -13.70 27.88 40.96
C LEU F 27 -12.73 27.34 41.98
N PRO F 28 -12.46 28.14 43.02
CA PRO F 28 -11.54 27.80 44.11
C PRO F 28 -12.14 26.70 44.94
N ARG F 29 -11.30 25.97 45.66
CA ARG F 29 -11.82 24.93 46.51
C ARG F 29 -12.21 25.65 47.76
N VAL F 30 -13.12 25.06 48.52
CA VAL F 30 -13.51 25.73 49.75
C VAL F 30 -12.60 25.18 50.83
N ARG F 31 -12.43 25.98 51.89
CA ARG F 31 -11.56 25.64 52.98
C ARG F 31 -12.04 24.53 53.92
N SER F 32 -13.31 24.57 54.31
CA SER F 32 -13.89 23.58 55.20
C SER F 32 -14.03 22.22 54.53
N ASP F 33 -13.96 21.16 55.31
CA ASP F 33 -14.10 19.83 54.74
C ASP F 33 -15.58 19.47 54.73
N CYS F 34 -15.91 18.42 53.98
CA CYS F 34 -17.29 18.01 53.84
C CYS F 34 -18.05 17.75 55.14
N SER F 35 -17.43 17.06 56.08
CA SER F 35 -18.11 16.78 57.34
C SER F 35 -18.49 18.10 58.01
N ALA F 36 -17.60 19.09 57.94
CA ALA F 36 -17.85 20.38 58.54
C ALA F 36 -19.01 21.05 57.83
N LEU F 37 -19.00 20.99 56.51
CA LEU F 37 -20.07 21.59 55.74
C LEU F 37 -21.37 20.89 56.04
N TRP F 38 -21.32 19.60 56.29
CA TRP F 38 -22.55 18.91 56.58
C TRP F 38 -23.12 19.42 57.90
N LYS F 39 -22.27 19.52 58.93
CA LYS F 39 -22.76 20.00 60.22
C LYS F 39 -23.41 21.35 60.10
N ASP F 40 -22.76 22.29 59.39
CA ASP F 40 -23.31 23.62 59.20
C ASP F 40 -24.66 23.60 58.48
N PHE F 41 -24.77 22.69 57.52
CA PHE F 41 -25.97 22.56 56.75
C PHE F 41 -27.07 21.87 57.57
N PHE F 42 -26.69 20.88 58.36
CA PHE F 42 -27.69 20.17 59.13
C PHE F 42 -28.27 20.98 60.25
N LYS F 43 -27.43 21.59 61.07
CA LYS F 43 -27.93 22.38 62.19
C LYS F 43 -28.96 23.42 61.75
N ALA F 44 -28.79 23.92 60.52
CA ALA F 44 -29.69 24.93 60.00
C ALA F 44 -31.16 24.57 60.04
N PHE F 45 -31.46 23.30 59.80
CA PHE F 45 -32.88 22.91 59.76
C PHE F 45 -33.25 21.71 60.62
N SER F 46 -32.27 21.01 61.16
CA SER F 46 -32.55 19.82 61.97
C SER F 46 -33.17 20.12 63.31
N PHE F 47 -34.09 19.24 63.71
CA PHE F 47 -34.81 19.32 64.96
C PHE F 47 -35.68 20.55 65.13
N LYS F 48 -35.93 21.25 64.04
CA LYS F 48 -36.80 22.42 64.07
C LYS F 48 -37.99 21.94 63.24
N ASN F 49 -39.10 22.66 63.22
CA ASN F 49 -40.23 22.24 62.41
C ASN F 49 -39.94 22.61 60.98
N PRO F 50 -40.44 21.82 60.03
CA PRO F 50 -40.17 22.13 58.63
C PRO F 50 -40.29 23.61 58.27
N CYS F 51 -41.26 24.32 58.84
CA CYS F 51 -41.46 25.71 58.49
C CYS F 51 -40.74 26.69 59.39
N ASP F 52 -39.83 26.17 60.18
CA ASP F 52 -39.11 26.96 61.15
C ASP F 52 -37.74 27.48 60.70
N LEU F 53 -37.70 28.32 59.69
CA LEU F 53 -36.42 28.81 59.22
C LEU F 53 -36.56 30.21 58.71
N ASP F 54 -35.43 30.91 58.59
CA ASP F 54 -35.42 32.26 58.08
C ASP F 54 -34.10 32.44 57.35
N LEU F 55 -33.95 33.58 56.67
CA LEU F 55 -32.74 33.91 55.92
C LEU F 55 -31.43 33.64 56.64
N GLY F 56 -31.46 33.63 57.97
CA GLY F 56 -30.24 33.37 58.72
C GLY F 56 -29.94 31.89 59.03
N SER F 57 -30.94 31.00 58.95
CA SER F 57 -30.74 29.60 59.28
C SER F 57 -29.50 28.97 58.65
N TYR F 58 -29.24 29.23 57.38
CA TYR F 58 -28.09 28.63 56.72
C TYR F 58 -26.94 29.60 56.60
N LYS F 59 -26.94 30.64 57.39
CA LYS F 59 -25.86 31.61 57.31
C LYS F 59 -24.51 30.96 57.51
N ASP F 60 -24.37 30.15 58.54
CA ASP F 60 -23.10 29.52 58.80
C ASP F 60 -22.71 28.62 57.65
N PHE F 61 -23.66 27.84 57.17
CA PHE F 61 -23.34 26.97 56.05
C PHE F 61 -22.80 27.79 54.89
N PHE F 62 -23.55 28.80 54.46
CA PHE F 62 -23.12 29.58 53.30
C PHE F 62 -21.81 30.30 53.49
N THR F 63 -21.51 30.65 54.73
CA THR F 63 -20.26 31.33 54.99
C THR F 63 -19.12 30.33 54.73
N SER F 64 -19.28 29.07 55.17
CA SER F 64 -18.25 28.06 54.99
C SER F 64 -18.20 27.59 53.56
N ALA F 65 -19.32 27.63 52.86
CA ALA F 65 -19.35 27.12 51.49
C ALA F 65 -19.15 28.19 50.40
N GLN F 66 -19.03 29.44 50.80
CA GLN F 66 -18.91 30.46 49.78
C GLN F 66 -17.54 30.51 49.16
N GLN F 67 -17.56 30.37 47.85
CA GLN F 67 -16.38 30.45 47.04
C GLN F 67 -16.18 31.86 46.47
N GLN F 68 -14.94 32.16 46.19
CA GLN F 68 -14.67 33.43 45.59
C GLN F 68 -15.07 33.23 44.16
N LEU F 69 -15.87 34.17 43.67
CA LEU F 69 -16.38 34.12 42.31
C LEU F 69 -15.59 34.94 41.33
N PRO F 70 -15.08 34.29 40.27
CA PRO F 70 -14.28 34.83 39.17
C PRO F 70 -14.84 36.08 38.53
N LYS F 71 -14.01 37.11 38.48
CA LYS F 71 -14.46 38.35 37.92
C LYS F 71 -15.17 38.24 36.58
N ASN F 72 -16.25 38.99 36.44
CA ASN F 72 -16.98 39.06 35.21
C ASN F 72 -17.68 37.83 34.68
N LYS F 73 -17.54 36.71 35.35
CA LYS F 73 -18.20 35.55 34.81
C LYS F 73 -19.42 35.07 35.56
N VAL F 74 -19.90 35.87 36.51
CA VAL F 74 -21.09 35.48 37.23
C VAL F 74 -22.32 35.77 36.40
N MET F 75 -23.21 34.79 36.37
CA MET F 75 -24.46 34.93 35.64
C MET F 75 -25.67 34.65 36.53
N PHE F 76 -26.73 35.43 36.28
CA PHE F 76 -27.99 35.33 36.98
C PHE F 76 -29.02 35.12 35.91
N TRP F 77 -30.13 34.50 36.25
CA TRP F 77 -31.17 34.26 35.25
C TRP F 77 -32.53 34.25 35.91
N SER F 78 -33.56 34.39 35.09
CA SER F 78 -34.94 34.36 35.54
C SER F 78 -35.82 33.67 34.53
N GLY F 79 -36.50 32.61 34.99
CA GLY F 79 -37.38 31.86 34.12
C GLY F 79 -36.81 31.35 32.80
N VAL F 80 -35.54 31.04 32.79
CA VAL F 80 -34.94 30.51 31.57
C VAL F 80 -33.82 29.58 31.97
N TYR F 81 -34.09 28.77 32.98
CA TYR F 81 -33.11 27.86 33.52
C TYR F 81 -32.34 27.11 32.45
N ASP F 82 -33.05 26.35 31.62
CA ASP F 82 -32.36 25.59 30.60
C ASP F 82 -31.50 26.44 29.66
N GLU F 83 -32.08 27.49 29.11
CA GLU F 83 -31.31 28.32 28.20
C GLU F 83 -30.11 28.97 28.88
N ALA F 84 -30.29 29.48 30.09
CA ALA F 84 -29.20 30.12 30.80
C ALA F 84 -28.09 29.15 31.06
N HIS F 85 -28.41 27.98 31.57
CA HIS F 85 -27.34 27.05 31.84
C HIS F 85 -26.65 26.52 30.61
N ASP F 86 -27.40 26.31 29.53
CA ASP F 86 -26.73 25.84 28.32
C ASP F 86 -25.73 26.90 27.85
N TYR F 87 -26.14 28.15 27.84
CA TYR F 87 -25.24 29.19 27.40
C TYR F 87 -24.06 29.30 28.35
N ALA F 88 -24.30 29.24 29.66
CA ALA F 88 -23.21 29.35 30.64
C ALA F 88 -22.24 28.20 30.39
N ASN F 89 -22.76 27.10 29.86
CA ASN F 89 -21.95 25.94 29.51
C ASN F 89 -21.08 25.37 30.64
N THR F 90 -21.69 25.09 31.79
CA THR F 90 -20.97 24.50 32.91
C THR F 90 -19.69 25.26 33.30
N GLY F 91 -19.86 26.54 33.63
CA GLY F 91 -18.75 27.36 34.05
C GLY F 91 -17.77 27.77 32.98
N ARG F 92 -17.92 27.21 31.79
CA ARG F 92 -16.99 27.56 30.74
C ARG F 92 -17.14 29.00 30.26
N LYS F 93 -18.37 29.46 30.09
CA LYS F 93 -18.58 30.83 29.63
C LYS F 93 -18.92 31.71 30.82
N TYR F 94 -19.87 31.26 31.64
CA TYR F 94 -20.26 31.99 32.84
C TYR F 94 -20.53 30.94 33.88
N ILE F 95 -20.43 31.30 35.15
CA ILE F 95 -20.77 30.32 36.15
C ILE F 95 -22.16 30.72 36.66
N THR F 96 -22.91 29.78 37.20
CA THR F 96 -24.24 30.11 37.70
C THR F 96 -24.24 29.59 39.11
N LEU F 97 -25.26 29.96 39.86
CA LEU F 97 -25.36 29.46 41.22
C LEU F 97 -25.20 27.94 41.24
N GLU F 98 -25.79 27.22 40.30
CA GLU F 98 -25.72 25.77 40.30
C GLU F 98 -24.37 25.16 40.09
N ASP F 99 -23.40 25.98 39.71
CA ASP F 99 -22.02 25.56 39.48
C ASP F 99 -21.21 25.66 40.80
N THR F 100 -21.57 26.59 41.65
CA THR F 100 -20.85 26.73 42.89
C THR F 100 -21.09 25.56 43.80
N LEU F 101 -20.19 25.39 44.77
CA LEU F 101 -20.27 24.28 45.73
C LEU F 101 -21.66 24.08 46.34
N PRO F 102 -22.17 25.12 46.97
CA PRO F 102 -23.49 25.02 47.60
C PRO F 102 -24.57 24.64 46.60
N GLY F 103 -24.53 25.28 45.43
CA GLY F 103 -25.55 25.03 44.43
C GLY F 103 -25.48 23.63 43.88
N TYR F 104 -24.27 23.20 43.58
CA TYR F 104 -24.04 21.89 43.05
C TYR F 104 -24.48 20.86 44.05
N MET F 105 -24.16 21.08 45.32
CA MET F 105 -24.54 20.11 46.33
C MET F 105 -26.05 19.95 46.52
N LEU F 106 -26.77 21.04 46.75
CA LEU F 106 -28.19 20.92 46.97
C LEU F 106 -29.09 21.02 45.74
N ASN F 107 -28.50 21.17 44.56
CA ASN F 107 -29.34 21.33 43.40
C ASN F 107 -30.33 20.19 43.30
N SER F 108 -31.62 20.55 43.26
CA SER F 108 -32.69 19.57 43.12
C SER F 108 -33.00 18.73 44.36
N LEU F 109 -32.23 18.90 45.41
CA LEU F 109 -32.53 18.07 46.54
C LEU F 109 -33.71 18.60 47.33
N VAL F 110 -34.40 17.70 48.03
CA VAL F 110 -35.56 18.01 48.83
C VAL F 110 -35.33 17.52 50.24
N TRP F 111 -35.51 18.40 51.21
CA TRP F 111 -35.26 18.04 52.59
C TRP F 111 -35.99 19.01 53.47
N CYS F 112 -36.21 18.62 54.72
CA CYS F 112 -36.88 19.48 55.67
C CYS F 112 -36.69 18.89 57.03
N GLY F 113 -36.79 19.73 58.05
CA GLY F 113 -36.62 19.23 59.39
C GLY F 113 -37.91 18.73 60.02
N GLN F 114 -37.75 18.11 61.17
CA GLN F 114 -38.86 17.65 61.98
C GLN F 114 -38.24 17.74 63.35
N ARG F 115 -39.05 17.87 64.39
CA ARG F 115 -38.49 18.01 65.73
C ARG F 115 -38.09 16.67 66.33
N ALA F 116 -38.83 15.63 65.99
CA ALA F 116 -38.54 14.29 66.50
C ALA F 116 -37.27 13.70 65.89
N ASN F 117 -36.55 12.88 66.63
CA ASN F 117 -35.34 12.28 66.10
C ASN F 117 -35.80 11.55 64.85
N PRO F 118 -34.92 11.46 63.82
CA PRO F 118 -33.54 11.95 63.67
C PRO F 118 -33.31 13.45 63.48
N GLY F 119 -34.39 14.22 63.40
CA GLY F 119 -34.23 15.66 63.20
C GLY F 119 -34.64 16.15 61.83
N PHE F 120 -34.98 15.23 60.93
CA PHE F 120 -35.43 15.62 59.62
C PHE F 120 -36.39 14.59 59.12
N ASN F 121 -37.33 15.03 58.28
CA ASN F 121 -38.33 14.15 57.75
C ASN F 121 -37.84 13.42 56.52
N GLU F 122 -38.07 12.11 56.51
CA GLU F 122 -37.64 11.27 55.41
C GLU F 122 -38.81 10.68 54.69
N LYS F 123 -40.00 11.01 55.15
CA LYS F 123 -41.20 10.50 54.50
C LYS F 123 -41.82 11.57 53.60
N VAL F 124 -41.93 12.78 54.15
CA VAL F 124 -42.56 13.85 53.41
C VAL F 124 -42.11 15.23 53.88
N CYS F 125 -42.19 16.19 52.97
CA CYS F 125 -41.88 17.58 53.24
C CYS F 125 -43.08 18.41 52.85
N PRO F 126 -43.31 19.51 53.58
CA PRO F 126 -44.43 20.41 53.32
C PRO F 126 -44.32 21.06 51.97
N ASP F 127 -45.46 21.50 51.45
CA ASP F 127 -45.45 22.15 50.16
C ASP F 127 -44.93 23.58 50.29
N PHE F 128 -44.27 24.04 49.22
CA PHE F 128 -43.73 25.41 49.10
C PHE F 128 -44.67 26.37 49.87
N LYS F 129 -45.83 26.59 49.26
CA LYS F 129 -46.90 27.48 49.74
C LYS F 129 -47.30 27.37 51.23
N THR F 130 -47.03 26.24 51.87
CA THR F 130 -47.44 26.09 53.26
C THR F 130 -46.68 26.93 54.27
N CYS F 131 -45.41 27.18 54.00
CA CYS F 131 -44.56 27.91 54.92
C CYS F 131 -44.43 29.38 54.63
N PRO F 132 -44.02 30.16 55.62
CA PRO F 132 -43.84 31.59 55.41
C PRO F 132 -42.64 31.75 54.47
N VAL F 133 -42.59 32.83 53.69
CA VAL F 133 -41.51 32.98 52.72
C VAL F 133 -40.14 32.87 53.30
N GLN F 134 -39.90 33.54 54.42
CA GLN F 134 -38.55 33.51 54.98
C GLN F 134 -38.06 32.10 55.25
N ALA F 135 -38.98 31.15 55.45
CA ALA F 135 -38.60 29.77 55.68
C ALA F 135 -38.52 29.06 54.33
N ARG F 136 -39.55 29.30 53.54
CA ARG F 136 -39.67 28.72 52.21
C ARG F 136 -38.50 29.01 51.32
N GLU F 137 -37.96 30.22 51.43
CA GLU F 137 -36.85 30.65 50.60
C GLU F 137 -35.57 30.81 51.41
N SER F 138 -35.61 30.29 52.64
CA SER F 138 -34.47 30.37 53.53
C SER F 138 -33.17 29.88 52.93
N PHE F 139 -33.20 28.72 52.31
CA PHE F 139 -31.99 28.20 51.72
C PHE F 139 -31.60 28.79 50.38
N TRP F 140 -32.43 28.62 49.36
CA TRP F 140 -32.07 29.18 48.04
C TRP F 140 -31.98 30.69 48.04
N GLY F 141 -32.72 31.31 48.94
CA GLY F 141 -32.72 32.76 49.03
C GLY F 141 -31.36 33.15 49.52
N MET F 142 -30.94 32.54 50.63
CA MET F 142 -29.65 32.83 51.22
C MET F 142 -28.56 32.49 50.21
N ALA F 143 -28.67 31.33 49.58
CA ALA F 143 -27.68 30.92 48.60
C ALA F 143 -27.52 32.04 47.58
N SER F 144 -28.63 32.49 47.04
CA SER F 144 -28.61 33.52 46.04
C SER F 144 -27.96 34.79 46.56
N SER F 145 -28.22 35.13 47.80
CA SER F 145 -27.66 36.34 48.40
C SER F 145 -26.21 36.21 48.52
N SER F 146 -25.77 35.14 49.17
CA SER F 146 -24.37 34.94 49.35
C SER F 146 -23.64 34.94 47.98
N TYR F 147 -24.22 34.25 47.02
CA TYR F 147 -23.64 34.17 45.70
C TYR F 147 -23.46 35.57 45.11
N ALA F 148 -24.55 36.32 45.09
CA ALA F 148 -24.54 37.65 44.50
C ALA F 148 -23.53 38.56 45.18
N HIS F 149 -23.52 38.47 46.50
CA HIS F 149 -22.62 39.28 47.28
C HIS F 149 -21.16 39.10 46.85
N SER F 150 -20.84 37.90 46.36
CA SER F 150 -19.49 37.57 45.95
C SER F 150 -19.19 37.89 44.54
N ALA F 151 -20.24 38.29 43.83
CA ALA F 151 -20.06 38.62 42.44
C ALA F 151 -19.10 39.81 42.47
N GLU F 152 -18.30 39.89 41.42
CA GLU F 152 -17.27 40.91 41.17
C GLU F 152 -17.25 41.22 39.66
N GLY F 153 -16.84 42.43 39.28
CA GLY F 153 -16.76 42.84 37.87
C GLY F 153 -18.06 42.87 37.11
N GLU F 154 -18.05 42.51 35.84
CA GLU F 154 -19.26 42.47 35.07
C GLU F 154 -20.06 41.27 35.52
N VAL F 155 -21.36 41.47 35.52
CA VAL F 155 -22.28 40.46 35.94
C VAL F 155 -23.27 40.31 34.78
N THR F 156 -23.80 39.13 34.54
CA THR F 156 -24.73 38.94 33.42
C THR F 156 -26.07 38.39 33.88
N TYR F 157 -27.16 38.86 33.25
CA TYR F 157 -28.52 38.45 33.63
C TYR F 157 -29.32 38.10 32.39
N MET F 158 -29.80 36.86 32.38
CA MET F 158 -30.58 36.40 31.26
C MET F 158 -32.02 36.29 31.68
N VAL F 159 -32.90 36.90 30.90
CA VAL F 159 -34.31 36.92 31.23
C VAL F 159 -35.19 36.51 30.08
N ASP F 160 -36.41 36.12 30.40
CA ASP F 160 -37.38 35.70 29.41
C ASP F 160 -38.15 36.93 28.95
N GLY F 161 -37.98 37.29 27.69
CA GLY F 161 -38.70 38.44 27.17
C GLY F 161 -39.93 38.05 26.38
N SER F 162 -40.36 36.80 26.49
CA SER F 162 -41.53 36.33 25.75
C SER F 162 -42.60 35.78 26.69
N ASN F 163 -42.63 36.22 27.93
CA ASN F 163 -43.63 35.70 28.82
C ASN F 163 -44.63 36.77 29.18
N PRO F 164 -45.80 36.73 28.54
CA PRO F 164 -46.88 37.70 28.76
C PRO F 164 -47.34 37.86 30.21
N LYS F 165 -47.24 36.78 30.98
CA LYS F 165 -47.64 36.81 32.39
C LYS F 165 -46.52 37.21 33.35
N VAL F 166 -45.26 37.15 32.92
CA VAL F 166 -44.17 37.49 33.80
C VAL F 166 -43.15 38.44 33.19
N PRO F 167 -43.12 39.68 33.64
CA PRO F 167 -42.14 40.61 33.07
C PRO F 167 -40.71 40.13 33.26
N ALA F 168 -39.86 40.47 32.30
CA ALA F 168 -38.45 40.12 32.31
C ALA F 168 -37.85 40.39 33.69
N TYR F 169 -37.99 41.61 34.17
CA TYR F 169 -37.49 41.96 35.49
C TYR F 169 -38.65 42.14 36.46
N ARG F 170 -38.50 41.64 37.67
CA ARG F 170 -39.53 41.77 38.67
C ARG F 170 -38.89 41.99 39.99
N PRO F 171 -39.32 43.02 40.73
CA PRO F 171 -38.75 43.31 42.04
C PRO F 171 -38.79 42.07 42.91
N ASP F 172 -39.72 41.15 42.64
CA ASP F 172 -39.82 40.00 43.51
C ASP F 172 -39.57 38.61 42.95
N SER F 173 -38.63 38.56 42.01
CA SER F 173 -38.17 37.33 41.45
C SER F 173 -36.99 37.11 42.41
N PHE F 174 -36.43 35.91 42.47
CA PHE F 174 -35.27 35.71 43.37
C PHE F 174 -34.15 36.70 43.03
N PHE F 175 -34.06 37.03 41.74
CA PHE F 175 -33.08 38.01 41.30
C PHE F 175 -33.37 39.37 41.92
N GLY F 176 -34.62 39.82 41.77
CA GLY F 176 -35.02 41.11 42.29
C GLY F 176 -35.02 41.17 43.80
N LYS F 177 -35.23 40.01 44.43
CA LYS F 177 -35.27 39.96 45.90
C LYS F 177 -33.93 39.73 46.55
N TYR F 178 -33.11 38.86 45.97
CA TYR F 178 -31.86 38.55 46.60
C TYR F 178 -30.62 38.77 45.82
N GLU F 179 -30.73 38.76 44.50
CA GLU F 179 -29.52 38.90 43.72
C GLU F 179 -29.17 40.38 43.45
N LEU F 180 -29.97 41.07 42.67
CA LEU F 180 -29.67 42.47 42.38
C LEU F 180 -29.37 43.36 43.60
N PRO F 181 -30.21 43.33 44.64
CA PRO F 181 -29.96 44.18 45.82
C PRO F 181 -28.69 43.83 46.60
N ASN F 182 -28.13 42.64 46.37
CA ASN F 182 -26.95 42.29 47.09
C ASN F 182 -25.65 42.44 46.30
N LEU F 183 -25.75 42.97 45.08
CA LEU F 183 -24.53 43.18 44.30
C LEU F 183 -23.71 44.26 45.03
N THR F 184 -22.44 43.96 45.30
CA THR F 184 -21.55 44.88 45.99
C THR F 184 -20.94 45.88 45.01
N ASN F 185 -20.16 46.81 45.55
CA ASN F 185 -19.49 47.81 44.76
C ASN F 185 -18.37 47.17 43.95
N LYS F 186 -18.13 45.87 44.17
CA LYS F 186 -17.10 45.14 43.41
C LYS F 186 -17.68 44.88 42.01
N VAL F 187 -18.99 45.00 41.87
CA VAL F 187 -19.62 44.78 40.58
C VAL F 187 -19.50 46.07 39.79
N THR F 188 -19.14 45.92 38.52
CA THR F 188 -18.90 46.99 37.56
C THR F 188 -20.08 47.30 36.69
N ARG F 189 -20.60 46.26 36.04
CA ARG F 189 -21.66 46.42 35.10
C ARG F 189 -22.63 45.27 35.19
N VAL F 190 -23.80 45.49 34.61
CA VAL F 190 -24.85 44.49 34.60
C VAL F 190 -25.27 44.40 33.17
N LYS F 191 -24.88 43.31 32.50
CA LYS F 191 -25.21 43.09 31.08
C LYS F 191 -26.44 42.21 31.05
N VAL F 192 -27.48 42.63 30.35
CA VAL F 192 -28.69 41.84 30.29
C VAL F 192 -28.82 41.18 28.96
N ILE F 193 -29.31 39.95 28.99
CA ILE F 193 -29.55 39.23 27.78
C ILE F 193 -31.01 38.90 27.83
N VAL F 194 -31.76 39.46 26.90
CA VAL F 194 -33.19 39.19 26.82
C VAL F 194 -33.39 38.06 25.86
N LEU F 195 -34.12 37.07 26.30
CA LEU F 195 -34.35 35.94 25.46
C LEU F 195 -35.74 36.03 24.81
N HIS F 196 -35.80 35.90 23.49
CA HIS F 196 -37.09 35.95 22.80
C HIS F 196 -37.37 34.57 22.27
N ARG F 197 -38.01 33.73 23.06
CA ARG F 197 -38.32 32.37 22.66
C ARG F 197 -38.73 32.32 21.17
N LEU F 198 -38.27 31.30 20.47
CA LEU F 198 -38.58 31.19 19.04
C LEU F 198 -40.05 30.98 18.72
N GLY F 199 -40.51 31.66 17.67
CA GLY F 199 -41.91 31.55 17.26
C GLY F 199 -42.86 32.02 18.34
N GLU F 200 -42.48 33.06 19.07
CA GLU F 200 -43.28 33.58 20.16
C GLU F 200 -43.37 35.09 20.10
N LYS F 201 -44.55 35.60 20.39
CA LYS F 201 -44.71 37.03 20.37
C LYS F 201 -43.72 37.65 21.36
N ILE F 202 -42.99 38.66 20.90
CA ILE F 202 -42.03 39.34 21.73
C ILE F 202 -42.80 40.14 22.77
N ILE F 203 -42.44 40.04 24.05
CA ILE F 203 -43.16 40.76 25.07
C ILE F 203 -42.33 41.90 25.65
N GLU F 204 -41.08 41.64 25.98
CA GLU F 204 -40.26 42.69 26.55
C GLU F 204 -39.15 43.04 25.60
N LYS F 205 -38.74 44.30 25.63
CA LYS F 205 -37.66 44.77 24.78
C LYS F 205 -36.76 45.69 25.58
N CYS F 206 -35.49 45.80 25.19
CA CYS F 206 -34.56 46.67 25.92
C CYS F 206 -35.05 48.13 25.92
N GLY F 207 -34.75 48.85 26.98
CA GLY F 207 -35.19 50.23 27.07
C GLY F 207 -36.69 50.41 27.22
N ALA F 208 -37.43 49.31 27.42
CA ALA F 208 -38.88 49.36 27.57
C ALA F 208 -39.36 48.48 28.71
N GLY F 209 -40.56 48.76 29.20
CA GLY F 209 -41.14 47.96 30.26
C GLY F 209 -40.26 47.74 31.47
N SER F 210 -40.20 46.50 31.94
CA SER F 210 -39.41 46.20 33.13
C SER F 210 -37.94 46.36 32.88
N LEU F 211 -37.52 46.17 31.63
CA LEU F 211 -36.11 46.33 31.30
C LEU F 211 -35.68 47.77 31.50
N LEU F 212 -36.60 48.66 31.16
CA LEU F 212 -36.35 50.08 31.29
C LEU F 212 -36.25 50.40 32.77
N ASP F 213 -37.09 49.75 33.60
CA ASP F 213 -37.06 49.99 35.05
C ASP F 213 -35.75 49.49 35.65
N LEU F 214 -35.35 48.28 35.22
CA LEU F 214 -34.11 47.66 35.68
C LEU F 214 -32.94 48.55 35.39
N GLU F 215 -32.89 49.04 34.16
CA GLU F 215 -31.82 49.95 33.75
C GLU F 215 -31.67 51.13 34.74
N LYS F 216 -32.79 51.78 35.08
CA LYS F 216 -32.75 52.91 36.00
C LYS F 216 -32.23 52.38 37.33
N LEU F 217 -32.84 51.29 37.75
CA LEU F 217 -32.51 50.65 39.00
C LEU F 217 -31.05 50.29 39.09
N VAL F 218 -30.48 49.83 37.97
CA VAL F 218 -29.06 49.46 37.92
C VAL F 218 -28.17 50.68 37.95
N LYS F 219 -28.45 51.65 37.10
CA LYS F 219 -27.63 52.84 37.07
C LYS F 219 -27.71 53.47 38.45
N ALA F 220 -28.85 53.27 39.11
CA ALA F 220 -29.02 53.80 40.46
C ALA F 220 -27.98 53.19 41.39
N LYS F 221 -27.81 51.87 41.34
CA LYS F 221 -26.83 51.25 42.21
C LYS F 221 -25.41 51.58 41.73
N HIS F 222 -25.35 52.47 40.74
CA HIS F 222 -24.08 52.92 40.16
C HIS F 222 -23.31 51.86 39.37
N PHE F 223 -23.98 51.15 38.50
CA PHE F 223 -23.33 50.15 37.68
C PHE F 223 -23.58 50.54 36.24
N ALA F 224 -22.73 50.08 35.32
CA ALA F 224 -22.94 50.40 33.91
C ALA F 224 -24.03 49.42 33.54
N PHE F 225 -24.68 49.60 32.39
CA PHE F 225 -25.75 48.70 32.01
C PHE F 225 -25.76 48.43 30.50
N ASP F 226 -25.93 47.16 30.11
CA ASP F 226 -26.01 46.75 28.69
C ASP F 226 -27.25 45.91 28.53
N CYS F 227 -27.67 45.70 27.31
CA CYS F 227 -28.84 44.89 27.12
C CYS F 227 -28.85 44.48 25.67
N VAL F 228 -29.09 43.20 25.43
CA VAL F 228 -29.14 42.69 24.08
C VAL F 228 -30.27 41.69 23.97
N GLU F 229 -30.89 41.63 22.79
CA GLU F 229 -31.99 40.72 22.60
C GLU F 229 -31.51 39.64 21.66
N ASN F 230 -31.62 38.39 22.11
CA ASN F 230 -31.18 37.23 21.32
C ASN F 230 -29.82 37.42 20.60
N PRO F 231 -28.74 37.60 21.39
CA PRO F 231 -27.42 37.77 20.79
C PRO F 231 -27.16 36.47 20.02
N ARG F 232 -26.48 36.59 18.88
CA ARG F 232 -26.25 35.43 18.03
C ARG F 232 -25.77 34.16 18.71
N ALA F 233 -24.78 34.27 19.59
CA ALA F 233 -24.34 33.06 20.27
C ALA F 233 -25.55 32.34 20.90
N VAL F 234 -26.41 33.09 21.55
CA VAL F 234 -27.60 32.52 22.20
C VAL F 234 -28.69 32.10 21.22
N LEU F 235 -28.97 32.93 20.25
CA LEU F 235 -29.96 32.58 19.26
C LEU F 235 -29.64 31.19 18.67
N PHE F 236 -28.40 30.99 18.26
CA PHE F 236 -28.04 29.70 17.69
C PHE F 236 -28.34 28.57 18.64
N LEU F 237 -28.20 28.81 19.93
CA LEU F 237 -28.48 27.77 20.89
C LEU F 237 -29.95 27.41 20.80
N LEU F 238 -30.80 28.43 20.74
CA LEU F 238 -32.24 28.23 20.64
C LEU F 238 -32.57 27.48 19.37
N CYS F 239 -31.92 27.89 18.30
CA CYS F 239 -32.14 27.27 17.00
C CYS F 239 -31.84 25.78 17.00
N SER F 240 -30.85 25.38 17.77
CA SER F 240 -30.49 23.98 17.80
C SER F 240 -31.66 23.10 18.17
N ASP F 241 -32.44 23.51 19.15
CA ASP F 241 -33.58 22.69 19.56
C ASP F 241 -34.81 22.85 18.70
N ASN F 242 -34.75 23.81 17.78
CA ASN F 242 -35.86 24.04 16.89
C ASN F 242 -35.33 24.73 15.63
N PRO F 243 -34.73 23.94 14.72
CA PRO F 243 -34.10 24.30 13.45
C PRO F 243 -35.01 24.94 12.44
N ASN F 244 -36.24 24.46 12.40
CA ASN F 244 -37.20 24.98 11.46
C ASN F 244 -37.68 26.38 11.76
N ALA F 245 -37.56 26.79 13.02
CA ALA F 245 -37.98 28.12 13.41
C ALA F 245 -37.62 29.13 12.34
N ARG F 246 -38.56 30.02 12.08
CA ARG F 246 -38.37 31.04 11.07
C ARG F 246 -37.14 31.91 11.38
N GLU F 247 -36.90 32.21 12.65
CA GLU F 247 -35.76 33.07 13.04
C GLU F 247 -34.40 32.41 12.84
N CYS F 248 -34.38 31.14 12.43
CA CYS F 248 -33.13 30.43 12.25
C CYS F 248 -32.79 30.17 10.80
N ARG F 249 -33.62 30.69 9.90
CA ARG F 249 -33.38 30.46 8.47
C ARG F 249 -31.95 30.87 8.13
N LEU F 250 -31.25 29.94 7.49
CA LEU F 250 -29.86 30.15 7.10
C LEU F 250 -29.75 30.93 5.80
N ALA F 251 -28.80 31.86 5.75
CA ALA F 251 -28.56 32.69 4.55
C ALA F 251 -28.46 31.82 3.27
N ILE G 1 22.59 34.39 -8.39
CA ILE G 1 22.71 34.56 -6.91
C ILE G 1 23.84 35.54 -6.57
N VAL G 2 23.58 36.45 -5.64
CA VAL G 2 24.58 37.46 -5.27
C VAL G 2 25.43 37.11 -4.08
N PRO G 3 26.76 37.21 -4.22
CA PRO G 3 27.71 36.91 -3.15
C PRO G 3 27.65 37.89 -1.98
N THR G 4 27.99 37.36 -0.80
CA THR G 4 28.04 38.13 0.44
C THR G 4 29.10 39.22 0.32
N ARG G 5 28.79 40.44 0.76
CA ARG G 5 29.76 41.52 0.66
C ARG G 5 30.82 41.34 1.74
N GLU G 6 31.98 41.90 1.50
CA GLU G 6 33.10 41.85 2.42
C GLU G 6 33.26 40.50 3.09
N LEU G 7 33.21 39.44 2.29
CA LEU G 7 33.33 38.09 2.76
C LEU G 7 34.43 38.00 3.82
N GLU G 8 35.66 38.42 3.49
CA GLU G 8 36.79 38.41 4.44
C GLU G 8 36.39 38.92 5.81
N ASN G 9 35.91 40.18 5.85
CA ASN G 9 35.53 40.77 7.12
C ASN G 9 34.44 40.01 7.84
N VAL G 10 33.37 39.67 7.13
CA VAL G 10 32.29 38.95 7.77
C VAL G 10 32.87 37.68 8.38
N PHE G 11 33.66 36.97 7.59
CA PHE G 11 34.26 35.75 8.07
C PHE G 11 35.07 36.00 9.33
N LEU G 12 36.02 36.90 9.25
CA LEU G 12 36.86 37.20 10.40
C LEU G 12 36.08 37.75 11.57
N GLY G 13 35.07 38.53 11.28
CA GLY G 13 34.27 39.10 12.35
C GLY G 13 33.51 38.00 13.08
N ARG G 14 32.82 37.17 12.31
CA ARG G 14 32.05 36.08 12.87
C ARG G 14 32.97 35.15 13.59
N CYS G 15 34.16 34.96 13.04
CA CYS G 15 35.11 34.07 13.67
C CYS G 15 35.53 34.56 15.06
N LYS G 16 35.99 35.80 15.13
CA LYS G 16 36.42 36.40 16.38
C LYS G 16 35.28 36.40 17.41
N ASP G 17 34.08 36.77 16.97
CA ASP G 17 32.92 36.84 17.86
C ASP G 17 32.70 35.48 18.49
N TYR G 18 32.83 34.46 17.67
CA TYR G 18 32.66 33.11 18.13
C TYR G 18 33.71 32.75 19.15
N GLU G 19 34.95 32.85 18.71
CA GLU G 19 36.10 32.56 19.52
C GLU G 19 35.95 33.08 20.93
N ILE G 20 35.77 34.39 21.02
CA ILE G 20 35.71 35.03 22.32
C ILE G 20 34.43 34.92 23.09
N THR G 21 33.30 34.79 22.42
CA THR G 21 32.06 34.83 23.15
C THR G 21 30.93 33.87 22.85
N ARG G 22 31.02 33.01 21.86
CA ARG G 22 29.83 32.27 21.54
C ARG G 22 29.29 31.03 22.19
N TYR G 23 30.01 29.93 22.23
CA TYR G 23 29.39 28.80 22.90
C TYR G 23 30.37 28.36 23.92
N LEU G 24 30.91 29.36 24.59
CA LEU G 24 31.95 29.15 25.57
C LEU G 24 31.73 27.91 26.41
N ASP G 25 30.50 27.69 26.84
CA ASP G 25 30.29 26.51 27.66
C ASP G 25 29.88 25.22 26.94
N ILE G 26 29.39 25.33 25.72
CA ILE G 26 28.94 24.15 25.00
C ILE G 26 30.00 23.54 24.12
N LEU G 27 30.78 24.37 23.45
CA LEU G 27 31.81 23.86 22.54
C LEU G 27 33.19 24.38 22.81
N PRO G 28 34.20 23.56 22.54
CA PRO G 28 35.62 23.90 22.76
C PRO G 28 36.03 24.98 21.78
N ARG G 29 37.07 25.72 22.12
CA ARG G 29 37.56 26.74 21.21
C ARG G 29 38.45 26.00 20.26
N VAL G 30 38.62 26.53 19.07
CA VAL G 30 39.47 25.87 18.12
C VAL G 30 40.88 26.38 18.31
N ARG G 31 41.84 25.57 17.94
CA ARG G 31 43.25 25.90 18.11
C ARG G 31 43.81 26.98 17.20
N SER G 32 43.49 26.91 15.90
CA SER G 32 43.96 27.89 14.92
C SER G 32 43.34 29.25 15.13
N ASP G 33 44.05 30.31 14.77
CA ASP G 33 43.49 31.66 14.93
C ASP G 33 42.74 31.97 13.65
N CYS G 34 41.94 33.03 13.70
CA CYS G 34 41.09 33.39 12.58
C CYS G 34 41.81 33.61 11.25
N SER G 35 42.93 34.32 11.26
CA SER G 35 43.67 34.56 10.03
C SER G 35 44.04 33.24 9.40
N ALA G 36 44.46 32.28 10.23
CA ALA G 36 44.83 30.95 9.74
C ALA G 36 43.61 30.27 9.12
N LEU G 37 42.48 30.35 9.82
CA LEU G 37 41.25 29.75 9.34
C LEU G 37 40.86 30.40 8.02
N TRP G 38 41.09 31.69 7.91
CA TRP G 38 40.75 32.38 6.70
C TRP G 38 41.57 31.86 5.55
N LYS G 39 42.88 31.73 5.75
CA LYS G 39 43.75 31.20 4.69
C LYS G 39 43.30 29.82 4.23
N ASP G 40 43.02 28.94 5.16
CA ASP G 40 42.58 27.60 4.80
C ASP G 40 41.26 27.66 4.01
N PHE G 41 40.38 28.55 4.41
CA PHE G 41 39.09 28.68 3.75
C PHE G 41 39.25 29.35 2.40
N PHE G 42 40.14 30.33 2.28
CA PHE G 42 40.28 31.00 1.02
C PHE G 42 40.94 30.14 -0.06
N LYS G 43 42.07 29.53 0.26
CA LYS G 43 42.76 28.71 -0.72
C LYS G 43 41.84 27.67 -1.34
N ALA G 44 40.88 27.18 -0.55
CA ALA G 44 39.96 26.17 -1.04
C ALA G 44 39.25 26.52 -2.33
N PHE G 45 38.88 27.77 -2.51
CA PHE G 45 38.13 28.14 -3.70
C PHE G 45 38.69 29.31 -4.48
N SER G 46 39.68 30.00 -3.93
CA SER G 46 40.22 31.16 -4.62
C SER G 46 41.05 30.82 -5.85
N PHE G 47 40.92 31.68 -6.85
CA PHE G 47 41.63 31.57 -8.11
C PHE G 47 41.33 30.33 -8.92
N LYS G 48 40.24 29.65 -8.55
CA LYS G 48 39.79 28.47 -9.29
C LYS G 48 38.48 28.93 -9.90
N ASN G 49 37.89 28.16 -10.81
CA ASN G 49 36.64 28.58 -11.37
C ASN G 49 35.55 28.26 -10.37
N PRO G 50 34.49 29.07 -10.35
CA PRO G 50 33.43 28.77 -9.37
C PRO G 50 33.05 27.30 -9.26
N CYS G 51 33.03 26.57 -10.36
CA CYS G 51 32.61 25.18 -10.33
C CYS G 51 33.74 24.22 -10.17
N ASP G 52 34.89 24.74 -9.80
CA ASP G 52 36.09 23.93 -9.67
C ASP G 52 36.39 23.46 -8.24
N LEU G 53 35.54 22.62 -7.67
CA LEU G 53 35.80 22.19 -6.30
C LEU G 53 35.30 20.79 -6.13
N ASP G 54 35.77 20.13 -5.08
CA ASP G 54 35.32 18.78 -4.76
C ASP G 54 35.38 18.62 -3.25
N LEU G 55 34.87 17.51 -2.76
CA LEU G 55 34.82 17.23 -1.33
C LEU G 55 36.11 17.52 -0.58
N GLY G 56 37.22 17.53 -1.30
CA GLY G 56 38.48 17.77 -0.64
C GLY G 56 38.90 19.22 -0.59
N SER G 57 38.35 20.07 -1.45
CA SER G 57 38.74 21.48 -1.46
C SER G 57 38.87 22.14 -0.10
N TYR G 58 37.90 21.94 0.77
CA TYR G 58 37.92 22.56 2.12
C TYR G 58 38.42 21.63 3.19
N LYS G 59 39.12 20.57 2.81
CA LYS G 59 39.60 19.61 3.79
C LYS G 59 40.49 20.28 4.84
N ASP G 60 41.43 21.07 4.39
CA ASP G 60 42.28 21.72 5.34
C ASP G 60 41.48 22.64 6.26
N PHE G 61 40.61 23.43 5.66
CA PHE G 61 39.83 24.32 6.47
C PHE G 61 39.09 23.55 7.53
N PHE G 62 38.31 22.53 7.13
CA PHE G 62 37.55 21.77 8.13
C PHE G 62 38.38 21.05 9.19
N THR G 63 39.61 20.71 8.84
CA THR G 63 40.47 20.06 9.77
C THR G 63 40.80 21.07 10.89
N SER G 64 41.14 22.29 10.48
CA SER G 64 41.50 23.33 11.41
C SER G 64 40.32 23.84 12.19
N ALA G 65 39.13 23.79 11.61
CA ALA G 65 37.93 24.32 12.26
C ALA G 65 37.11 23.30 13.01
N GLN G 66 37.46 22.02 12.91
CA GLN G 66 36.66 21.02 13.59
C GLN G 66 36.84 21.00 15.11
N GLN G 67 35.71 21.03 15.80
CA GLN G 67 35.69 21.01 17.23
C GLN G 67 35.27 19.64 17.71
N GLN G 68 35.62 19.27 18.92
CA GLN G 68 35.12 18.02 19.46
C GLN G 68 33.69 18.37 19.83
N LEU G 69 32.74 17.54 19.43
CA LEU G 69 31.33 17.84 19.74
C LEU G 69 30.95 17.08 20.98
N PRO G 70 30.19 17.72 21.86
CA PRO G 70 29.78 17.07 23.10
C PRO G 70 29.05 15.76 22.94
N LYS G 71 29.52 14.76 23.68
CA LYS G 71 28.90 13.44 23.69
C LYS G 71 27.37 13.57 23.88
N ASN G 72 26.61 12.91 23.01
CA ASN G 72 25.15 12.89 23.02
C ASN G 72 24.35 14.15 22.64
N LYS G 73 25.04 15.26 22.38
CA LYS G 73 24.32 16.50 22.01
C LYS G 73 24.25 16.78 20.52
N VAL G 74 24.72 15.91 19.66
CA VAL G 74 24.68 16.23 18.26
C VAL G 74 23.35 15.95 17.62
N MET G 75 22.87 16.91 16.85
CA MET G 75 21.60 16.74 16.18
C MET G 75 21.72 16.95 14.68
N PHE G 76 20.99 16.13 13.94
CA PHE G 76 20.93 16.22 12.49
C PHE G 76 19.46 16.44 12.13
N TRP G 77 19.20 17.07 11.00
CA TRP G 77 17.84 17.30 10.60
C TRP G 77 17.69 17.24 9.09
N SER G 78 16.46 17.08 8.64
CA SER G 78 16.13 17.07 7.24
C SER G 78 14.80 17.79 6.99
N GLY G 79 14.85 18.80 6.13
CA GLY G 79 13.67 19.56 5.79
C GLY G 79 12.81 20.09 6.92
N VAL G 80 13.44 20.45 8.02
CA VAL G 80 12.72 21.02 9.16
C VAL G 80 13.65 21.98 9.89
N TYR G 81 14.38 22.76 9.10
CA TYR G 81 15.36 23.67 9.64
C TYR G 81 14.85 24.44 10.84
N ASP G 82 13.78 25.20 10.64
CA ASP G 82 13.25 25.99 11.74
C ASP G 82 12.86 25.20 12.99
N GLU G 83 12.12 24.11 12.78
CA GLU G 83 11.70 23.31 13.93
C GLU G 83 12.90 22.67 14.63
N ALA G 84 13.85 22.15 13.86
CA ALA G 84 15.04 21.53 14.43
C ALA G 84 15.85 22.51 15.23
N HIS G 85 16.10 23.69 14.68
CA HIS G 85 16.91 24.63 15.43
C HIS G 85 16.22 25.19 16.65
N ASP G 86 14.91 25.39 16.57
CA ASP G 86 14.19 25.90 17.74
C ASP G 86 14.29 24.88 18.86
N TYR G 87 14.09 23.62 18.52
CA TYR G 87 14.16 22.59 19.55
C TYR G 87 15.58 22.52 20.12
N ALA G 88 16.59 22.54 19.23
CA ALA G 88 17.99 22.46 19.66
C ALA G 88 18.28 23.62 20.59
N ASN G 89 17.57 24.71 20.38
CA ASN G 89 17.70 25.88 21.24
C ASN G 89 19.13 26.46 21.37
N THR G 90 19.78 26.69 20.25
CA THR G 90 21.10 27.28 20.26
C THR G 90 22.10 26.55 21.18
N GLY G 91 22.29 25.27 20.89
CA GLY G 91 23.23 24.48 21.66
C GLY G 91 22.80 24.13 23.07
N ARG G 92 21.69 24.69 23.54
CA ARG G 92 21.27 24.38 24.90
C ARG G 92 20.78 22.95 25.05
N LYS G 93 20.00 22.46 24.10
CA LYS G 93 19.48 21.11 24.17
C LYS G 93 20.31 20.20 23.30
N TYR G 94 20.52 20.60 22.06
CA TYR G 94 21.34 19.84 21.12
C TYR G 94 22.10 20.86 20.33
N ILE G 95 23.23 20.47 19.77
CA ILE G 95 23.92 21.43 18.93
C ILE G 95 23.66 20.98 17.50
N THR G 96 23.73 21.90 16.56
CA THR G 96 23.50 21.56 15.17
C THR G 96 24.71 22.03 14.44
N LEU G 97 24.84 21.64 13.18
CA LEU G 97 25.95 22.07 12.40
C LEU G 97 26.02 23.59 12.48
N GLU G 98 24.87 24.22 12.52
CA GLU G 98 24.85 25.66 12.52
C GLU G 98 25.44 26.28 13.80
N ASP G 99 25.66 25.46 14.83
CA ASP G 99 26.22 25.92 16.10
C ASP G 99 27.74 25.83 16.21
N THR G 100 28.35 25.05 15.34
CA THR G 100 29.79 24.87 15.39
C THR G 100 30.46 26.01 14.67
N LEU G 101 31.76 26.17 14.94
CA LEU G 101 32.54 27.24 14.35
C LEU G 101 32.36 27.41 12.85
N PRO G 102 32.63 26.34 12.10
CA PRO G 102 32.51 26.41 10.65
C PRO G 102 31.10 26.79 10.21
N GLY G 103 30.09 26.20 10.86
CA GLY G 103 28.72 26.44 10.48
C GLY G 103 28.28 27.82 10.79
N TYR G 104 28.66 28.29 11.99
CA TYR G 104 28.31 29.63 12.44
C TYR G 104 28.98 30.63 11.48
N MET G 105 30.24 30.41 11.14
CA MET G 105 30.91 31.35 10.27
C MET G 105 30.32 31.47 8.87
N LEU G 106 30.11 30.36 8.20
CA LEU G 106 29.59 30.46 6.86
C LEU G 106 28.09 30.36 6.73
N ASN G 107 27.35 30.23 7.83
CA ASN G 107 25.91 30.10 7.70
C ASN G 107 25.30 31.21 6.86
N SER G 108 24.60 30.82 5.80
CA SER G 108 23.95 31.80 4.93
C SER G 108 24.84 32.61 4.01
N LEU G 109 26.15 32.45 4.12
CA LEU G 109 26.98 33.24 3.27
C LEU G 109 27.04 32.68 1.86
N VAL G 110 27.35 33.54 0.90
CA VAL G 110 27.41 33.19 -0.51
C VAL G 110 28.76 33.67 -1.03
N TRP G 111 29.50 32.76 -1.65
CA TRP G 111 30.81 33.09 -2.17
C TRP G 111 31.18 32.10 -3.23
N CYS G 112 32.11 32.47 -4.10
CA CYS G 112 32.57 31.57 -5.14
C CYS G 112 33.86 32.15 -5.70
N GLY G 113 34.70 31.29 -6.25
CA GLY G 113 35.94 31.77 -6.80
C GLY G 113 35.80 32.21 -8.23
N GLN G 114 36.88 32.81 -8.71
CA GLN G 114 37.00 33.24 -10.10
C GLN G 114 38.51 33.13 -10.27
N ARG G 115 38.97 32.96 -11.50
CA ARG G 115 40.39 32.81 -11.71
C ARG G 115 41.12 34.16 -11.72
N ALA G 116 40.45 35.19 -12.18
CA ALA G 116 41.05 36.52 -12.25
C ALA G 116 41.19 37.15 -10.85
N ASN G 117 42.21 37.96 -10.64
CA ASN G 117 42.37 38.60 -9.34
C ASN G 117 41.07 39.35 -9.10
N PRO G 118 40.64 39.47 -7.82
CA PRO G 118 41.24 39.01 -6.57
C PRO G 118 41.17 37.51 -6.24
N GLY G 119 40.52 36.72 -7.10
CA GLY G 119 40.44 35.29 -6.83
C GLY G 119 39.04 34.79 -6.48
N PHE G 120 38.11 35.74 -6.32
CA PHE G 120 36.75 35.38 -6.01
C PHE G 120 35.84 36.40 -6.61
N ASN G 121 34.64 35.96 -6.94
CA ASN G 121 33.67 36.83 -7.55
C ASN G 121 32.88 37.60 -6.52
N GLU G 122 32.77 38.90 -6.73
CA GLU G 122 32.03 39.76 -5.82
C GLU G 122 30.81 40.33 -6.48
N LYS G 123 30.58 39.98 -7.73
CA LYS G 123 29.42 40.49 -8.43
C LYS G 123 28.36 39.43 -8.47
N VAL G 124 28.75 38.22 -8.84
CA VAL G 124 27.80 37.14 -8.96
C VAL G 124 28.41 35.77 -8.76
N CYS G 125 27.57 34.81 -8.38
CA CYS G 125 27.95 33.42 -8.20
C CYS G 125 27.00 32.58 -9.00
N PRO G 126 27.49 31.47 -9.56
CA PRO G 126 26.68 30.55 -10.36
C PRO G 126 25.58 29.93 -9.54
N ASP G 127 24.55 29.47 -10.23
CA ASP G 127 23.44 28.84 -9.56
C ASP G 127 23.80 27.43 -9.16
N PHE G 128 23.23 26.99 -8.02
CA PHE G 128 23.40 25.64 -7.47
C PHE G 128 23.56 24.65 -8.66
N LYS G 129 22.44 24.40 -9.33
CA LYS G 129 22.31 23.48 -10.46
C LYS G 129 23.36 23.59 -11.58
N THR G 130 24.07 24.69 -11.68
CA THR G 130 25.05 24.82 -12.77
C THR G 130 26.30 23.97 -12.62
N CYS G 131 26.70 23.74 -11.37
CA CYS G 131 27.93 23.01 -11.09
C CYS G 131 27.75 21.53 -10.79
N PRO G 132 28.81 20.74 -10.96
CA PRO G 132 28.69 19.32 -10.67
C PRO G 132 28.49 19.20 -9.16
N VAL G 133 27.85 18.13 -8.70
CA VAL G 133 27.58 18.03 -7.25
C VAL G 133 28.78 18.15 -6.36
N GLN G 134 29.86 17.44 -6.71
CA GLN G 134 31.03 17.51 -5.86
C GLN G 134 31.52 18.92 -5.62
N ALA G 135 31.24 19.85 -6.55
CA ALA G 135 31.64 21.24 -6.36
C ALA G 135 30.53 21.99 -5.60
N ARG G 136 29.32 21.77 -6.06
CA ARG G 136 28.12 22.35 -5.52
C ARG G 136 27.97 22.10 -4.05
N GLU G 137 28.28 20.89 -3.61
CA GLU G 137 28.15 20.50 -2.20
C GLU G 137 29.51 20.38 -1.52
N SER G 138 30.55 20.85 -2.20
CA SER G 138 31.92 20.79 -1.69
C SER G 138 32.09 21.30 -0.28
N PHE G 139 31.54 22.48 -0.01
CA PHE G 139 31.65 23.03 1.32
C PHE G 139 30.68 22.44 2.36
N TRP G 140 29.38 22.61 2.17
CA TRP G 140 28.45 22.09 3.16
C TRP G 140 28.49 20.59 3.27
N GLY G 141 28.84 19.95 2.15
CA GLY G 141 28.94 18.50 2.14
C GLY G 141 30.05 18.13 3.11
N MET G 142 31.23 18.70 2.86
CA MET G 142 32.38 18.43 3.69
C MET G 142 32.09 18.80 5.15
N ALA G 143 31.50 19.98 5.35
CA ALA G 143 31.17 20.44 6.68
C ALA G 143 30.36 19.36 7.38
N SER G 144 29.31 18.91 6.73
CA SER G 144 28.46 17.87 7.29
C SER G 144 29.25 16.61 7.60
N SER G 145 30.14 16.22 6.71
CA SER G 145 30.93 15.02 6.92
C SER G 145 31.80 15.17 8.14
N SER G 146 32.57 16.24 8.15
CA SER G 146 33.48 16.49 9.25
C SER G 146 32.70 16.52 10.56
N TYR G 147 31.57 17.20 10.55
CA TYR G 147 30.74 17.30 11.72
C TYR G 147 30.31 15.92 12.19
N ALA G 148 29.70 15.16 11.30
CA ALA G 148 29.19 13.86 11.66
C ALA G 148 30.29 12.96 12.18
N HIS G 149 31.44 13.05 11.53
CA HIS G 149 32.56 12.23 11.91
C HIS G 149 32.94 12.43 13.38
N SER G 150 32.68 13.64 13.88
CA SER G 150 33.00 14.00 15.25
C SER G 150 31.92 13.72 16.29
N ALA G 151 30.72 13.38 15.82
CA ALA G 151 29.61 13.06 16.69
C ALA G 151 29.92 11.84 17.52
N GLU G 152 29.62 11.91 18.81
CA GLU G 152 29.90 10.83 19.76
C GLU G 152 28.71 10.59 20.64
N GLY G 153 28.56 9.35 21.09
CA GLY G 153 27.42 8.98 21.93
C GLY G 153 26.13 8.94 21.14
N GLU G 154 25.05 9.33 21.79
CA GLU G 154 23.76 9.35 21.13
C GLU G 154 23.74 10.52 20.17
N VAL G 155 23.09 10.27 19.06
CA VAL G 155 22.97 11.26 18.01
C VAL G 155 21.47 11.40 17.79
N THR G 156 20.98 12.59 17.43
CA THR G 156 19.53 12.78 17.21
C THR G 156 19.22 13.28 15.79
N TYR G 157 18.13 12.77 15.20
CA TYR G 157 17.76 13.14 13.84
C TYR G 157 16.30 13.55 13.76
N MET G 158 16.04 14.79 13.35
CA MET G 158 14.69 15.23 13.24
C MET G 158 14.34 15.29 11.79
N VAL G 159 13.22 14.66 11.42
CA VAL G 159 12.75 14.60 10.05
C VAL G 159 11.31 15.03 9.88
N ASP G 160 10.98 15.42 8.66
CA ASP G 160 9.62 15.82 8.33
C ASP G 160 8.83 14.58 7.94
N GLY G 161 7.81 14.24 8.74
CA GLY G 161 7.03 13.07 8.42
C GLY G 161 5.70 13.45 7.76
N SER G 162 5.58 14.70 7.32
CA SER G 162 4.34 15.14 6.68
C SER G 162 4.60 15.64 5.26
N ASN G 163 5.64 15.15 4.61
CA ASN G 163 5.88 15.65 3.28
C ASN G 163 5.66 14.55 2.28
N PRO G 164 4.52 14.58 1.59
CA PRO G 164 4.13 13.60 0.57
C PRO G 164 5.13 13.43 -0.57
N LYS G 165 5.87 14.48 -0.89
CA LYS G 165 6.87 14.42 -1.96
C LYS G 165 8.29 14.00 -1.50
N VAL G 166 8.58 14.10 -0.20
CA VAL G 166 9.91 13.76 0.30
C VAL G 166 9.89 12.86 1.52
N PRO G 167 10.28 11.60 1.35
CA PRO G 167 10.28 10.70 2.50
C PRO G 167 11.17 11.21 3.62
N ALA G 168 10.80 10.87 4.86
CA ALA G 168 11.53 11.27 6.07
C ALA G 168 12.99 11.02 5.88
N TYR G 169 13.34 9.78 5.54
CA TYR G 169 14.74 9.45 5.32
C TYR G 169 14.95 9.23 3.83
N ARG G 170 16.07 9.73 3.31
CA ARG G 170 16.40 9.53 1.91
C ARG G 170 17.89 9.28 1.78
N PRO G 171 18.29 8.22 1.06
CA PRO G 171 19.72 7.92 0.89
C PRO G 171 20.42 9.16 0.38
N ASP G 172 19.72 10.02 -0.34
CA ASP G 172 20.41 11.17 -0.88
C ASP G 172 20.04 12.58 -0.40
N SER G 173 19.74 12.66 0.88
CA SER G 173 19.52 13.93 1.52
C SER G 173 20.96 14.15 2.02
N PHE G 174 21.30 15.36 2.46
CA PHE G 174 22.65 15.57 2.96
C PHE G 174 22.92 14.63 4.11
N PHE G 175 21.86 14.30 4.86
CA PHE G 175 21.99 13.36 5.95
C PHE G 175 22.38 11.99 5.44
N GLY G 176 21.57 11.50 4.51
CA GLY G 176 21.85 10.20 3.95
C GLY G 176 23.14 10.12 3.19
N LYS G 177 23.58 11.26 2.61
CA LYS G 177 24.80 11.30 1.81
C LYS G 177 26.08 11.51 2.59
N TYR G 178 26.02 12.42 3.53
CA TYR G 178 27.20 12.76 4.29
C TYR G 178 27.15 12.59 5.79
N GLU G 179 25.98 12.64 6.38
CA GLU G 179 25.94 12.53 7.82
C GLU G 179 25.88 11.06 8.29
N LEU G 180 24.77 10.36 8.04
CA LEU G 180 24.68 8.98 8.47
C LEU G 180 25.86 8.07 8.14
N PRO G 181 26.33 8.07 6.86
CA PRO G 181 27.46 7.22 6.48
C PRO G 181 28.77 7.57 7.16
N ASN G 182 28.87 8.76 7.74
CA ASN G 182 30.10 9.13 8.39
C ASN G 182 30.11 9.01 9.90
N LEU G 183 28.99 8.55 10.48
CA LEU G 183 28.97 8.36 11.93
C LEU G 183 30.03 7.28 12.28
N THR G 184 30.89 7.60 13.25
CA THR G 184 31.94 6.68 13.67
C THR G 184 31.42 5.73 14.74
N ASN G 185 32.28 4.79 15.12
CA ASN G 185 31.92 3.81 16.13
C ASN G 185 31.82 4.50 17.48
N LYS G 186 32.12 5.80 17.53
CA LYS G 186 32.00 6.58 18.78
C LYS G 186 30.52 6.87 19.01
N VAL G 187 29.71 6.68 17.97
CA VAL G 187 28.28 6.90 18.07
C VAL G 187 27.69 5.65 18.64
N THR G 188 26.74 5.85 19.56
CA THR G 188 26.07 4.80 20.30
C THR G 188 24.69 4.46 19.75
N ARG G 189 23.89 5.50 19.60
CA ARG G 189 22.53 5.32 19.18
C ARG G 189 22.09 6.47 18.26
N VAL G 190 21.01 6.23 17.54
CA VAL G 190 20.47 7.20 16.64
C VAL G 190 19.03 7.32 17.03
N LYS G 191 18.67 8.42 17.67
CA LYS G 191 17.29 8.67 18.11
C LYS G 191 16.64 9.52 17.06
N VAL G 192 15.50 9.06 16.53
CA VAL G 192 14.83 9.82 15.50
C VAL G 192 13.60 10.51 16.04
N ILE G 193 13.37 11.72 15.55
CA ILE G 193 12.20 12.48 15.97
C ILE G 193 11.48 12.78 14.69
N VAL G 194 10.29 12.22 14.56
CA VAL G 194 9.51 12.44 13.37
C VAL G 194 8.59 13.60 13.66
N LEU G 195 8.59 14.56 12.78
CA LEU G 195 7.76 15.72 12.96
C LEU G 195 6.52 15.61 12.10
N HIS G 196 5.34 15.74 12.71
CA HIS G 196 4.08 15.68 11.97
C HIS G 196 3.49 17.06 11.97
N ARG G 197 3.83 17.88 10.98
CA ARG G 197 3.34 19.25 10.90
C ARG G 197 1.86 19.30 11.28
N LEU G 198 1.48 20.31 12.05
CA LEU G 198 0.10 20.45 12.51
C LEU G 198 -0.93 20.64 11.42
N GLY G 199 -2.06 19.95 11.57
CA GLY G 199 -3.12 20.06 10.57
C GLY G 199 -2.70 19.55 9.21
N GLU G 200 -1.85 18.52 9.21
CA GLU G 200 -1.34 17.96 7.97
C GLU G 200 -1.46 16.45 7.95
N LYS G 201 -1.85 15.90 6.82
CA LYS G 201 -1.93 14.47 6.74
C LYS G 201 -0.57 13.86 7.10
N ILE G 202 -0.61 12.89 8.00
CA ILE G 202 0.61 12.21 8.40
C ILE G 202 1.10 11.35 7.22
N ILE G 203 2.37 11.45 6.87
CA ILE G 203 2.88 10.69 5.76
C ILE G 203 3.78 9.55 6.20
N GLU G 204 4.73 9.84 7.09
CA GLU G 204 5.63 8.80 7.55
C GLU G 204 5.38 8.48 9.00
N LYS G 205 5.64 7.24 9.37
CA LYS G 205 5.46 6.82 10.75
C LYS G 205 6.60 5.90 11.12
N CYS G 206 6.93 5.84 12.40
CA CYS G 206 8.01 4.97 12.84
C CYS G 206 7.77 3.50 12.45
N GLY G 207 8.83 2.76 12.18
CA GLY G 207 8.68 1.37 11.82
C GLY G 207 8.02 1.15 10.46
N ALA G 208 7.82 2.23 9.72
CA ALA G 208 7.20 2.15 8.41
C ALA G 208 7.93 2.99 7.35
N GLY G 209 7.72 2.68 6.08
CA GLY G 209 8.34 3.46 5.03
C GLY G 209 9.84 3.66 5.16
N SER G 210 10.27 4.90 4.94
CA SER G 210 11.70 5.19 5.00
C SER G 210 12.25 5.07 6.41
N LEU G 211 11.40 5.28 7.41
CA LEU G 211 11.84 5.17 8.79
C LEU G 211 12.21 3.74 9.09
N LEU G 212 11.44 2.82 8.51
CA LEU G 212 11.68 1.41 8.68
C LEU G 212 13.01 1.07 8.01
N ASP G 213 13.29 1.69 6.85
CA ASP G 213 14.56 1.41 6.12
C ASP G 213 15.75 1.94 6.91
N LEU G 214 15.58 3.14 7.44
CA LEU G 214 16.61 3.79 8.24
C LEU G 214 16.94 2.92 9.42
N GLU G 215 15.90 2.44 10.09
CA GLU G 215 16.10 1.57 11.25
C GLU G 215 17.02 0.40 10.91
N LYS G 216 16.74 -0.28 9.81
CA LYS G 216 17.57 -1.43 9.42
C LYS G 216 18.97 -0.92 9.16
N LEU G 217 19.04 0.15 8.39
CA LEU G 217 20.29 0.78 8.02
C LEU G 217 21.13 1.15 9.22
N VAL G 218 20.47 1.67 10.25
CA VAL G 218 21.16 2.07 11.46
C VAL G 218 21.63 0.88 12.26
N LYS G 219 20.76 -0.10 12.49
CA LYS G 219 21.14 -1.26 13.25
C LYS G 219 22.27 -1.94 12.50
N ALA G 220 22.27 -1.73 11.18
CA ALA G 220 23.32 -2.31 10.34
C ALA G 220 24.65 -1.70 10.74
N LYS G 221 24.69 -0.37 10.85
CA LYS G 221 25.95 0.25 11.23
C LYS G 221 26.25 -0.03 12.70
N HIS G 222 25.43 -0.89 13.32
CA HIS G 222 25.59 -1.31 14.71
C HIS G 222 25.32 -0.25 15.74
N PHE G 223 24.23 0.48 15.58
CA PHE G 223 23.85 1.52 16.53
C PHE G 223 22.49 1.14 17.08
N ALA G 224 22.15 1.61 18.28
CA ALA G 224 20.85 1.33 18.84
C ALA G 224 19.97 2.31 18.06
N PHE G 225 18.65 2.13 18.11
CA PHE G 225 17.77 3.02 17.35
C PHE G 225 16.48 3.33 18.10
N ASP G 226 16.05 4.60 18.10
CA ASP G 226 14.81 5.05 18.76
C ASP G 226 14.05 5.85 17.74
N CYS G 227 12.77 6.06 18.01
CA CYS G 227 11.99 6.84 17.09
C CYS G 227 10.73 7.26 17.83
N VAL G 228 10.41 8.55 17.72
CA VAL G 228 9.23 9.10 18.36
C VAL G 228 8.57 10.07 17.40
N GLU G 229 7.25 10.12 17.46
CA GLU G 229 6.52 11.03 16.60
C GLU G 229 5.98 12.14 17.48
N ASN G 230 6.30 13.37 17.11
CA ASN G 230 5.85 14.55 17.85
C ASN G 230 5.94 14.42 19.37
N PRO G 231 7.16 14.23 19.90
CA PRO G 231 7.32 14.12 21.36
C PRO G 231 6.79 15.43 21.95
N ARG G 232 6.15 15.35 23.10
CA ARG G 232 5.55 16.54 23.69
C ARG G 232 6.40 17.80 23.72
N ALA G 233 7.66 17.69 24.10
CA ALA G 233 8.49 18.88 24.11
C ALA G 233 8.42 19.57 22.74
N VAL G 234 8.52 18.79 21.68
CA VAL G 234 8.48 19.32 20.32
C VAL G 234 7.08 19.75 19.88
N LEU G 235 6.09 18.93 20.19
CA LEU G 235 4.72 19.27 19.83
C LEU G 235 4.37 20.67 20.35
N PHE G 236 4.69 20.92 21.62
CA PHE G 236 4.39 22.21 22.20
C PHE G 236 5.06 23.32 21.42
N LEU G 237 6.26 23.06 20.89
CA LEU G 237 6.93 24.09 20.11
C LEU G 237 6.11 24.42 18.88
N LEU G 238 5.58 23.38 18.21
CA LEU G 238 4.75 23.55 17.02
C LEU G 238 3.49 24.30 17.35
N CYS G 239 2.91 23.94 18.48
CA CYS G 239 1.68 24.58 18.95
C CYS G 239 1.85 26.07 19.15
N SER G 240 3.01 26.48 19.62
CA SER G 240 3.25 27.89 19.87
C SER G 240 2.95 28.73 18.64
N ASP G 241 3.41 28.29 17.48
CA ASP G 241 3.18 29.06 16.27
C ASP G 241 1.80 28.88 15.64
N ASN G 242 1.02 27.97 16.20
CA ASN G 242 -0.32 27.73 15.72
C ASN G 242 -1.11 27.07 16.84
N PRO G 243 -1.56 27.87 17.81
CA PRO G 243 -2.32 27.55 19.02
C PRO G 243 -3.67 26.91 18.77
N ASN G 244 -4.33 27.37 17.71
CA ASN G 244 -5.65 26.85 17.38
C ASN G 244 -5.64 25.42 16.86
N ALA G 245 -4.52 25.01 16.33
CA ALA G 245 -4.40 23.67 15.81
C ALA G 245 -5.15 22.68 16.71
N ARG G 246 -5.85 21.77 16.05
CA ARG G 246 -6.61 20.77 16.77
C ARG G 246 -5.71 19.94 17.69
N GLU G 247 -4.50 19.61 17.26
CA GLU G 247 -3.59 18.78 18.06
C GLU G 247 -3.04 19.47 19.31
N CYS G 248 -3.35 20.75 19.48
CA CYS G 248 -2.86 21.49 20.65
C CYS G 248 -3.94 21.79 21.68
N ARG G 249 -5.15 21.28 21.46
CA ARG G 249 -6.24 21.53 22.38
C ARG G 249 -5.80 21.15 23.78
N LEU G 250 -5.99 22.10 24.69
CA LEU G 250 -5.62 21.95 26.08
C LEU G 250 -6.68 21.19 26.88
N ALA G 251 -6.24 20.28 27.74
CA ALA G 251 -7.14 19.47 28.58
C ALA G 251 -8.17 20.35 29.31
N ILE H 1 34.56 40.76 38.86
CA ILE H 1 34.09 40.36 37.49
C ILE H 1 35.18 40.53 36.41
N VAL H 2 35.34 39.54 35.54
CA VAL H 2 36.38 39.62 34.50
C VAL H 2 35.91 40.16 33.15
N PRO H 3 36.61 41.17 32.63
CA PRO H 3 36.28 41.80 31.35
C PRO H 3 36.46 40.89 30.14
N THR H 4 35.64 41.18 29.13
CA THR H 4 35.66 40.45 27.86
C THR H 4 37.00 40.64 27.18
N ARG H 5 37.60 39.56 26.68
CA ARG H 5 38.89 39.67 26.01
C ARG H 5 38.71 40.33 24.66
N GLU H 6 39.78 40.95 24.18
CA GLU H 6 39.78 41.62 22.87
C GLU H 6 38.50 42.35 22.58
N LEU H 7 38.06 43.15 23.53
CA LEU H 7 36.85 43.93 23.40
C LEU H 7 36.74 44.56 22.01
N GLU H 8 37.78 45.28 21.60
CA GLU H 8 37.83 45.94 20.28
C GLU H 8 37.38 44.99 19.15
N ASN H 9 38.11 43.89 19.01
CA ASN H 9 37.81 42.93 17.98
C ASN H 9 36.43 42.35 18.09
N VAL H 10 36.02 41.95 19.30
CA VAL H 10 34.68 41.38 19.48
C VAL H 10 33.69 42.40 19.00
N PHE H 11 33.86 43.62 19.47
CA PHE H 11 32.95 44.69 19.09
C PHE H 11 32.87 44.86 17.57
N LEU H 12 34.02 45.07 16.94
CA LEU H 12 34.06 45.26 15.52
C LEU H 12 33.56 44.05 14.77
N GLY H 13 33.88 42.88 15.27
CA GLY H 13 33.46 41.69 14.59
C GLY H 13 31.97 41.61 14.64
N ARG H 14 31.42 41.75 15.84
CA ARG H 14 30.00 41.66 15.99
C ARG H 14 29.35 42.73 15.17
N CYS H 15 29.99 43.89 15.14
CA CYS H 15 29.43 44.97 14.38
C CYS H 15 29.32 44.62 12.88
N LYS H 16 30.44 44.22 12.30
CA LYS H 16 30.49 43.88 10.88
C LYS H 16 29.51 42.77 10.54
N ASP H 17 29.48 41.74 11.38
CA ASP H 17 28.59 40.61 11.17
C ASP H 17 27.16 41.11 11.06
N TYR H 18 26.81 42.02 11.95
CA TYR H 18 25.47 42.55 11.99
C TYR H 18 25.21 43.32 10.71
N GLU H 19 26.04 44.30 10.47
CA GLU H 19 25.94 45.16 9.31
C GLU H 19 25.61 44.39 8.08
N ILE H 20 26.47 43.47 7.73
CA ILE H 20 26.31 42.70 6.51
C ILE H 20 25.30 41.58 6.49
N THR H 21 25.04 40.96 7.63
CA THR H 21 24.17 39.79 7.60
C THR H 21 23.10 39.55 8.63
N ARG H 22 22.96 40.38 9.67
CA ARG H 22 21.99 40.01 10.69
C ARG H 22 20.48 40.17 10.68
N TYR H 23 19.95 41.39 10.61
CA TYR H 23 18.49 41.44 10.62
C TYR H 23 18.12 42.21 9.39
N LEU H 24 18.80 41.85 8.31
CA LEU H 24 18.61 42.52 7.03
C LEU H 24 17.16 42.86 6.71
N ASP H 25 16.25 41.96 7.00
CA ASP H 25 14.86 42.28 6.73
C ASP H 25 14.04 42.89 7.85
N ILE H 26 14.51 42.78 9.10
CA ILE H 26 13.76 43.32 10.20
C ILE H 26 14.18 44.72 10.60
N LEU H 27 15.47 44.98 10.61
CA LEU H 27 15.95 46.30 11.02
C LEU H 27 16.82 46.98 9.98
N PRO H 28 16.79 48.29 9.94
CA PRO H 28 17.56 49.12 9.01
C PRO H 28 19.04 49.04 9.37
N ARG H 29 19.92 49.31 8.41
CA ARG H 29 21.33 49.31 8.69
C ARG H 29 21.60 50.67 9.27
N VAL H 30 22.66 50.79 10.06
CA VAL H 30 22.96 52.07 10.62
C VAL H 30 23.87 52.78 9.65
N ARG H 31 23.87 54.09 9.74
CA ARG H 31 24.65 54.90 8.84
C ARG H 31 26.16 54.93 9.05
N SER H 32 26.58 55.02 10.32
CA SER H 32 27.99 55.07 10.67
C SER H 32 28.66 53.73 10.47
N ASP H 33 29.95 53.75 10.18
CA ASP H 33 30.64 52.49 9.96
C ASP H 33 31.16 52.04 11.31
N CYS H 34 31.60 50.79 11.37
CA CYS H 34 32.06 50.21 12.62
C CYS H 34 33.15 50.96 13.34
N SER H 35 34.16 51.41 12.62
CA SER H 35 35.25 52.13 13.26
C SER H 35 34.72 53.35 13.95
N ALA H 36 33.76 54.02 13.32
CA ALA H 36 33.17 55.23 13.89
C ALA H 36 32.38 54.86 15.16
N LEU H 37 31.62 53.77 15.08
CA LEU H 37 30.85 53.32 16.23
C LEU H 37 31.81 52.95 17.35
N TRP H 38 32.94 52.35 17.01
CA TRP H 38 33.88 52.00 18.04
C TRP H 38 34.37 53.24 18.76
N LYS H 39 34.80 54.26 18.01
CA LYS H 39 35.28 55.48 18.62
C LYS H 39 34.26 56.08 19.57
N ASP H 40 33.01 56.19 19.12
CA ASP H 40 31.98 56.74 19.97
C ASP H 40 31.83 55.90 21.25
N PHE H 41 31.92 54.59 21.11
CA PHE H 41 31.75 53.70 22.23
C PHE H 41 32.94 53.76 23.16
N PHE H 42 34.14 53.89 22.60
CA PHE H 42 35.32 53.91 23.42
C PHE H 42 35.46 55.19 24.22
N LYS H 43 35.32 56.34 23.56
CA LYS H 43 35.49 57.59 24.27
C LYS H 43 34.58 57.67 25.50
N ALA H 44 33.42 57.04 25.42
CA ALA H 44 32.46 57.04 26.53
C ALA H 44 33.03 56.58 27.86
N PHE H 45 33.94 55.63 27.85
CA PHE H 45 34.44 55.15 29.13
C PHE H 45 35.95 55.05 29.23
N SER H 46 36.65 55.24 28.11
CA SER H 46 38.12 55.12 28.15
C SER H 46 38.80 56.26 28.88
N PHE H 47 39.88 55.91 29.57
CA PHE H 47 40.71 56.83 30.32
C PHE H 47 40.01 57.54 31.48
N LYS H 48 38.82 57.06 31.83
CA LYS H 48 38.08 57.60 32.95
C LYS H 48 38.17 56.45 33.96
N ASN H 49 37.76 56.68 35.21
CA ASN H 49 37.77 55.60 36.20
C ASN H 49 36.57 54.71 35.95
N PRO H 50 36.71 53.43 36.25
CA PRO H 50 35.57 52.55 35.99
C PRO H 50 34.24 53.10 36.43
N CYS H 51 34.19 53.80 37.56
CA CYS H 51 32.92 54.30 38.07
C CYS H 51 32.59 55.71 37.64
N ASP H 52 33.32 56.20 36.65
CA ASP H 52 33.17 57.54 36.17
C ASP H 52 32.27 57.70 34.94
N LEU H 53 30.99 57.38 35.08
CA LEU H 53 30.09 57.50 33.93
C LEU H 53 28.71 57.90 34.36
N ASP H 54 27.91 58.39 33.43
CA ASP H 54 26.55 58.79 33.69
C ASP H 54 25.74 58.56 32.44
N LEU H 55 24.44 58.71 32.55
CA LEU H 55 23.53 58.50 31.43
C LEU H 55 23.95 59.13 30.12
N GLY H 56 24.79 60.15 30.19
CA GLY H 56 25.22 60.80 28.96
C GLY H 56 26.49 60.25 28.33
N SER H 57 27.29 59.52 29.10
CA SER H 57 28.54 58.99 28.59
C SER H 57 28.47 58.33 27.22
N TYR H 58 27.43 57.54 26.99
CA TYR H 58 27.31 56.84 25.71
C TYR H 58 26.30 57.49 24.82
N LYS H 59 25.97 58.75 25.10
CA LYS H 59 25.00 59.44 24.27
C LYS H 59 25.40 59.46 22.80
N ASP H 60 26.66 59.83 22.53
CA ASP H 60 27.09 59.87 21.14
C ASP H 60 27.00 58.49 20.51
N PHE H 61 27.53 57.48 21.22
CA PHE H 61 27.46 56.15 20.69
C PHE H 61 26.02 55.78 20.32
N PHE H 62 25.09 55.89 21.27
CA PHE H 62 23.71 55.51 20.98
C PHE H 62 23.03 56.31 19.89
N THR H 63 23.48 57.53 19.67
CA THR H 63 22.91 58.35 18.64
C THR H 63 23.33 57.77 17.30
N SER H 64 24.60 57.40 17.19
CA SER H 64 25.10 56.80 15.97
C SER H 64 24.60 55.40 15.74
N ALA H 65 24.34 54.67 16.81
CA ALA H 65 23.90 53.29 16.68
C ALA H 65 22.38 53.08 16.69
N GLN H 66 21.61 54.13 16.89
CA GLN H 66 20.17 53.94 16.96
C GLN H 66 19.54 53.70 15.58
N GLN H 67 18.84 52.58 15.41
CA GLN H 67 18.18 52.26 14.14
C GLN H 67 16.72 52.73 14.26
N GLN H 68 15.93 52.69 13.20
CA GLN H 68 14.56 53.08 13.44
C GLN H 68 13.68 51.88 13.29
N LEU H 69 13.25 51.42 14.44
CA LEU H 69 12.41 50.25 14.62
C LEU H 69 11.13 50.22 13.82
N PRO H 70 10.49 49.06 13.72
CA PRO H 70 9.26 49.03 12.95
C PRO H 70 8.12 49.50 13.84
N LYS H 71 6.92 49.59 13.25
CA LYS H 71 5.74 50.03 13.99
C LYS H 71 4.96 48.83 14.52
N ASN H 72 4.54 48.95 15.76
CA ASN H 72 3.75 47.92 16.42
C ASN H 72 4.51 46.63 16.68
N LYS H 73 5.84 46.67 16.66
CA LYS H 73 6.61 45.45 16.91
C LYS H 73 7.53 45.46 18.13
N VAL H 74 7.91 46.63 18.58
CA VAL H 74 8.83 46.72 19.69
C VAL H 74 8.35 46.01 20.94
N MET H 75 9.26 45.25 21.54
CA MET H 75 8.94 44.57 22.77
C MET H 75 9.92 44.91 23.90
N PHE H 76 9.36 45.02 25.10
CA PHE H 76 10.12 45.30 26.31
C PHE H 76 9.86 44.12 27.25
N TRP H 77 10.78 43.85 28.16
CA TRP H 77 10.56 42.74 29.07
C TRP H 77 11.23 43.01 30.40
N SER H 78 10.78 42.27 31.41
CA SER H 78 11.36 42.39 32.74
C SER H 78 11.46 41.02 33.39
N GLY H 79 12.66 40.68 33.83
CA GLY H 79 12.86 39.42 34.50
C GLY H 79 12.37 38.18 33.78
N VAL H 80 12.36 38.19 32.46
CA VAL H 80 11.91 37.01 31.71
C VAL H 80 12.67 36.96 30.40
N TYR H 81 13.97 37.28 30.47
CA TYR H 81 14.84 37.32 29.28
C TYR H 81 14.61 36.15 28.34
N ASP H 82 14.82 34.93 28.82
CA ASP H 82 14.64 33.79 27.94
C ASP H 82 13.25 33.68 27.33
N GLU H 83 12.21 33.76 28.15
CA GLU H 83 10.88 33.63 27.61
C GLU H 83 10.54 34.77 26.62
N ALA H 84 10.93 35.99 26.95
CA ALA H 84 10.65 37.12 26.07
C ALA H 84 11.35 36.95 24.72
N HIS H 85 12.65 36.62 24.74
CA HIS H 85 13.33 36.47 23.48
C HIS H 85 12.86 35.29 22.66
N ASP H 86 12.50 34.19 23.31
CA ASP H 86 12.00 33.04 22.54
C ASP H 86 10.71 33.44 21.85
N TYR H 87 9.83 34.14 22.55
CA TYR H 87 8.59 34.55 21.94
C TYR H 87 8.85 35.55 20.82
N ALA H 88 9.74 36.51 21.06
CA ALA H 88 10.04 37.54 20.05
C ALA H 88 10.57 36.86 18.82
N ASN H 89 11.18 35.70 19.03
CA ASN H 89 11.71 34.87 17.94
C ASN H 89 12.69 35.57 16.98
N THR H 90 13.70 36.23 17.54
CA THR H 90 14.70 36.90 16.71
C THR H 90 14.11 37.86 15.68
N GLY H 91 13.38 38.86 16.16
CA GLY H 91 12.79 39.84 15.27
C GLY H 91 11.63 39.36 14.42
N ARG H 92 11.35 38.07 14.42
CA ARG H 92 10.26 37.59 13.61
C ARG H 92 8.89 38.03 14.10
N LYS H 93 8.65 37.93 15.40
CA LYS H 93 7.36 38.33 15.95
C LYS H 93 7.47 39.73 16.52
N TYR H 94 8.51 39.99 17.31
CA TYR H 94 8.74 41.29 17.93
C TYR H 94 10.22 41.47 17.95
N ILE H 95 10.68 42.70 17.98
CA ILE H 95 12.10 42.87 18.07
C ILE H 95 12.36 43.29 19.50
N THR H 96 13.55 43.03 20.01
CA THR H 96 13.88 43.41 21.36
C THR H 96 15.13 44.23 21.28
N LEU H 97 15.50 44.88 22.37
CA LEU H 97 16.72 45.65 22.38
C LEU H 97 17.87 44.76 21.88
N GLU H 98 17.89 43.51 22.38
CA GLU H 98 18.92 42.50 22.01
C GLU H 98 19.00 42.16 20.52
N ASP H 99 18.01 42.57 19.75
CA ASP H 99 18.03 42.32 18.30
C ASP H 99 18.60 43.56 17.59
N THR H 100 18.70 44.71 18.28
CA THR H 100 19.23 45.93 17.68
C THR H 100 20.76 45.94 17.68
N LEU H 101 21.31 46.78 16.84
CA LEU H 101 22.75 46.88 16.70
C LEU H 101 23.52 47.03 18.01
N PRO H 102 23.18 48.05 18.78
CA PRO H 102 23.87 48.26 20.06
C PRO H 102 23.73 47.08 20.99
N GLY H 103 22.53 46.53 21.07
CA GLY H 103 22.29 45.41 21.98
C GLY H 103 23.03 44.16 21.58
N TYR H 104 22.97 43.88 20.29
CA TYR H 104 23.63 42.73 19.73
C TYR H 104 25.12 42.87 19.96
N MET H 105 25.64 44.06 19.73
CA MET H 105 27.07 44.23 19.91
C MET H 105 27.57 44.05 21.32
N LEU H 106 26.96 44.73 22.28
CA LEU H 106 27.42 44.59 23.64
C LEU H 106 26.76 43.52 24.49
N ASN H 107 25.80 42.80 23.95
CA ASN H 107 25.15 41.81 24.76
C ASN H 107 26.14 40.88 25.44
N SER H 108 26.07 40.82 26.76
CA SER H 108 26.93 39.96 27.57
C SER H 108 28.36 40.37 27.68
N LEU H 109 28.73 41.46 27.04
CA LEU H 109 30.12 41.83 27.19
C LEU H 109 30.39 42.57 28.51
N VAL H 110 31.64 42.49 28.96
CA VAL H 110 32.07 43.12 30.21
C VAL H 110 33.26 43.98 29.90
N TRP H 111 33.16 45.25 30.29
CA TRP H 111 34.24 46.20 30.05
C TRP H 111 34.15 47.36 31.01
N CYS H 112 35.26 48.06 31.18
CA CYS H 112 35.27 49.21 32.07
C CYS H 112 36.53 49.97 31.80
N GLY H 113 36.51 51.25 32.10
CA GLY H 113 37.70 52.05 31.87
C GLY H 113 38.68 52.04 33.04
N GLN H 114 39.83 52.62 32.79
CA GLN H 114 40.87 52.81 33.78
C GLN H 114 41.54 54.06 33.22
N ARG H 115 42.19 54.83 34.08
CA ARG H 115 42.81 56.05 33.61
C ARG H 115 44.16 55.82 32.95
N ALA H 116 44.88 54.80 33.39
CA ALA H 116 46.18 54.48 32.83
C ALA H 116 46.05 53.87 31.43
N ASN H 117 47.04 54.10 30.57
CA ASN H 117 46.99 53.51 29.23
C ASN H 117 46.85 52.01 29.44
N PRO H 118 46.14 51.30 28.54
CA PRO H 118 45.45 51.70 27.32
C PRO H 118 44.12 52.45 27.45
N GLY H 119 43.66 52.67 28.67
CA GLY H 119 42.41 53.38 28.86
C GLY H 119 41.25 52.54 29.34
N PHE H 120 41.46 51.22 29.43
CA PHE H 120 40.43 50.32 29.89
C PHE H 120 41.09 49.16 30.56
N ASN H 121 40.37 48.60 31.51
CA ASN H 121 40.92 47.50 32.27
C ASN H 121 40.68 46.19 31.58
N GLU H 122 41.72 45.38 31.49
CA GLU H 122 41.61 44.08 30.85
C GLU H 122 41.83 42.96 31.83
N LYS H 123 42.06 43.31 33.09
CA LYS H 123 42.27 42.29 34.10
C LYS H 123 41.01 42.12 34.90
N VAL H 124 40.44 43.23 35.33
CA VAL H 124 39.25 43.16 36.17
C VAL H 124 38.38 44.40 36.06
N CYS H 125 37.10 44.21 36.36
CA CYS H 125 36.12 45.28 36.39
C CYS H 125 35.42 45.26 37.74
N PRO H 126 35.06 46.45 38.23
CA PRO H 126 34.39 46.58 39.51
C PRO H 126 33.05 45.88 39.49
N ASP H 127 32.59 45.53 40.67
CA ASP H 127 31.30 44.87 40.79
C ASP H 127 30.19 45.93 40.64
N PHE H 128 29.07 45.48 40.06
CA PHE H 128 27.85 46.28 39.87
C PHE H 128 27.70 47.30 41.04
N LYS H 129 27.33 46.75 42.20
CA LYS H 129 27.11 47.48 43.44
C LYS H 129 28.17 48.52 43.86
N THR H 130 29.41 48.41 43.35
CA THR H 130 30.47 49.34 43.74
C THR H 130 30.29 50.75 43.24
N CYS H 131 29.72 50.86 42.05
CA CYS H 131 29.53 52.16 41.41
C CYS H 131 28.18 52.84 41.62
N PRO H 132 28.15 54.17 41.49
CA PRO H 132 26.87 54.85 41.67
C PRO H 132 25.96 54.39 40.53
N VAL H 133 24.64 54.40 40.71
CA VAL H 133 23.76 53.94 39.65
C VAL H 133 23.97 54.58 38.30
N GLN H 134 24.07 55.90 38.24
CA GLN H 134 24.22 56.56 36.95
C GLN H 134 25.42 56.04 36.14
N ALA H 135 26.43 55.48 36.81
CA ALA H 135 27.59 54.92 36.12
C ALA H 135 27.30 53.44 35.84
N ARG H 136 26.82 52.76 36.87
CA ARG H 136 26.49 51.36 36.81
C ARG H 136 25.51 51.03 35.69
N GLU H 137 24.53 51.90 35.48
CA GLU H 137 23.52 51.66 34.46
C GLU H 137 23.68 52.62 33.29
N SER H 138 24.82 53.28 33.25
CA SER H 138 25.13 54.25 32.20
C SER H 138 24.91 53.73 30.80
N PHE H 139 25.43 52.53 30.53
CA PHE H 139 25.29 51.95 29.21
C PHE H 139 23.94 51.29 28.93
N TRP H 140 23.61 50.22 29.64
CA TRP H 140 22.32 49.60 29.36
C TRP H 140 21.13 50.51 29.66
N GLY H 141 21.32 51.44 30.57
CA GLY H 141 20.25 52.36 30.89
C GLY H 141 20.02 53.20 29.66
N MET H 142 21.09 53.83 29.18
CA MET H 142 21.01 54.68 28.01
C MET H 142 20.48 53.87 26.81
N ALA H 143 21.02 52.68 26.62
CA ALA H 143 20.57 51.82 25.53
C ALA H 143 19.06 51.67 25.60
N SER H 144 18.56 51.31 26.77
CA SER H 144 17.13 51.13 26.95
C SER H 144 16.37 52.39 26.64
N SER H 145 16.90 53.53 27.07
CA SER H 145 16.22 54.81 26.82
C SER H 145 16.17 55.07 25.34
N SER H 146 17.33 55.07 24.70
CA SER H 146 17.37 55.31 23.29
C SER H 146 16.42 54.35 22.54
N TYR H 147 16.47 53.08 22.90
CA TYR H 147 15.63 52.09 22.27
C TYR H 147 14.17 52.46 22.41
N ALA H 148 13.72 52.61 23.66
CA ALA H 148 12.33 52.95 23.94
C ALA H 148 11.87 54.21 23.21
N HIS H 149 12.73 55.22 23.19
CA HIS H 149 12.44 56.49 22.55
C HIS H 149 12.07 56.29 21.08
N SER H 150 12.64 55.25 20.48
CA SER H 150 12.42 54.95 19.08
C SER H 150 11.21 54.09 18.76
N ALA H 151 10.49 53.63 19.77
CA ALA H 151 9.33 52.80 19.49
C ALA H 151 8.24 53.60 18.78
N GLU H 152 7.37 52.86 18.10
CA GLU H 152 6.26 53.45 17.37
C GLU H 152 5.11 52.49 17.30
N GLY H 153 3.89 53.02 17.36
CA GLY H 153 2.68 52.18 17.33
C GLY H 153 2.47 51.38 18.62
N GLU H 154 1.95 50.17 18.48
CA GLU H 154 1.76 49.31 19.63
C GLU H 154 3.12 48.84 20.13
N VAL H 155 3.22 48.77 21.44
CA VAL H 155 4.43 48.37 22.09
C VAL H 155 4.03 47.18 22.97
N THR H 156 4.91 46.20 23.17
CA THR H 156 4.54 45.06 24.01
C THR H 156 5.50 44.88 25.20
N TYR H 157 4.97 44.51 26.36
CA TYR H 157 5.80 44.34 27.56
C TYR H 157 5.51 43.00 28.22
N MET H 158 6.55 42.18 28.34
CA MET H 158 6.38 40.89 28.98
C MET H 158 7.00 40.95 30.37
N VAL H 159 6.23 40.54 31.36
CA VAL H 159 6.67 40.58 32.74
C VAL H 159 6.45 39.27 33.45
N ASP H 160 7.18 39.12 34.55
CA ASP H 160 7.09 37.91 35.35
C ASP H 160 6.01 38.13 36.40
N GLY H 161 4.95 37.36 36.33
CA GLY H 161 3.87 37.49 37.28
C GLY H 161 3.93 36.41 38.34
N SER H 162 5.05 35.70 38.45
CA SER H 162 5.20 34.64 39.45
C SER H 162 6.41 34.88 40.35
N ASN H 163 6.80 36.14 40.52
CA ASN H 163 7.94 36.38 41.37
C ASN H 163 7.52 37.12 42.62
N PRO H 164 7.39 36.40 43.74
CA PRO H 164 6.99 36.95 45.04
C PRO H 164 7.86 38.11 45.52
N LYS H 165 9.14 38.10 45.13
CA LYS H 165 10.04 39.17 45.55
C LYS H 165 10.09 40.38 44.62
N VAL H 166 9.64 40.21 43.39
CA VAL H 166 9.67 41.32 42.43
C VAL H 166 8.37 41.53 41.69
N PRO H 167 7.69 42.65 41.97
CA PRO H 167 6.43 42.89 41.26
C PRO H 167 6.62 43.01 39.75
N ALA H 168 5.60 42.59 39.02
CA ALA H 168 5.58 42.63 37.56
C ALA H 168 6.10 43.96 37.07
N TYR H 169 5.48 45.03 37.55
CA TYR H 169 5.92 46.35 37.18
C TYR H 169 6.57 47.04 38.36
N ARG H 170 7.66 47.75 38.12
CA ARG H 170 8.38 48.46 39.16
C ARG H 170 8.88 49.76 38.61
N PRO H 171 8.64 50.87 39.31
CA PRO H 171 9.09 52.17 38.84
C PRO H 171 10.58 52.16 38.60
N ASP H 172 11.30 51.26 39.26
CA ASP H 172 12.73 51.27 39.05
C ASP H 172 13.39 50.02 38.43
N SER H 173 12.69 49.42 37.49
CA SER H 173 13.22 48.31 36.73
C SER H 173 13.74 49.14 35.55
N PHE H 174 14.59 48.57 34.69
CA PHE H 174 15.06 49.36 33.55
C PHE H 174 13.89 49.88 32.72
N PHE H 175 12.83 49.08 32.70
CA PHE H 175 11.63 49.45 31.97
C PHE H 175 11.02 50.69 32.62
N GLY H 176 10.77 50.61 33.92
CA GLY H 176 10.18 51.73 34.64
C GLY H 176 11.05 52.96 34.67
N LYS H 177 12.38 52.80 34.66
CA LYS H 177 13.29 53.93 34.71
C LYS H 177 13.61 54.54 33.36
N TYR H 178 13.82 53.70 32.35
CA TYR H 178 14.19 54.21 31.06
C TYR H 178 13.28 53.91 29.88
N GLU H 179 12.55 52.80 29.92
CA GLU H 179 11.74 52.46 28.78
C GLU H 179 10.38 53.16 28.83
N LEU H 180 9.50 52.79 29.75
CA LEU H 180 8.18 53.46 29.81
C LEU H 180 8.17 55.02 29.78
N PRO H 181 9.03 55.67 30.60
CA PRO H 181 9.07 57.14 30.61
C PRO H 181 9.52 57.77 29.32
N ASN H 182 10.20 57.01 28.47
CA ASN H 182 10.67 57.56 27.21
C ASN H 182 9.83 57.24 25.98
N LEU H 183 8.69 56.55 26.17
CA LEU H 183 7.81 56.25 25.05
C LEU H 183 7.27 57.56 24.55
N THR H 184 7.40 57.79 23.24
CA THR H 184 6.93 59.02 22.62
C THR H 184 5.46 58.92 22.26
N ASN H 185 4.91 60.04 21.78
CA ASN H 185 3.51 60.10 21.37
C ASN H 185 3.30 59.28 20.10
N LYS H 186 4.40 58.72 19.56
CA LYS H 186 4.32 57.88 18.37
C LYS H 186 3.80 56.53 18.82
N VAL H 187 3.86 56.29 20.13
CA VAL H 187 3.36 55.03 20.68
C VAL H 187 1.86 55.15 20.87
N THR H 188 1.18 54.10 20.47
CA THR H 188 -0.27 54.00 20.49
C THR H 188 -0.82 53.28 21.67
N ARG H 189 -0.30 52.08 21.88
CA ARG H 189 -0.81 51.24 22.94
C ARG H 189 0.31 50.48 23.62
N VAL H 190 0.03 49.97 24.81
CA VAL H 190 0.99 49.22 25.58
C VAL H 190 0.26 47.91 25.91
N LYS H 191 0.65 46.83 25.23
CA LYS H 191 0.03 45.53 25.48
C LYS H 191 0.94 44.79 26.45
N VAL H 192 0.38 44.33 27.56
CA VAL H 192 1.19 43.63 28.52
C VAL H 192 0.92 42.15 28.46
N ILE H 193 1.98 41.37 28.64
CA ILE H 193 1.86 39.94 28.66
C ILE H 193 2.43 39.55 30.01
N VAL H 194 1.59 38.97 30.85
CA VAL H 194 2.02 38.55 32.16
C VAL H 194 2.35 37.10 32.04
N LEU H 195 3.52 36.75 32.53
CA LEU H 195 3.94 35.38 32.44
C LEU H 195 3.76 34.69 33.80
N HIS H 196 3.07 33.55 33.81
CA HIS H 196 2.87 32.82 35.05
C HIS H 196 3.68 31.53 34.94
N ARG H 197 4.93 31.57 35.37
CA ARG H 197 5.79 30.41 35.29
C ARG H 197 5.01 29.16 35.67
N LEU H 198 5.27 28.05 34.96
CA LEU H 198 4.56 26.81 35.21
C LEU H 198 4.80 26.19 36.58
N GLY H 199 3.72 25.68 37.19
CA GLY H 199 3.81 25.06 38.49
C GLY H 199 4.31 26.04 39.55
N GLU H 200 3.88 27.29 39.43
CA GLU H 200 4.31 28.34 40.36
C GLU H 200 3.13 29.14 40.84
N LYS H 201 3.14 29.48 42.11
CA LYS H 201 2.05 30.25 42.63
C LYS H 201 1.99 31.57 41.84
N ILE H 202 0.79 31.89 41.38
CA ILE H 202 0.55 33.11 40.64
C ILE H 202 0.70 34.27 41.62
N ILE H 203 1.48 35.29 41.26
CA ILE H 203 1.67 36.41 42.15
C ILE H 203 0.96 37.69 41.68
N GLU H 204 1.15 38.02 40.41
CA GLU H 204 0.52 39.19 39.85
C GLU H 204 -0.56 38.82 38.84
N LYS H 205 -1.59 39.65 38.74
CA LYS H 205 -2.68 39.41 37.81
C LYS H 205 -3.07 40.73 37.22
N CYS H 206 -3.64 40.71 36.03
CA CYS H 206 -4.06 41.94 35.36
C CYS H 206 -5.07 42.71 36.21
N GLY H 207 -5.03 44.05 36.13
CA GLY H 207 -5.96 44.87 36.89
C GLY H 207 -5.73 44.83 38.38
N ALA H 208 -4.64 44.20 38.81
CA ALA H 208 -4.31 44.10 40.22
C ALA H 208 -2.84 44.40 40.49
N GLY H 209 -2.52 44.74 41.73
CA GLY H 209 -1.16 45.03 42.12
C GLY H 209 -0.45 46.05 41.25
N SER H 210 0.79 45.72 40.88
CA SER H 210 1.59 46.62 40.06
C SER H 210 1.04 46.74 38.65
N LEU H 211 0.33 45.73 38.19
CA LEU H 211 -0.28 45.76 36.85
C LEU H 211 -1.36 46.81 36.81
N LEU H 212 -2.08 46.91 37.92
CA LEU H 212 -3.13 47.89 38.05
C LEU H 212 -2.49 49.29 38.06
N ASP H 213 -1.35 49.44 38.73
CA ASP H 213 -0.66 50.73 38.79
C ASP H 213 -0.15 51.16 37.41
N LEU H 214 0.45 50.19 36.70
CA LEU H 214 0.98 50.39 35.37
C LEU H 214 -0.14 50.86 34.45
N GLU H 215 -1.27 50.18 34.52
CA GLU H 215 -2.41 50.54 33.70
C GLU H 215 -2.78 52.02 33.86
N LYS H 216 -2.87 52.49 35.10
CA LYS H 216 -3.18 53.90 35.36
C LYS H 216 -2.07 54.75 34.75
N LEU H 217 -0.84 54.38 35.07
CA LEU H 217 0.34 55.05 34.61
C LEU H 217 0.39 55.15 33.09
N VAL H 218 -0.02 54.10 32.41
CA VAL H 218 -0.03 54.06 30.96
C VAL H 218 -1.12 54.95 30.39
N LYS H 219 -2.36 54.76 30.86
CA LYS H 219 -3.46 55.58 30.39
C LYS H 219 -3.12 57.05 30.66
N ALA H 220 -2.34 57.27 31.71
CA ALA H 220 -1.91 58.61 32.06
C ALA H 220 -1.07 59.17 30.90
N LYS H 221 -0.10 58.41 30.42
CA LYS H 221 0.73 58.90 29.33
C LYS H 221 -0.09 58.95 28.04
N HIS H 222 -1.38 58.64 28.16
CA HIS H 222 -2.32 58.66 27.04
C HIS H 222 -2.14 57.57 26.03
N PHE H 223 -1.98 56.33 26.49
CA PHE H 223 -1.83 55.19 25.59
C PHE H 223 -2.95 54.21 25.89
N ALA H 224 -3.34 53.39 24.93
CA ALA H 224 -4.37 52.40 25.19
C ALA H 224 -3.62 51.36 25.99
N PHE H 225 -4.32 50.42 26.62
CA PHE H 225 -3.63 49.42 27.44
C PHE H 225 -4.33 48.08 27.37
N ASP H 226 -3.55 47.01 27.21
CA ASP H 226 -4.06 45.62 27.14
C ASP H 226 -3.27 44.82 28.15
N CYS H 227 -3.78 43.65 28.48
CA CYS H 227 -3.07 42.82 29.40
C CYS H 227 -3.63 41.43 29.29
N VAL H 228 -2.75 40.44 29.21
CA VAL H 228 -3.15 39.06 29.09
C VAL H 228 -2.21 38.22 29.93
N GLU H 229 -2.76 37.15 30.49
CA GLU H 229 -1.96 36.26 31.31
C GLU H 229 -1.80 34.96 30.54
N ASN H 230 -0.55 34.56 30.34
CA ASN H 230 -0.20 33.34 29.61
C ASN H 230 -1.02 33.11 28.36
N PRO H 231 -0.92 34.02 27.37
CA PRO H 231 -1.67 33.85 26.13
C PRO H 231 -1.18 32.54 25.52
N ARG H 232 -2.09 31.80 24.90
CA ARG H 232 -1.72 30.48 24.38
C ARG H 232 -0.41 30.38 23.60
N ALA H 233 -0.15 31.31 22.69
CA ALA H 233 1.10 31.24 21.94
C ALA H 233 2.26 31.11 22.91
N VAL H 234 2.24 31.94 23.96
CA VAL H 234 3.31 31.93 24.97
C VAL H 234 3.25 30.73 25.90
N LEU H 235 2.06 30.39 26.36
CA LEU H 235 1.93 29.22 27.22
C LEU H 235 2.58 28.02 26.57
N PHE H 236 2.26 27.78 25.30
CA PHE H 236 2.83 26.64 24.62
C PHE H 236 4.34 26.66 24.64
N LEU H 237 4.92 27.85 24.57
CA LEU H 237 6.37 27.97 24.59
C LEU H 237 6.88 27.45 25.92
N LEU H 238 6.21 27.86 27.00
CA LEU H 238 6.58 27.41 28.35
C LEU H 238 6.44 25.91 28.48
N CYS H 239 5.34 25.39 27.94
CA CYS H 239 5.09 23.96 27.97
C CYS H 239 6.18 23.14 27.31
N SER H 240 6.75 23.67 26.24
CA SER H 240 7.80 22.96 25.53
C SER H 240 8.93 22.55 26.46
N ASP H 241 9.37 23.46 27.32
CA ASP H 241 10.47 23.13 28.22
C ASP H 241 10.05 22.35 29.44
N ASN H 242 8.75 22.14 29.58
CA ASN H 242 8.23 21.38 30.72
C ASN H 242 6.85 20.88 30.36
N PRO H 243 6.79 19.82 29.55
CA PRO H 243 5.63 19.11 29.01
C PRO H 243 4.72 18.52 30.07
N ASN H 244 5.32 18.02 31.14
CA ASN H 244 4.54 17.40 32.19
C ASN H 244 3.71 18.37 33.01
N ALA H 245 4.13 19.63 33.02
CA ALA H 245 3.40 20.66 33.75
C ALA H 245 1.90 20.45 33.65
N ARG H 246 1.23 20.60 34.78
CA ARG H 246 -0.20 20.42 34.84
C ARG H 246 -0.93 21.36 33.88
N GLU H 247 -0.44 22.58 33.72
CA GLU H 247 -1.10 23.55 32.84
C GLU H 247 -0.96 23.25 31.35
N CYS H 248 -0.31 22.15 31.00
CA CYS H 248 -0.10 21.80 29.59
C CYS H 248 -0.85 20.55 29.17
N ARG H 249 -1.65 19.99 30.07
CA ARG H 249 -2.38 18.77 29.75
C ARG H 249 -3.14 18.97 28.45
N LEU H 250 -2.96 18.03 27.54
CA LEU H 250 -3.59 18.06 26.24
C LEU H 250 -5.01 17.49 26.28
N ALA H 251 -5.94 18.17 25.60
CA ALA H 251 -7.34 17.75 25.53
C ALA H 251 -7.47 16.25 25.19
#